data_5FYX
# 
_entry.id   5FYX 
# 
_audit_conform.dict_name       mmcif_pdbx.dic 
_audit_conform.dict_version    5.383 
_audit_conform.dict_location   http://mmcif.pdb.org/dictionaries/ascii/mmcif_pdbx.dic 
# 
loop_
_database_2.database_id 
_database_2.database_code 
_database_2.pdbx_database_accession 
_database_2.pdbx_DOI 
PDB   5FYX         pdb_00005fyx 10.2210/pdb5fyx/pdb 
PDBE  EBI-66396    ?            ?                   
WWPDB D_1290066396 ?            ?                   
# 
loop_
_pdbx_audit_revision_history.ordinal 
_pdbx_audit_revision_history.data_content_type 
_pdbx_audit_revision_history.major_revision 
_pdbx_audit_revision_history.minor_revision 
_pdbx_audit_revision_history.revision_date 
1 'Structure model' 1 0 2017-01-25 
2 'Structure model' 1 1 2017-03-01 
3 'Structure model' 1 2 2017-12-27 
4 'Structure model' 1 3 2024-01-10 
# 
_pdbx_audit_revision_details.ordinal             1 
_pdbx_audit_revision_details.revision_ordinal    1 
_pdbx_audit_revision_details.data_content_type   'Structure model' 
_pdbx_audit_revision_details.provider            repository 
_pdbx_audit_revision_details.type                'Initial release' 
_pdbx_audit_revision_details.description         ? 
_pdbx_audit_revision_details.details             ? 
# 
loop_
_pdbx_audit_revision_group.ordinal 
_pdbx_audit_revision_group.revision_ordinal 
_pdbx_audit_revision_group.data_content_type 
_pdbx_audit_revision_group.group 
1 2 'Structure model' 'Database references'    
2 3 'Structure model' 'Structure summary'      
3 4 'Structure model' 'Data collection'        
4 4 'Structure model' 'Database references'    
5 4 'Structure model' 'Derived calculations'   
6 4 'Structure model' Other                    
7 4 'Structure model' 'Refinement description' 
# 
loop_
_pdbx_audit_revision_category.ordinal 
_pdbx_audit_revision_category.revision_ordinal 
_pdbx_audit_revision_category.data_content_type 
_pdbx_audit_revision_category.category 
1 3 'Structure model' struct                        
2 4 'Structure model' chem_comp_atom                
3 4 'Structure model' chem_comp_bond                
4 4 'Structure model' database_2                    
5 4 'Structure model' pdbx_database_status          
6 4 'Structure model' pdbx_initial_refinement_model 
7 4 'Structure model' struct_site                   
# 
loop_
_pdbx_audit_revision_item.ordinal 
_pdbx_audit_revision_item.revision_ordinal 
_pdbx_audit_revision_item.data_content_type 
_pdbx_audit_revision_item.item 
1 3 'Structure model' '_struct.title'                        
2 4 'Structure model' '_database_2.pdbx_DOI'                 
3 4 'Structure model' '_database_2.pdbx_database_accession'  
4 4 'Structure model' '_pdbx_database_status.status_code_sf' 
5 4 'Structure model' '_struct_site.pdbx_auth_asym_id'       
6 4 'Structure model' '_struct_site.pdbx_auth_comp_id'       
7 4 'Structure model' '_struct_site.pdbx_auth_seq_id'        
# 
_pdbx_database_status.status_code                     REL 
_pdbx_database_status.entry_id                        5FYX 
_pdbx_database_status.deposit_site                    PDBE 
_pdbx_database_status.process_site                    PDBE 
_pdbx_database_status.SG_entry                        . 
_pdbx_database_status.recvd_initial_deposition_date   2016-03-10 
_pdbx_database_status.pdb_format_compatible           Y 
_pdbx_database_status.status_code_sf                  REL 
_pdbx_database_status.status_code_mr                  ? 
_pdbx_database_status.status_code_cs                  ? 
_pdbx_database_status.methods_development_category    ? 
_pdbx_database_status.status_code_nmr_data            ? 
# 
_pdbx_database_related.db_name        PDB 
_pdbx_database_related.db_id          5G08 
_pdbx_database_related.content_type   unspecified 
_pdbx_database_related.details        'CRYSTAL STRUCTURE OF FRQ BOUND TO A LIGAND' 
# 
loop_
_audit_author.name 
_audit_author.pdbx_ordinal 
_audit_author.identifier_ORCID 
'Martinez-Gonzalez, L.' 1 ? 
'Chaves-Sanjuan, A.'    2 ? 
'Infantes, L.'          3 ? 
'Sanchez-Barrena, M.J.' 4 ? 
# 
_citation.id                        primary 
_citation.title                     
;Interference of the complex between NCS-1 and Ric8a with phenothiazines regulates synaptic function and is an approach for fragile X syndrome.
;
_citation.journal_abbrev            'Proc. Natl. Acad. Sci. U.S.A.' 
_citation.journal_volume            114 
_citation.page_first                E999 
_citation.page_last                 E1008 
_citation.year                      2017 
_citation.journal_id_ASTM           PNASA6 
_citation.country                   US 
_citation.journal_id_ISSN           1091-6490 
_citation.journal_id_CSD            0040 
_citation.book_publisher            ? 
_citation.pdbx_database_id_PubMed   28119500 
_citation.pdbx_database_id_DOI      10.1073/pnas.1611089114 
# 
loop_
_citation_author.citation_id 
_citation_author.name 
_citation_author.ordinal 
_citation_author.identifier_ORCID 
primary 'Mansilla, A.'          1  ? 
primary 'Chaves-Sanjuan, A.'    2  ? 
primary 'Campillo, N.E.'        3  ? 
primary 'Semelidou, O.'         4  ? 
primary 'Martinez-Gonzalez, L.' 5  ? 
primary 'Infantes, L.'          6  ? 
primary 'Gonzalez-Rubio, J.M.'  7  ? 
primary 'Gil, C.'               8  ? 
primary 'Conde, S.'             9  ? 
primary 'Skoulakis, E.M.'       10 ? 
primary 'Ferrus, A.'            11 ? 
primary 'Martinez, A.'          12 ? 
primary 'Sanchez-Barrena, M.J.' 13 ? 
# 
loop_
_entity.id 
_entity.type 
_entity.src_method 
_entity.pdbx_description 
_entity.formula_weight 
_entity.pdbx_number_of_molecules 
_entity.pdbx_ec 
_entity.pdbx_mutation 
_entity.pdbx_fragment 
_entity.details 
1 polymer     man 'FREQUENIN 2'                                                           21922.443 1  ? YES ? ? 
2 non-polymer syn 'CALCIUM ION'                                                           40.078    3  ? ?   ? ? 
3 non-polymer syn '(4S)-2-METHYL-2,4-PENTANEDIOL'                                         118.174   6  ? ?   ? ? 
4 non-polymer syn 'N-[2-(2-chloranylphenothiazin-10-yl)ethyl]-4-methyl-piperazin-1-amine' 374.931   1  ? ?   ? ? 
5 water       nat water                                                                   18.015    82 ? ?   ? ? 
# 
_entity_poly.entity_id                      1 
_entity_poly.type                           'polypeptide(L)' 
_entity_poly.nstd_linkage                   no 
_entity_poly.nstd_monomer                   no 
_entity_poly.pdbx_seq_one_letter_code       
;MGKKNSKLKQDTIDRLTTDTYFTEKEIRQWHKGFLKDCPNGLLTEQGFIKIYKQFFPDGDPSKFASLVFRVFDENNDGAI
EFEEFIRALSITSRGNLDEKLHWAFRLYDVDNDGYITREEMYNIVDAIYQMVGQQPQTEDENTPQKRVDKIFDQMDKNHD
DRLTLEEFREGSKADPRMVQALSLGGD
;
_entity_poly.pdbx_seq_one_letter_code_can   
;MGKKNSKLKQDTIDRLTTDTYFTEKEIRQWHKGFLKDCPNGLLTEQGFIKIYKQFFPDGDPSKFASLVFRVFDENNDGAI
EFEEFIRALSITSRGNLDEKLHWAFRLYDVDNDGYITREEMYNIVDAIYQMVGQQPQTEDENTPQKRVDKIFDQMDKNHD
DRLTLEEFREGSKADPRMVQALSLGGD
;
_entity_poly.pdbx_strand_id                 A 
_entity_poly.pdbx_target_identifier         ? 
# 
loop_
_pdbx_entity_nonpoly.entity_id 
_pdbx_entity_nonpoly.name 
_pdbx_entity_nonpoly.comp_id 
2 'CALCIUM ION'                                                           CA  
3 '(4S)-2-METHYL-2,4-PENTANEDIOL'                                         MPD 
4 'N-[2-(2-chloranylphenothiazin-10-yl)ethyl]-4-methyl-piperazin-1-amine' FD6 
5 water                                                                   HOH 
# 
loop_
_entity_poly_seq.entity_id 
_entity_poly_seq.num 
_entity_poly_seq.mon_id 
_entity_poly_seq.hetero 
1 1   MET n 
1 2   GLY n 
1 3   LYS n 
1 4   LYS n 
1 5   ASN n 
1 6   SER n 
1 7   LYS n 
1 8   LEU n 
1 9   LYS n 
1 10  GLN n 
1 11  ASP n 
1 12  THR n 
1 13  ILE n 
1 14  ASP n 
1 15  ARG n 
1 16  LEU n 
1 17  THR n 
1 18  THR n 
1 19  ASP n 
1 20  THR n 
1 21  TYR n 
1 22  PHE n 
1 23  THR n 
1 24  GLU n 
1 25  LYS n 
1 26  GLU n 
1 27  ILE n 
1 28  ARG n 
1 29  GLN n 
1 30  TRP n 
1 31  HIS n 
1 32  LYS n 
1 33  GLY n 
1 34  PHE n 
1 35  LEU n 
1 36  LYS n 
1 37  ASP n 
1 38  CYS n 
1 39  PRO n 
1 40  ASN n 
1 41  GLY n 
1 42  LEU n 
1 43  LEU n 
1 44  THR n 
1 45  GLU n 
1 46  GLN n 
1 47  GLY n 
1 48  PHE n 
1 49  ILE n 
1 50  LYS n 
1 51  ILE n 
1 52  TYR n 
1 53  LYS n 
1 54  GLN n 
1 55  PHE n 
1 56  PHE n 
1 57  PRO n 
1 58  ASP n 
1 59  GLY n 
1 60  ASP n 
1 61  PRO n 
1 62  SER n 
1 63  LYS n 
1 64  PHE n 
1 65  ALA n 
1 66  SER n 
1 67  LEU n 
1 68  VAL n 
1 69  PHE n 
1 70  ARG n 
1 71  VAL n 
1 72  PHE n 
1 73  ASP n 
1 74  GLU n 
1 75  ASN n 
1 76  ASN n 
1 77  ASP n 
1 78  GLY n 
1 79  ALA n 
1 80  ILE n 
1 81  GLU n 
1 82  PHE n 
1 83  GLU n 
1 84  GLU n 
1 85  PHE n 
1 86  ILE n 
1 87  ARG n 
1 88  ALA n 
1 89  LEU n 
1 90  SER n 
1 91  ILE n 
1 92  THR n 
1 93  SER n 
1 94  ARG n 
1 95  GLY n 
1 96  ASN n 
1 97  LEU n 
1 98  ASP n 
1 99  GLU n 
1 100 LYS n 
1 101 LEU n 
1 102 HIS n 
1 103 TRP n 
1 104 ALA n 
1 105 PHE n 
1 106 ARG n 
1 107 LEU n 
1 108 TYR n 
1 109 ASP n 
1 110 VAL n 
1 111 ASP n 
1 112 ASN n 
1 113 ASP n 
1 114 GLY n 
1 115 TYR n 
1 116 ILE n 
1 117 THR n 
1 118 ARG n 
1 119 GLU n 
1 120 GLU n 
1 121 MET n 
1 122 TYR n 
1 123 ASN n 
1 124 ILE n 
1 125 VAL n 
1 126 ASP n 
1 127 ALA n 
1 128 ILE n 
1 129 TYR n 
1 130 GLN n 
1 131 MET n 
1 132 VAL n 
1 133 GLY n 
1 134 GLN n 
1 135 GLN n 
1 136 PRO n 
1 137 GLN n 
1 138 THR n 
1 139 GLU n 
1 140 ASP n 
1 141 GLU n 
1 142 ASN n 
1 143 THR n 
1 144 PRO n 
1 145 GLN n 
1 146 LYS n 
1 147 ARG n 
1 148 VAL n 
1 149 ASP n 
1 150 LYS n 
1 151 ILE n 
1 152 PHE n 
1 153 ASP n 
1 154 GLN n 
1 155 MET n 
1 156 ASP n 
1 157 LYS n 
1 158 ASN n 
1 159 HIS n 
1 160 ASP n 
1 161 ASP n 
1 162 ARG n 
1 163 LEU n 
1 164 THR n 
1 165 LEU n 
1 166 GLU n 
1 167 GLU n 
1 168 PHE n 
1 169 ARG n 
1 170 GLU n 
1 171 GLY n 
1 172 SER n 
1 173 LYS n 
1 174 ALA n 
1 175 ASP n 
1 176 PRO n 
1 177 ARG n 
1 178 MET n 
1 179 VAL n 
1 180 GLN n 
1 181 ALA n 
1 182 LEU n 
1 183 SER n 
1 184 LEU n 
1 185 GLY n 
1 186 GLY n 
1 187 ASP n 
# 
_entity_src_gen.entity_id                          1 
_entity_src_gen.pdbx_src_id                        1 
_entity_src_gen.pdbx_alt_source_flag               sample 
_entity_src_gen.pdbx_seq_type                      ? 
_entity_src_gen.pdbx_beg_seq_num                   ? 
_entity_src_gen.pdbx_end_seq_num                   ? 
_entity_src_gen.gene_src_common_name               'FRUIT FLY' 
_entity_src_gen.gene_src_genus                     ? 
_entity_src_gen.pdbx_gene_src_gene                 ? 
_entity_src_gen.gene_src_species                   ? 
_entity_src_gen.gene_src_strain                    ? 
_entity_src_gen.gene_src_tissue                    ? 
_entity_src_gen.gene_src_tissue_fraction           ? 
_entity_src_gen.gene_src_details                   ? 
_entity_src_gen.pdbx_gene_src_fragment             ? 
_entity_src_gen.pdbx_gene_src_scientific_name      'DROSOPHILA MELANOGASTER' 
_entity_src_gen.pdbx_gene_src_ncbi_taxonomy_id     7227 
_entity_src_gen.pdbx_gene_src_variant              ? 
_entity_src_gen.pdbx_gene_src_cell_line            ? 
_entity_src_gen.pdbx_gene_src_atcc                 ? 
_entity_src_gen.pdbx_gene_src_organ                ? 
_entity_src_gen.pdbx_gene_src_organelle            ? 
_entity_src_gen.pdbx_gene_src_cell                 ? 
_entity_src_gen.pdbx_gene_src_cellular_location    ? 
_entity_src_gen.host_org_common_name               ? 
_entity_src_gen.pdbx_host_org_scientific_name      'ESCHERICHIA COLI' 
_entity_src_gen.pdbx_host_org_ncbi_taxonomy_id     469008 
_entity_src_gen.host_org_genus                     ? 
_entity_src_gen.pdbx_host_org_gene                 ? 
_entity_src_gen.pdbx_host_org_organ                ? 
_entity_src_gen.host_org_species                   ? 
_entity_src_gen.pdbx_host_org_tissue               ? 
_entity_src_gen.pdbx_host_org_tissue_fraction      ? 
_entity_src_gen.pdbx_host_org_strain               'BL21(DE3)' 
_entity_src_gen.pdbx_host_org_variant              ? 
_entity_src_gen.pdbx_host_org_cell_line            ? 
_entity_src_gen.pdbx_host_org_atcc                 ? 
_entity_src_gen.pdbx_host_org_culture_collection   ? 
_entity_src_gen.pdbx_host_org_cell                 ? 
_entity_src_gen.pdbx_host_org_organelle            ? 
_entity_src_gen.pdbx_host_org_cellular_location    ? 
_entity_src_gen.pdbx_host_org_vector_type          PLASMID 
_entity_src_gen.pdbx_host_org_vector               PETDUET-1 
_entity_src_gen.host_org_details                   ? 
_entity_src_gen.expression_system_id               ? 
_entity_src_gen.plasmid_name                       ? 
_entity_src_gen.plasmid_details                    ? 
_entity_src_gen.pdbx_description                   ? 
# 
loop_
_chem_comp.id 
_chem_comp.type 
_chem_comp.mon_nstd_flag 
_chem_comp.name 
_chem_comp.pdbx_synonyms 
_chem_comp.formula 
_chem_comp.formula_weight 
ALA 'L-peptide linking' y ALANINE                                                                 ?    'C3 H7 N O2'      89.093  
ARG 'L-peptide linking' y ARGININE                                                                ?    'C6 H15 N4 O2 1'  175.209 
ASN 'L-peptide linking' y ASPARAGINE                                                              ?    'C4 H8 N2 O3'     132.118 
ASP 'L-peptide linking' y 'ASPARTIC ACID'                                                         ?    'C4 H7 N O4'      133.103 
CA  non-polymer         . 'CALCIUM ION'                                                           ?    'Ca 2'            40.078  
CYS 'L-peptide linking' y CYSTEINE                                                                ?    'C3 H7 N O2 S'    121.158 
FD6 non-polymer         . 'N-[2-(2-chloranylphenothiazin-10-yl)ethyl]-4-methyl-piperazin-1-amine' FD16 'C19 H23 Cl N4 S' 374.931 
GLN 'L-peptide linking' y GLUTAMINE                                                               ?    'C5 H10 N2 O3'    146.144 
GLU 'L-peptide linking' y 'GLUTAMIC ACID'                                                         ?    'C5 H9 N O4'      147.129 
GLY 'peptide linking'   y GLYCINE                                                                 ?    'C2 H5 N O2'      75.067  
HIS 'L-peptide linking' y HISTIDINE                                                               ?    'C6 H10 N3 O2 1'  156.162 
HOH non-polymer         . WATER                                                                   ?    'H2 O'            18.015  
ILE 'L-peptide linking' y ISOLEUCINE                                                              ?    'C6 H13 N O2'     131.173 
LEU 'L-peptide linking' y LEUCINE                                                                 ?    'C6 H13 N O2'     131.173 
LYS 'L-peptide linking' y LYSINE                                                                  ?    'C6 H15 N2 O2 1'  147.195 
MET 'L-peptide linking' y METHIONINE                                                              ?    'C5 H11 N O2 S'   149.211 
MPD non-polymer         . '(4S)-2-METHYL-2,4-PENTANEDIOL'                                         ?    'C6 H14 O2'       118.174 
PHE 'L-peptide linking' y PHENYLALANINE                                                           ?    'C9 H11 N O2'     165.189 
PRO 'L-peptide linking' y PROLINE                                                                 ?    'C5 H9 N O2'      115.130 
SER 'L-peptide linking' y SERINE                                                                  ?    'C3 H7 N O3'      105.093 
THR 'L-peptide linking' y THREONINE                                                               ?    'C4 H9 N O3'      119.119 
TRP 'L-peptide linking' y TRYPTOPHAN                                                              ?    'C11 H12 N2 O2'   204.225 
TYR 'L-peptide linking' y TYROSINE                                                                ?    'C9 H11 N O3'     181.189 
VAL 'L-peptide linking' y VALINE                                                                  ?    'C5 H11 N O2'     117.146 
# 
loop_
_pdbx_poly_seq_scheme.asym_id 
_pdbx_poly_seq_scheme.entity_id 
_pdbx_poly_seq_scheme.seq_id 
_pdbx_poly_seq_scheme.mon_id 
_pdbx_poly_seq_scheme.ndb_seq_num 
_pdbx_poly_seq_scheme.pdb_seq_num 
_pdbx_poly_seq_scheme.auth_seq_num 
_pdbx_poly_seq_scheme.pdb_mon_id 
_pdbx_poly_seq_scheme.auth_mon_id 
_pdbx_poly_seq_scheme.pdb_strand_id 
_pdbx_poly_seq_scheme.pdb_ins_code 
_pdbx_poly_seq_scheme.hetero 
A 1 1   MET 1   1   ?   ?   ?   A . n 
A 1 2   GLY 2   2   ?   ?   ?   A . n 
A 1 3   LYS 3   3   ?   ?   ?   A . n 
A 1 4   LYS 4   4   ?   ?   ?   A . n 
A 1 5   ASN 5   5   ?   ?   ?   A . n 
A 1 6   SER 6   6   ?   ?   ?   A . n 
A 1 7   LYS 7   7   7   LYS LYS A . n 
A 1 8   LEU 8   8   8   LEU LEU A . n 
A 1 9   LYS 9   9   9   LYS LYS A . n 
A 1 10  GLN 10  10  10  GLN GLN A . n 
A 1 11  ASP 11  11  11  ASP ASP A . n 
A 1 12  THR 12  12  12  THR THR A . n 
A 1 13  ILE 13  13  13  ILE ILE A . n 
A 1 14  ASP 14  14  14  ASP ASP A . n 
A 1 15  ARG 15  15  15  ARG ARG A . n 
A 1 16  LEU 16  16  16  LEU LEU A . n 
A 1 17  THR 17  17  17  THR THR A . n 
A 1 18  THR 18  18  18  THR THR A . n 
A 1 19  ASP 19  19  19  ASP ASP A . n 
A 1 20  THR 20  20  20  THR THR A . n 
A 1 21  TYR 21  21  21  TYR TYR A . n 
A 1 22  PHE 22  22  22  PHE PHE A . n 
A 1 23  THR 23  23  23  THR THR A . n 
A 1 24  GLU 24  24  24  GLU GLU A . n 
A 1 25  LYS 25  25  25  LYS LYS A . n 
A 1 26  GLU 26  26  26  GLU GLU A . n 
A 1 27  ILE 27  27  27  ILE ILE A . n 
A 1 28  ARG 28  28  28  ARG ARG A . n 
A 1 29  GLN 29  29  29  GLN GLN A . n 
A 1 30  TRP 30  30  30  TRP TRP A . n 
A 1 31  HIS 31  31  31  HIS HIS A . n 
A 1 32  LYS 32  32  32  LYS LYS A . n 
A 1 33  GLY 33  33  33  GLY GLY A . n 
A 1 34  PHE 34  34  34  PHE PHE A . n 
A 1 35  LEU 35  35  35  LEU LEU A . n 
A 1 36  LYS 36  36  36  LYS LYS A . n 
A 1 37  ASP 37  37  37  ASP ASP A . n 
A 1 38  CYS 38  38  38  CYS CYS A . n 
A 1 39  PRO 39  39  39  PRO PRO A . n 
A 1 40  ASN 40  40  40  ASN ASN A . n 
A 1 41  GLY 41  41  41  GLY GLY A . n 
A 1 42  LEU 42  42  42  LEU LEU A . n 
A 1 43  LEU 43  43  43  LEU LEU A . n 
A 1 44  THR 44  44  44  THR THR A . n 
A 1 45  GLU 45  45  45  GLU GLU A . n 
A 1 46  GLN 46  46  46  GLN GLN A . n 
A 1 47  GLY 47  47  47  GLY GLY A . n 
A 1 48  PHE 48  48  48  PHE PHE A . n 
A 1 49  ILE 49  49  49  ILE ILE A . n 
A 1 50  LYS 50  50  50  LYS LYS A . n 
A 1 51  ILE 51  51  51  ILE ILE A . n 
A 1 52  TYR 52  52  52  TYR TYR A . n 
A 1 53  LYS 53  53  53  LYS LYS A . n 
A 1 54  GLN 54  54  54  GLN GLN A . n 
A 1 55  PHE 55  55  55  PHE PHE A . n 
A 1 56  PHE 56  56  56  PHE PHE A . n 
A 1 57  PRO 57  57  57  PRO PRO A . n 
A 1 58  ASP 58  58  58  ASP ASP A . n 
A 1 59  GLY 59  59  59  GLY GLY A . n 
A 1 60  ASP 60  60  60  ASP ASP A . n 
A 1 61  PRO 61  61  61  PRO PRO A . n 
A 1 62  SER 62  62  62  SER SER A . n 
A 1 63  LYS 63  63  63  LYS LYS A . n 
A 1 64  PHE 64  64  64  PHE PHE A . n 
A 1 65  ALA 65  65  65  ALA ALA A . n 
A 1 66  SER 66  66  66  SER SER A . n 
A 1 67  LEU 67  67  67  LEU LEU A . n 
A 1 68  VAL 68  68  68  VAL VAL A . n 
A 1 69  PHE 69  69  69  PHE PHE A . n 
A 1 70  ARG 70  70  70  ARG ARG A . n 
A 1 71  VAL 71  71  71  VAL VAL A . n 
A 1 72  PHE 72  72  72  PHE PHE A . n 
A 1 73  ASP 73  73  73  ASP ASP A . n 
A 1 74  GLU 74  74  74  GLU GLU A . n 
A 1 75  ASN 75  75  75  ASN ASN A . n 
A 1 76  ASN 76  76  76  ASN ASN A . n 
A 1 77  ASP 77  77  77  ASP ASP A . n 
A 1 78  GLY 78  78  78  GLY GLY A . n 
A 1 79  ALA 79  79  79  ALA ALA A . n 
A 1 80  ILE 80  80  80  ILE ILE A . n 
A 1 81  GLU 81  81  81  GLU GLU A . n 
A 1 82  PHE 82  82  82  PHE PHE A . n 
A 1 83  GLU 83  83  83  GLU GLU A . n 
A 1 84  GLU 84  84  84  GLU GLU A . n 
A 1 85  PHE 85  85  85  PHE PHE A . n 
A 1 86  ILE 86  86  86  ILE ILE A . n 
A 1 87  ARG 87  87  87  ARG ARG A . n 
A 1 88  ALA 88  88  88  ALA ALA A . n 
A 1 89  LEU 89  89  89  LEU LEU A . n 
A 1 90  SER 90  90  90  SER SER A . n 
A 1 91  ILE 91  91  91  ILE ILE A . n 
A 1 92  THR 92  92  92  THR THR A . n 
A 1 93  SER 93  93  93  SER SER A . n 
A 1 94  ARG 94  94  94  ARG ARG A . n 
A 1 95  GLY 95  95  95  GLY GLY A . n 
A 1 96  ASN 96  96  96  ASN ASN A . n 
A 1 97  LEU 97  97  97  LEU LEU A . n 
A 1 98  ASP 98  98  98  ASP ASP A . n 
A 1 99  GLU 99  99  99  GLU GLU A . n 
A 1 100 LYS 100 100 100 LYS LYS A . n 
A 1 101 LEU 101 101 101 LEU LEU A . n 
A 1 102 HIS 102 102 102 HIS HIS A . n 
A 1 103 TRP 103 103 103 TRP TRP A . n 
A 1 104 ALA 104 104 104 ALA ALA A . n 
A 1 105 PHE 105 105 105 PHE PHE A . n 
A 1 106 ARG 106 106 106 ARG ARG A . n 
A 1 107 LEU 107 107 107 LEU LEU A . n 
A 1 108 TYR 108 108 108 TYR TYR A . n 
A 1 109 ASP 109 109 109 ASP ASP A . n 
A 1 110 VAL 110 110 110 VAL VAL A . n 
A 1 111 ASP 111 111 111 ASP ASP A . n 
A 1 112 ASN 112 112 112 ASN ASN A . n 
A 1 113 ASP 113 113 113 ASP ASP A . n 
A 1 114 GLY 114 114 114 GLY GLY A . n 
A 1 115 TYR 115 115 115 TYR TYR A . n 
A 1 116 ILE 116 116 116 ILE ILE A . n 
A 1 117 THR 117 117 117 THR THR A . n 
A 1 118 ARG 118 118 118 ARG ARG A . n 
A 1 119 GLU 119 119 119 GLU GLU A . n 
A 1 120 GLU 120 120 120 GLU GLU A . n 
A 1 121 MET 121 121 121 MET MET A . n 
A 1 122 TYR 122 122 122 TYR TYR A . n 
A 1 123 ASN 123 123 123 ASN ASN A . n 
A 1 124 ILE 124 124 124 ILE ILE A . n 
A 1 125 VAL 125 125 125 VAL VAL A . n 
A 1 126 ASP 126 126 126 ASP ASP A . n 
A 1 127 ALA 127 127 127 ALA ALA A . n 
A 1 128 ILE 128 128 128 ILE ILE A . n 
A 1 129 TYR 129 129 129 TYR TYR A . n 
A 1 130 GLN 130 130 130 GLN GLN A . n 
A 1 131 MET 131 131 131 MET MET A . n 
A 1 132 VAL 132 132 132 VAL VAL A . n 
A 1 133 GLY 133 133 ?   ?   ?   A . n 
A 1 134 GLN 134 134 ?   ?   ?   A . n 
A 1 135 GLN 135 135 ?   ?   ?   A . n 
A 1 136 PRO 136 136 ?   ?   ?   A . n 
A 1 137 GLN 137 137 ?   ?   ?   A . n 
A 1 138 THR 138 138 ?   ?   ?   A . n 
A 1 139 GLU 139 139 ?   ?   ?   A . n 
A 1 140 ASP 140 140 ?   ?   ?   A . n 
A 1 141 GLU 141 141 ?   ?   ?   A . n 
A 1 142 ASN 142 142 ?   ?   ?   A . n 
A 1 143 THR 143 143 143 THR THR A . n 
A 1 144 PRO 144 144 144 PRO PRO A . n 
A 1 145 GLN 145 145 145 GLN GLN A . n 
A 1 146 LYS 146 146 146 LYS LYS A . n 
A 1 147 ARG 147 147 147 ARG ARG A . n 
A 1 148 VAL 148 148 148 VAL VAL A . n 
A 1 149 ASP 149 149 149 ASP ASP A . n 
A 1 150 LYS 150 150 150 LYS LYS A . n 
A 1 151 ILE 151 151 151 ILE ILE A . n 
A 1 152 PHE 152 152 152 PHE PHE A . n 
A 1 153 ASP 153 153 153 ASP ASP A . n 
A 1 154 GLN 154 154 154 GLN GLN A . n 
A 1 155 MET 155 155 155 MET MET A . n 
A 1 156 ASP 156 156 156 ASP ASP A . n 
A 1 157 LYS 157 157 157 LYS LYS A . n 
A 1 158 ASN 158 158 158 ASN ASN A . n 
A 1 159 HIS 159 159 159 HIS HIS A . n 
A 1 160 ASP 160 160 160 ASP ASP A . n 
A 1 161 ASP 161 161 161 ASP ASP A . n 
A 1 162 ARG 162 162 162 ARG ARG A . n 
A 1 163 LEU 163 163 163 LEU LEU A . n 
A 1 164 THR 164 164 164 THR THR A . n 
A 1 165 LEU 165 165 165 LEU LEU A . n 
A 1 166 GLU 166 166 166 GLU GLU A . n 
A 1 167 GLU 167 167 167 GLU GLU A . n 
A 1 168 PHE 168 168 168 PHE PHE A . n 
A 1 169 ARG 169 169 169 ARG ARG A . n 
A 1 170 GLU 170 170 170 GLU GLU A . n 
A 1 171 GLY 171 171 171 GLY GLY A . n 
A 1 172 SER 172 172 172 SER SER A . n 
A 1 173 LYS 173 173 173 LYS LYS A . n 
A 1 174 ALA 174 174 174 ALA ALA A . n 
A 1 175 ASP 175 175 175 ASP ASP A . n 
A 1 176 PRO 176 176 176 PRO PRO A . n 
A 1 177 ARG 177 177 177 ARG ARG A . n 
A 1 178 MET 178 178 178 MET MET A . n 
A 1 179 VAL 179 179 179 VAL VAL A . n 
A 1 180 GLN 180 180 180 GLN GLN A . n 
A 1 181 ALA 181 181 181 ALA ALA A . n 
A 1 182 LEU 182 182 182 LEU LEU A . n 
A 1 183 SER 183 183 183 SER SER A . n 
A 1 184 LEU 184 184 184 LEU LEU A . n 
A 1 185 GLY 185 185 185 GLY GLY A . n 
A 1 186 GLY 186 186 ?   ?   ?   A . n 
A 1 187 ASP 187 187 ?   ?   ?   A . n 
# 
loop_
_pdbx_nonpoly_scheme.asym_id 
_pdbx_nonpoly_scheme.entity_id 
_pdbx_nonpoly_scheme.mon_id 
_pdbx_nonpoly_scheme.ndb_seq_num 
_pdbx_nonpoly_scheme.pdb_seq_num 
_pdbx_nonpoly_scheme.auth_seq_num 
_pdbx_nonpoly_scheme.pdb_mon_id 
_pdbx_nonpoly_scheme.auth_mon_id 
_pdbx_nonpoly_scheme.pdb_strand_id 
_pdbx_nonpoly_scheme.pdb_ins_code 
B 2 CA  1  1186 1186 CA  CA  A . 
C 2 CA  1  1187 1187 CA  CA  A . 
D 2 CA  1  1188 1188 CA  CA  A . 
E 3 MPD 1  1189 1189 MPD MPD A . 
F 3 MPD 1  1190 1190 MPD MPD A . 
G 3 MPD 1  1191 1191 MPD MPD A . 
H 3 MPD 1  1192 1192 MPD MPD A . 
I 3 MPD 1  1193 1193 MPD MPD A . 
J 3 MPD 1  1194 1194 MPD MPD A . 
K 4 FD6 1  1195 1195 FD6 FD6 A . 
L 5 HOH 1  2001 2001 HOH HOH A . 
L 5 HOH 2  2002 2002 HOH HOH A . 
L 5 HOH 3  2003 2003 HOH HOH A . 
L 5 HOH 4  2004 2004 HOH HOH A . 
L 5 HOH 5  2005 2005 HOH HOH A . 
L 5 HOH 6  2006 2006 HOH HOH A . 
L 5 HOH 7  2007 2007 HOH HOH A . 
L 5 HOH 8  2008 2008 HOH HOH A . 
L 5 HOH 9  2009 2009 HOH HOH A . 
L 5 HOH 10 2010 2010 HOH HOH A . 
L 5 HOH 11 2011 2011 HOH HOH A . 
L 5 HOH 12 2012 2012 HOH HOH A . 
L 5 HOH 13 2013 2013 HOH HOH A . 
L 5 HOH 14 2014 2014 HOH HOH A . 
L 5 HOH 15 2015 2015 HOH HOH A . 
L 5 HOH 16 2016 2016 HOH HOH A . 
L 5 HOH 17 2017 2017 HOH HOH A . 
L 5 HOH 18 2018 2018 HOH HOH A . 
L 5 HOH 19 2019 2019 HOH HOH A . 
L 5 HOH 20 2020 2020 HOH HOH A . 
L 5 HOH 21 2021 2021 HOH HOH A . 
L 5 HOH 22 2022 2022 HOH HOH A . 
L 5 HOH 23 2023 2023 HOH HOH A . 
L 5 HOH 24 2024 2024 HOH HOH A . 
L 5 HOH 25 2025 2025 HOH HOH A . 
L 5 HOH 26 2026 2026 HOH HOH A . 
L 5 HOH 27 2027 2027 HOH HOH A . 
L 5 HOH 28 2028 2028 HOH HOH A . 
L 5 HOH 29 2029 2029 HOH HOH A . 
L 5 HOH 30 2030 2030 HOH HOH A . 
L 5 HOH 31 2031 2031 HOH HOH A . 
L 5 HOH 32 2032 2032 HOH HOH A . 
L 5 HOH 33 2033 2033 HOH HOH A . 
L 5 HOH 34 2034 2034 HOH HOH A . 
L 5 HOH 35 2035 2035 HOH HOH A . 
L 5 HOH 36 2036 2036 HOH HOH A . 
L 5 HOH 37 2037 2037 HOH HOH A . 
L 5 HOH 38 2038 2038 HOH HOH A . 
L 5 HOH 39 2039 2039 HOH HOH A . 
L 5 HOH 40 2040 2040 HOH HOH A . 
L 5 HOH 41 2041 2041 HOH HOH A . 
L 5 HOH 42 2042 2042 HOH HOH A . 
L 5 HOH 43 2043 2043 HOH HOH A . 
L 5 HOH 44 2044 2044 HOH HOH A . 
L 5 HOH 45 2045 2045 HOH HOH A . 
L 5 HOH 46 2046 2046 HOH HOH A . 
L 5 HOH 47 2047 2047 HOH HOH A . 
L 5 HOH 48 2048 2048 HOH HOH A . 
L 5 HOH 49 2049 2049 HOH HOH A . 
L 5 HOH 50 2050 2050 HOH HOH A . 
L 5 HOH 51 2051 2051 HOH HOH A . 
L 5 HOH 52 2052 2052 HOH HOH A . 
L 5 HOH 53 2053 2053 HOH HOH A . 
L 5 HOH 54 2054 2054 HOH HOH A . 
L 5 HOH 55 2055 2055 HOH HOH A . 
L 5 HOH 56 2056 2056 HOH HOH A . 
L 5 HOH 57 2057 2057 HOH HOH A . 
L 5 HOH 58 2058 2058 HOH HOH A . 
L 5 HOH 59 2059 2059 HOH HOH A . 
L 5 HOH 60 2060 2060 HOH HOH A . 
L 5 HOH 61 2061 2061 HOH HOH A . 
L 5 HOH 62 2062 2062 HOH HOH A . 
L 5 HOH 63 2063 2063 HOH HOH A . 
L 5 HOH 64 2064 2064 HOH HOH A . 
L 5 HOH 65 2065 2065 HOH HOH A . 
L 5 HOH 66 2066 2066 HOH HOH A . 
L 5 HOH 67 2067 2067 HOH HOH A . 
L 5 HOH 68 2068 2068 HOH HOH A . 
L 5 HOH 69 2069 2069 HOH HOH A . 
L 5 HOH 70 2070 2070 HOH HOH A . 
L 5 HOH 71 2071 2071 HOH HOH A . 
L 5 HOH 72 2072 2072 HOH HOH A . 
L 5 HOH 73 2073 2073 HOH HOH A . 
L 5 HOH 74 2074 2074 HOH HOH A . 
L 5 HOH 75 2075 2075 HOH HOH A . 
L 5 HOH 76 2076 2076 HOH HOH A . 
L 5 HOH 77 2077 2077 HOH HOH A . 
L 5 HOH 78 2078 2078 HOH HOH A . 
L 5 HOH 79 2079 2079 HOH HOH A . 
L 5 HOH 80 2080 2080 HOH HOH A . 
L 5 HOH 81 2081 2081 HOH HOH A . 
L 5 HOH 82 2082 2082 HOH HOH A . 
# 
loop_
_software.name 
_software.classification 
_software.version 
_software.citation_id 
_software.pdbx_ordinal 
_software.date 
_software.type 
_software.location 
_software.language 
PHENIX refinement       '(PHENIX.REFINE)' ? 1 ? ? ? ? 
XDS    'data reduction' .                 ? 2 ? ? ? ? 
XDS    'data scaling'   .                 ? 3 ? ? ? ? 
PHASER phasing          .                 ? 4 ? ? ? ? 
# 
_cell.entry_id           5FYX 
_cell.length_a           54.057 
_cell.length_b           62.997 
_cell.length_c           63.425 
_cell.angle_alpha        90.00 
_cell.angle_beta         90.00 
_cell.angle_gamma        90.00 
_cell.Z_PDB              4 
_cell.pdbx_unique_axis   ? 
# 
_symmetry.entry_id                         5FYX 
_symmetry.space_group_name_H-M             'P 21 21 21' 
_symmetry.pdbx_full_space_group_name_H-M   ? 
_symmetry.cell_setting                     ? 
_symmetry.Int_Tables_number                19 
# 
_exptl.entry_id          5FYX 
_exptl.method            'X-RAY DIFFRACTION' 
_exptl.crystals_number   1 
# 
_exptl_crystal.id                    1 
_exptl_crystal.density_meas          ? 
_exptl_crystal.density_Matthews      2.47 
_exptl_crystal.density_percent_sol   50 
_exptl_crystal.description           NONE 
# 
_exptl_crystal_grow.crystal_id      1 
_exptl_crystal_grow.method          ? 
_exptl_crystal_grow.temp            ? 
_exptl_crystal_grow.temp_details    ? 
_exptl_crystal_grow.pH              ? 
_exptl_crystal_grow.pdbx_pH_range   ? 
_exptl_crystal_grow.pdbx_details    '54% W/V MPD, 0.1M TRIS PH 7.3' 
# 
_diffrn.id                     1 
_diffrn.ambient_temp           100 
_diffrn.ambient_temp_details   ? 
_diffrn.crystal_id             1 
# 
_diffrn_detector.diffrn_id              1 
_diffrn_detector.detector               PIXEL 
_diffrn_detector.type                   'DECTRIS PILATUS 6M' 
_diffrn_detector.pdbx_collection_date   ? 
_diffrn_detector.details                ? 
# 
_diffrn_radiation.diffrn_id                        1 
_diffrn_radiation.wavelength_id                    1 
_diffrn_radiation.pdbx_monochromatic_or_laue_m_l   M 
_diffrn_radiation.monochromator                    ? 
_diffrn_radiation.pdbx_diffrn_protocol             'SINGLE WAVELENGTH' 
_diffrn_radiation.pdbx_scattering_type             x-ray 
# 
_diffrn_radiation_wavelength.id           1 
_diffrn_radiation_wavelength.wavelength   0.979236 
_diffrn_radiation_wavelength.wt           1.0 
# 
_diffrn_source.diffrn_id                   1 
_diffrn_source.source                      SYNCHROTRON 
_diffrn_source.type                        'ALBA BEAMLINE XALOC' 
_diffrn_source.pdbx_synchrotron_site       ALBA 
_diffrn_source.pdbx_synchrotron_beamline   XALOC 
_diffrn_source.pdbx_wavelength             0.979236 
_diffrn_source.pdbx_wavelength_list        ? 
# 
_reflns.pdbx_diffrn_id               1 
_reflns.pdbx_ordinal                 1 
_reflns.entry_id                     5FYX 
_reflns.observed_criterion_sigma_I   0.5 
_reflns.observed_criterion_sigma_F   ? 
_reflns.d_resolution_low             44.70 
_reflns.d_resolution_high            1.80 
_reflns.number_obs                   20513 
_reflns.number_all                   ? 
_reflns.percent_possible_obs         99.4 
_reflns.pdbx_Rmerge_I_obs            0.07 
_reflns.pdbx_Rsym_value              ? 
_reflns.pdbx_netI_over_sigmaI        16.70 
_reflns.B_iso_Wilson_estimate        36.74 
_reflns.pdbx_redundancy              13.0 
_reflns.pdbx_CC_half                 ? 
_reflns.pdbx_Rpim_I_all              ? 
_reflns.pdbx_Rrim_I_all              ? 
# 
_reflns_shell.pdbx_diffrn_id         1 
_reflns_shell.pdbx_ordinal           1 
_reflns_shell.d_res_high             1.80 
_reflns_shell.d_res_low              1.84 
_reflns_shell.percent_possible_all   99.4 
_reflns_shell.Rmerge_I_obs           ? 
_reflns_shell.pdbx_Rsym_value        ? 
_reflns_shell.meanI_over_sigI_obs    0.50 
_reflns_shell.pdbx_redundancy        13.5 
_reflns_shell.number_measured_obs    ? 
_reflns_shell.number_unique_all      ? 
_reflns_shell.number_unique_obs      ? 
_reflns_shell.pdbx_CC_half           ? 
_reflns_shell.pdbx_Rpim_I_all        ? 
_reflns_shell.pdbx_Rrim_I_all        ? 
# 
_refine.pdbx_refine_id                           'X-RAY DIFFRACTION' 
_refine.entry_id                                 5FYX 
_refine.pdbx_diffrn_id                           1 
_refine.pdbx_TLS_residual_ADP_flag               ? 
_refine.ls_number_reflns_obs                     20464 
_refine.ls_number_reflns_all                     ? 
_refine.pdbx_ls_sigma_I                          ? 
_refine.pdbx_ls_sigma_F                          0.40 
_refine.pdbx_data_cutoff_high_absF               ? 
_refine.pdbx_data_cutoff_low_absF                ? 
_refine.pdbx_data_cutoff_high_rms_absF           ? 
_refine.ls_d_res_low                             44.696 
_refine.ls_d_res_high                            1.800 
_refine.ls_percent_reflns_obs                    99.19 
_refine.ls_R_factor_obs                          0.2294 
_refine.ls_R_factor_all                          ? 
_refine.ls_R_factor_R_work                       0.2283 
_refine.ls_R_factor_R_free                       0.2524 
_refine.ls_R_factor_R_free_error                 ? 
_refine.ls_R_factor_R_free_error_details         ? 
_refine.ls_percent_reflns_R_free                 4.8 
_refine.ls_number_reflns_R_free                  1842 
_refine.ls_number_parameters                     ? 
_refine.ls_number_restraints                     ? 
_refine.occupancy_min                            ? 
_refine.occupancy_max                            ? 
_refine.correlation_coeff_Fo_to_Fc               ? 
_refine.correlation_coeff_Fo_to_Fc_free          ? 
_refine.B_iso_mean                               54.9 
_refine.aniso_B[1][1]                            ? 
_refine.aniso_B[2][2]                            ? 
_refine.aniso_B[3][3]                            ? 
_refine.aniso_B[1][2]                            ? 
_refine.aniso_B[1][3]                            ? 
_refine.aniso_B[2][3]                            ? 
_refine.solvent_model_details                    'FLAT BULK SOLVENT MODEL' 
_refine.solvent_model_param_ksol                 ? 
_refine.solvent_model_param_bsol                 ? 
_refine.pdbx_solvent_vdw_probe_radii             1.11 
_refine.pdbx_solvent_ion_probe_radii             ? 
_refine.pdbx_solvent_shrinkage_radii             0.90 
_refine.pdbx_ls_cross_valid_method               ? 
_refine.details                                  ? 
_refine.pdbx_starting_model                      'PDB ENTRY 4BY4' 
_refine.pdbx_method_to_determine_struct          'MOLECULAR REPLACEMENT' 
_refine.pdbx_isotropic_thermal_model             ? 
_refine.pdbx_stereochemistry_target_values       ML 
_refine.pdbx_stereochem_target_val_spec_case     ? 
_refine.pdbx_R_Free_selection_details            ? 
_refine.pdbx_overall_ESU_R                       ? 
_refine.pdbx_overall_ESU_R_Free                  ? 
_refine.overall_SU_ML                            0.33 
_refine.pdbx_overall_phase_error                 34.90 
_refine.overall_SU_B                             ? 
_refine.overall_SU_R_Cruickshank_DPI             ? 
_refine.pdbx_overall_SU_R_free_Cruickshank_DPI   ? 
_refine.pdbx_overall_SU_R_Blow_DPI               ? 
_refine.pdbx_overall_SU_R_free_Blow_DPI          ? 
# 
_refine_hist.pdbx_refine_id                   'X-RAY DIFFRACTION' 
_refine_hist.cycle_id                         LAST 
_refine_hist.pdbx_number_atoms_protein        1407 
_refine_hist.pdbx_number_atoms_nucleic_acid   0 
_refine_hist.pdbx_number_atoms_ligand         76 
_refine_hist.number_atoms_solvent             82 
_refine_hist.number_atoms_total               1565 
_refine_hist.d_res_high                       1.800 
_refine_hist.d_res_low                        44.696 
# 
loop_
_refine_ls_restr.type 
_refine_ls_restr.dev_ideal 
_refine_ls_restr.dev_ideal_target 
_refine_ls_restr.weight 
_refine_ls_restr.number 
_refine_ls_restr.pdbx_refine_id 
_refine_ls_restr.pdbx_restraint_function 
f_bond_d           0.004  ? ? 1537 'X-RAY DIFFRACTION' ? 
f_angle_d          0.870  ? ? 2077 'X-RAY DIFFRACTION' ? 
f_dihedral_angle_d 18.109 ? ? 607  'X-RAY DIFFRACTION' ? 
f_chiral_restr     0.043  ? ? 212  'X-RAY DIFFRACTION' ? 
f_plane_restr      0.004  ? ? 264  'X-RAY DIFFRACTION' ? 
# 
loop_
_refine_ls_shell.pdbx_refine_id 
_refine_ls_shell.pdbx_total_number_of_bins_used 
_refine_ls_shell.d_res_high 
_refine_ls_shell.d_res_low 
_refine_ls_shell.number_reflns_R_work 
_refine_ls_shell.R_factor_R_work 
_refine_ls_shell.percent_reflns_obs 
_refine_ls_shell.R_factor_R_free 
_refine_ls_shell.R_factor_R_free_error 
_refine_ls_shell.percent_reflns_R_free 
_refine_ls_shell.number_reflns_R_free 
_refine_ls_shell.number_reflns_all 
_refine_ls_shell.R_factor_all 
_refine_ls_shell.R_factor_obs 
_refine_ls_shell.number_reflns_obs 
'X-RAY DIFFRACTION' . 1.8000 1.8487  2796 0.4704 99.00  0.5936 . . 126 . . . . 
'X-RAY DIFFRACTION' . 1.8487 1.9031  2822 0.4313 98.00  0.5172 . . 122 . . . . 
'X-RAY DIFFRACTION' . 1.9031 1.9645  2798 0.4057 99.00  0.4605 . . 140 . . . . 
'X-RAY DIFFRACTION' . 1.9645 2.0347  2762 0.3569 99.00  0.3787 . . 183 . . . . 
'X-RAY DIFFRACTION' . 2.0347 2.1162  2795 0.3283 99.00  0.2879 . . 152 . . . . 
'X-RAY DIFFRACTION' . 2.1162 2.2125  2797 0.2938 99.00  0.3761 . . 142 . . . . 
'X-RAY DIFFRACTION' . 2.2125 2.3292  2812 0.2933 99.00  0.3180 . . 167 . . . . 
'X-RAY DIFFRACTION' . 2.3292 2.4751  2787 0.2682 99.00  0.2803 . . 172 . . . . 
'X-RAY DIFFRACTION' . 2.4751 2.6662  2838 0.2464 100.00 0.2676 . . 128 . . . . 
'X-RAY DIFFRACTION' . 2.6662 2.9344  2857 0.2560 99.00  0.2722 . . 84  . . . . 
'X-RAY DIFFRACTION' . 2.9344 3.3589  2885 0.2217 100.00 0.2626 . . 132 . . . . 
'X-RAY DIFFRACTION' . 3.3589 4.2314  2796 0.1816 100.00 0.2071 . . 174 . . . . 
'X-RAY DIFFRACTION' . 4.2314 44.7099 2858 0.1795 100.00 0.1971 . . 120 . . . . 
# 
_struct.entry_id                  5FYX 
_struct.title                     'Crystal structure of Drosophila NCS-1 bound to penothiazine FD16' 
_struct.pdbx_model_details        ? 
_struct.pdbx_CASP_flag            ? 
_struct.pdbx_model_type_details   ? 
# 
_struct_keywords.entry_id        5FYX 
_struct_keywords.pdbx_keywords   'CALCIUM-BINDING PROTEIN' 
_struct_keywords.text            'CALCIUM SENSOR, CALCIUM-BINDING PROTEIN' 
# 
loop_
_struct_asym.id 
_struct_asym.pdbx_blank_PDB_chainid_flag 
_struct_asym.pdbx_modified 
_struct_asym.entity_id 
_struct_asym.details 
A N N 1 ? 
B N N 2 ? 
C N N 2 ? 
D N N 2 ? 
E N N 3 ? 
F N N 3 ? 
G N N 3 ? 
H N N 3 ? 
I N N 3 ? 
J N N 3 ? 
K N N 4 ? 
L N N 5 ? 
# 
_struct_ref.id                         1 
_struct_ref.db_name                    UNP 
_struct_ref.db_code                    Q9VWX8_DROME 
_struct_ref.entity_id                  1 
_struct_ref.pdbx_seq_one_letter_code   ? 
_struct_ref.pdbx_align_begin           ? 
_struct_ref.pdbx_db_accession          Q9VWX8 
_struct_ref.pdbx_db_isoform            ? 
# 
_struct_ref_seq.align_id                      1 
_struct_ref_seq.ref_id                        1 
_struct_ref_seq.pdbx_PDB_id_code              5FYX 
_struct_ref_seq.pdbx_strand_id                A 
_struct_ref_seq.seq_align_beg                 1 
_struct_ref_seq.pdbx_seq_align_beg_ins_code   ? 
_struct_ref_seq.seq_align_end                 187 
_struct_ref_seq.pdbx_seq_align_end_ins_code   ? 
_struct_ref_seq.pdbx_db_accession             Q9VWX8 
_struct_ref_seq.db_align_beg                  1 
_struct_ref_seq.pdbx_db_align_beg_ins_code    ? 
_struct_ref_seq.db_align_end                  187 
_struct_ref_seq.pdbx_db_align_end_ins_code    ? 
_struct_ref_seq.pdbx_auth_seq_align_beg       1 
_struct_ref_seq.pdbx_auth_seq_align_end       187 
# 
_struct_ref_seq_dif.align_id                     1 
_struct_ref_seq_dif.pdbx_pdb_id_code             5FYX 
_struct_ref_seq_dif.mon_id                       MET 
_struct_ref_seq_dif.pdbx_pdb_strand_id           A 
_struct_ref_seq_dif.seq_num                      178 
_struct_ref_seq_dif.pdbx_pdb_ins_code            ? 
_struct_ref_seq_dif.pdbx_seq_db_name             UNP 
_struct_ref_seq_dif.pdbx_seq_db_accession_code   Q9VWX8 
_struct_ref_seq_dif.db_mon_id                    ILE 
_struct_ref_seq_dif.pdbx_seq_db_seq_num          178 
_struct_ref_seq_dif.details                      'engineered mutation' 
_struct_ref_seq_dif.pdbx_auth_seq_num            178 
_struct_ref_seq_dif.pdbx_ordinal                 1 
# 
_pdbx_struct_assembly.id                   1 
_pdbx_struct_assembly.details              author_and_software_defined_assembly 
_pdbx_struct_assembly.method_details       PISA 
_pdbx_struct_assembly.oligomeric_details   monomeric 
_pdbx_struct_assembly.oligomeric_count     1 
# 
_pdbx_struct_assembly_gen.assembly_id       1 
_pdbx_struct_assembly_gen.oper_expression   1 
_pdbx_struct_assembly_gen.asym_id_list      A,B,C,D,E,F,G,H,I,J,K,L 
# 
_pdbx_struct_oper_list.id                   1 
_pdbx_struct_oper_list.type                 'identity operation' 
_pdbx_struct_oper_list.name                 1_555 
_pdbx_struct_oper_list.symmetry_operation   x,y,z 
_pdbx_struct_oper_list.matrix[1][1]         1.0000000000 
_pdbx_struct_oper_list.matrix[1][2]         0.0000000000 
_pdbx_struct_oper_list.matrix[1][3]         0.0000000000 
_pdbx_struct_oper_list.vector[1]            0.0000000000 
_pdbx_struct_oper_list.matrix[2][1]         0.0000000000 
_pdbx_struct_oper_list.matrix[2][2]         1.0000000000 
_pdbx_struct_oper_list.matrix[2][3]         0.0000000000 
_pdbx_struct_oper_list.vector[2]            0.0000000000 
_pdbx_struct_oper_list.matrix[3][1]         0.0000000000 
_pdbx_struct_oper_list.matrix[3][2]         0.0000000000 
_pdbx_struct_oper_list.matrix[3][3]         1.0000000000 
_pdbx_struct_oper_list.vector[3]            0.0000000000 
# 
loop_
_struct_conf.conf_type_id 
_struct_conf.id 
_struct_conf.pdbx_PDB_helix_id 
_struct_conf.beg_label_comp_id 
_struct_conf.beg_label_asym_id 
_struct_conf.beg_label_seq_id 
_struct_conf.pdbx_beg_PDB_ins_code 
_struct_conf.end_label_comp_id 
_struct_conf.end_label_asym_id 
_struct_conf.end_label_seq_id 
_struct_conf.pdbx_end_PDB_ins_code 
_struct_conf.beg_auth_comp_id 
_struct_conf.beg_auth_asym_id 
_struct_conf.beg_auth_seq_id 
_struct_conf.end_auth_comp_id 
_struct_conf.end_auth_asym_id 
_struct_conf.end_auth_seq_id 
_struct_conf.pdbx_PDB_helix_class 
_struct_conf.details 
_struct_conf.pdbx_PDB_helix_length 
HELX_P HELX_P1  1  LYS A 9   ? THR A 20  ? LYS A 9   THR A 20  1 ? 12 
HELX_P HELX_P2  2  THR A 23  ? CYS A 38  ? THR A 23  CYS A 38  1 ? 16 
HELX_P HELX_P3  3  GLU A 45  ? GLN A 54  ? GLU A 45  GLN A 54  1 ? 10 
HELX_P HELX_P4  4  PRO A 61  ? ASP A 73  ? PRO A 61  ASP A 73  1 ? 13 
HELX_P HELX_P5  5  PHE A 82  ? GLY A 95  ? PHE A 82  GLY A 95  1 ? 14 
HELX_P HELX_P6  6  ASN A 96  ? ASP A 109 ? ASN A 96  ASP A 109 1 ? 14 
HELX_P HELX_P7  7  THR A 117 ? VAL A 132 ? THR A 117 VAL A 132 1 ? 16 
HELX_P HELX_P8  8  THR A 143 ? ASP A 156 ? THR A 143 ASP A 156 1 ? 14 
HELX_P HELX_P9  9  THR A 164 ? LYS A 173 ? THR A 164 LYS A 173 1 ? 10 
HELX_P HELX_P10 10 PRO A 176 ? ALA A 181 ? PRO A 176 ALA A 181 1 ? 6  
# 
_struct_conf_type.id          HELX_P 
_struct_conf_type.criteria    ? 
_struct_conf_type.reference   ? 
# 
_struct_sheet.id               AA 
_struct_sheet.type             ? 
_struct_sheet.number_strands   2 
_struct_sheet.details          ? 
# 
_struct_sheet_order.sheet_id     AA 
_struct_sheet_order.range_id_1   1 
_struct_sheet_order.range_id_2   2 
_struct_sheet_order.offset       ? 
_struct_sheet_order.sense        anti-parallel 
# 
loop_
_struct_sheet_range.sheet_id 
_struct_sheet_range.id 
_struct_sheet_range.beg_label_comp_id 
_struct_sheet_range.beg_label_asym_id 
_struct_sheet_range.beg_label_seq_id 
_struct_sheet_range.pdbx_beg_PDB_ins_code 
_struct_sheet_range.end_label_comp_id 
_struct_sheet_range.end_label_asym_id 
_struct_sheet_range.end_label_seq_id 
_struct_sheet_range.pdbx_end_PDB_ins_code 
_struct_sheet_range.beg_auth_comp_id 
_struct_sheet_range.beg_auth_asym_id 
_struct_sheet_range.beg_auth_seq_id 
_struct_sheet_range.end_auth_comp_id 
_struct_sheet_range.end_auth_asym_id 
_struct_sheet_range.end_auth_seq_id 
AA 1 LEU A 42 ? THR A 44 ? LEU A 42 THR A 44 
AA 2 ALA A 79 ? GLU A 81 ? ALA A 79 GLU A 81 
# 
_pdbx_struct_sheet_hbond.sheet_id                AA 
_pdbx_struct_sheet_hbond.range_id_1              1 
_pdbx_struct_sheet_hbond.range_id_2              2 
_pdbx_struct_sheet_hbond.range_1_label_atom_id   N 
_pdbx_struct_sheet_hbond.range_1_label_comp_id   LEU 
_pdbx_struct_sheet_hbond.range_1_label_asym_id   A 
_pdbx_struct_sheet_hbond.range_1_label_seq_id    43 
_pdbx_struct_sheet_hbond.range_1_PDB_ins_code    ? 
_pdbx_struct_sheet_hbond.range_1_auth_atom_id    N 
_pdbx_struct_sheet_hbond.range_1_auth_comp_id    LEU 
_pdbx_struct_sheet_hbond.range_1_auth_asym_id    A 
_pdbx_struct_sheet_hbond.range_1_auth_seq_id     43 
_pdbx_struct_sheet_hbond.range_2_label_atom_id   O 
_pdbx_struct_sheet_hbond.range_2_label_comp_id   ILE 
_pdbx_struct_sheet_hbond.range_2_label_asym_id   A 
_pdbx_struct_sheet_hbond.range_2_label_seq_id    80 
_pdbx_struct_sheet_hbond.range_2_PDB_ins_code    ? 
_pdbx_struct_sheet_hbond.range_2_auth_atom_id    O 
_pdbx_struct_sheet_hbond.range_2_auth_comp_id    ILE 
_pdbx_struct_sheet_hbond.range_2_auth_asym_id    A 
_pdbx_struct_sheet_hbond.range_2_auth_seq_id     80 
# 
loop_
_struct_site.id 
_struct_site.pdbx_evidence_code 
_struct_site.pdbx_auth_asym_id 
_struct_site.pdbx_auth_comp_id 
_struct_site.pdbx_auth_seq_id 
_struct_site.pdbx_auth_ins_code 
_struct_site.pdbx_num_residues 
_struct_site.details 
AC1 Software A CA  1186 ? 6  'BINDING SITE FOR RESIDUE CA A 1186'  
AC2 Software A CA  1187 ? 6  'BINDING SITE FOR RESIDUE CA A 1187'  
AC3 Software A CA  1188 ? 6  'BINDING SITE FOR RESIDUE CA A 1188'  
AC4 Software A MPD 1189 ? 3  'BINDING SITE FOR RESIDUE MPD A 1189' 
AC5 Software A MPD 1190 ? 5  'BINDING SITE FOR RESIDUE MPD A 1190' 
AC6 Software A MPD 1191 ? 4  'BINDING SITE FOR RESIDUE MPD A 1191' 
AC7 Software A MPD 1192 ? 6  'BINDING SITE FOR RESIDUE MPD A 1192' 
AC8 Software A MPD 1193 ? 2  'BINDING SITE FOR RESIDUE MPD A 1193' 
AC9 Software A MPD 1194 ? 3  'BINDING SITE FOR RESIDUE MPD A 1194' 
BC1 Software A FD6 1195 ? 11 'BINDING SITE FOR RESIDUE FD6 A 1195' 
# 
loop_
_struct_site_gen.id 
_struct_site_gen.site_id 
_struct_site_gen.pdbx_num_res 
_struct_site_gen.label_comp_id 
_struct_site_gen.label_asym_id 
_struct_site_gen.label_seq_id 
_struct_site_gen.pdbx_auth_ins_code 
_struct_site_gen.auth_comp_id 
_struct_site_gen.auth_asym_id 
_struct_site_gen.auth_seq_id 
_struct_site_gen.label_atom_id 
_struct_site_gen.label_alt_id 
_struct_site_gen.symmetry 
_struct_site_gen.details 
1  AC1 6  ASP A 73  ? ASP A 73   . ? 1_555 ? 
2  AC1 6  ASN A 75  ? ASN A 75   . ? 1_555 ? 
3  AC1 6  ASP A 77  ? ASP A 77   . ? 1_555 ? 
4  AC1 6  ALA A 79  ? ALA A 79   . ? 1_555 ? 
5  AC1 6  GLU A 84  ? GLU A 84   . ? 1_555 ? 
6  AC1 6  HOH L .   ? HOH A 2050 . ? 1_555 ? 
7  AC2 6  ASP A 156 ? ASP A 156  . ? 1_555 ? 
8  AC2 6  ASN A 158 ? ASN A 158  . ? 1_555 ? 
9  AC2 6  ASP A 160 ? ASP A 160  . ? 1_555 ? 
10 AC2 6  ARG A 162 ? ARG A 162  . ? 1_555 ? 
11 AC2 6  GLU A 167 ? GLU A 167  . ? 1_555 ? 
12 AC2 6  HOH L .   ? HOH A 2073 . ? 1_555 ? 
13 AC3 6  ASP A 109 ? ASP A 109  . ? 1_555 ? 
14 AC3 6  ASP A 111 ? ASP A 111  . ? 1_555 ? 
15 AC3 6  ASP A 113 ? ASP A 113  . ? 1_555 ? 
16 AC3 6  TYR A 115 ? TYR A 115  . ? 1_555 ? 
17 AC3 6  GLU A 120 ? GLU A 120  . ? 1_555 ? 
18 AC3 6  HOH L .   ? HOH A 2063 . ? 1_555 ? 
19 AC4 3  GLY A 33  ? GLY A 33   . ? 1_555 ? 
20 AC4 3  ASP A 37  ? ASP A 37   . ? 1_555 ? 
21 AC4 3  FD6 K .   ? FD6 A 1195 . ? 1_555 ? 
22 AC5 5  GLU A 26  ? GLU A 26   . ? 1_555 ? 
23 AC5 5  GLU A 81  ? GLU A 81   . ? 4_544 ? 
24 AC5 5  ARG A 94  ? ARG A 94   . ? 1_555 ? 
25 AC5 5  HOH L .   ? HOH A 2020 . ? 1_555 ? 
26 AC5 5  HOH L .   ? HOH A 2021 . ? 1_555 ? 
27 AC6 4  ASP A 37  ? ASP A 37   . ? 1_555 ? 
28 AC6 4  GLY A 47  ? GLY A 47   . ? 1_555 ? 
29 AC6 4  LYS A 50  ? LYS A 50   . ? 1_555 ? 
30 AC6 4  ILE A 51  ? ILE A 51   . ? 1_555 ? 
31 AC7 6  ASP A 19  ? ASP A 19   . ? 1_555 ? 
32 AC7 6  TYR A 21  ? TYR A 21   . ? 1_555 ? 
33 AC7 6  ILE A 91  ? ILE A 91   . ? 1_555 ? 
34 AC7 6  GLU A 99  ? GLU A 99   . ? 1_555 ? 
35 AC7 6  HOH L .   ? HOH A 2014 . ? 1_555 ? 
36 AC7 6  HOH L .   ? HOH A 2015 . ? 1_555 ? 
37 AC8 2  GLN A 29  ? GLN A 29   . ? 1_555 ? 
38 AC8 2  TRP A 30  ? TRP A 30   . ? 1_555 ? 
39 AC9 3  GLU A 24  ? GLU A 24   . ? 1_555 ? 
40 AC9 3  LYS A 25  ? LYS A 25   . ? 1_555 ? 
41 AC9 3  ASP A 77  ? ASP A 77   . ? 4_544 ? 
42 BC1 11 ILE A 51  ? ILE A 51   . ? 1_555 ? 
43 BC1 11 TYR A 52  ? TYR A 52   . ? 1_555 ? 
44 BC1 11 PHE A 64  ? PHE A 64   . ? 1_555 ? 
45 BC1 11 PHE A 72  ? PHE A 72   . ? 1_555 ? 
46 BC1 11 PHE A 85  ? PHE A 85   . ? 1_555 ? 
47 BC1 11 THR A 92  ? THR A 92   . ? 1_555 ? 
48 BC1 11 TRP A 103 ? TRP A 103  . ? 1_555 ? 
49 BC1 11 LEU A 107 ? LEU A 107  . ? 1_555 ? 
50 BC1 11 LEU A 182 ? LEU A 182  . ? 1_555 ? 
51 BC1 11 MPD E .   ? MPD A 1189 . ? 1_555 ? 
52 BC1 11 HOH L .   ? HOH A 2055 . ? 1_555 ? 
# 
_pdbx_validate_close_contact.id               1 
_pdbx_validate_close_contact.PDB_model_num    1 
_pdbx_validate_close_contact.auth_atom_id_1   NH2 
_pdbx_validate_close_contact.auth_asym_id_1   A 
_pdbx_validate_close_contact.auth_comp_id_1   ARG 
_pdbx_validate_close_contact.auth_seq_id_1    169 
_pdbx_validate_close_contact.PDB_ins_code_1   ? 
_pdbx_validate_close_contact.label_alt_id_1   B 
_pdbx_validate_close_contact.auth_atom_id_2   O 
_pdbx_validate_close_contact.auth_asym_id_2   A 
_pdbx_validate_close_contact.auth_comp_id_2   HOH 
_pdbx_validate_close_contact.auth_seq_id_2    2058 
_pdbx_validate_close_contact.PDB_ins_code_2   ? 
_pdbx_validate_close_contact.label_alt_id_2   ? 
_pdbx_validate_close_contact.dist             2.02 
# 
_pdbx_validate_symm_contact.id                1 
_pdbx_validate_symm_contact.PDB_model_num     1 
_pdbx_validate_symm_contact.auth_atom_id_1    OD2 
_pdbx_validate_symm_contact.auth_asym_id_1    A 
_pdbx_validate_symm_contact.auth_comp_id_1    ASP 
_pdbx_validate_symm_contact.auth_seq_id_1     19 
_pdbx_validate_symm_contact.PDB_ins_code_1    ? 
_pdbx_validate_symm_contact.label_alt_id_1    ? 
_pdbx_validate_symm_contact.site_symmetry_1   1_555 
_pdbx_validate_symm_contact.auth_atom_id_2    NH1 
_pdbx_validate_symm_contact.auth_asym_id_2    A 
_pdbx_validate_symm_contact.auth_comp_id_2    ARG 
_pdbx_validate_symm_contact.auth_seq_id_2     162 
_pdbx_validate_symm_contact.PDB_ins_code_2    ? 
_pdbx_validate_symm_contact.label_alt_id_2    ? 
_pdbx_validate_symm_contact.site_symmetry_2   2_554 
_pdbx_validate_symm_contact.dist              2.01 
# 
loop_
_pdbx_validate_torsion.id 
_pdbx_validate_torsion.PDB_model_num 
_pdbx_validate_torsion.auth_comp_id 
_pdbx_validate_torsion.auth_asym_id 
_pdbx_validate_torsion.auth_seq_id 
_pdbx_validate_torsion.PDB_ins_code 
_pdbx_validate_torsion.label_alt_id 
_pdbx_validate_torsion.phi 
_pdbx_validate_torsion.psi 
1 1 ASP A 58  ? ? -50.55  -70.92 
2 1 LEU A 184 ? ? -141.72 32.87  
# 
_pdbx_entry_details.entry_id                 5FYX 
_pdbx_entry_details.compound_details         ? 
_pdbx_entry_details.source_details           ? 
_pdbx_entry_details.nonpolymer_details       ? 
_pdbx_entry_details.sequence_details         'I178M MUTATION' 
_pdbx_entry_details.has_ligand_of_interest   ? 
# 
loop_
_pdbx_unobs_or_zero_occ_residues.id 
_pdbx_unobs_or_zero_occ_residues.PDB_model_num 
_pdbx_unobs_or_zero_occ_residues.polymer_flag 
_pdbx_unobs_or_zero_occ_residues.occupancy_flag 
_pdbx_unobs_or_zero_occ_residues.auth_asym_id 
_pdbx_unobs_or_zero_occ_residues.auth_comp_id 
_pdbx_unobs_or_zero_occ_residues.auth_seq_id 
_pdbx_unobs_or_zero_occ_residues.PDB_ins_code 
_pdbx_unobs_or_zero_occ_residues.label_asym_id 
_pdbx_unobs_or_zero_occ_residues.label_comp_id 
_pdbx_unobs_or_zero_occ_residues.label_seq_id 
1  1 Y 1 A MET 1   ? A MET 1   
2  1 Y 1 A GLY 2   ? A GLY 2   
3  1 Y 1 A LYS 3   ? A LYS 3   
4  1 Y 1 A LYS 4   ? A LYS 4   
5  1 Y 1 A ASN 5   ? A ASN 5   
6  1 Y 1 A SER 6   ? A SER 6   
7  1 Y 1 A GLY 133 ? A GLY 133 
8  1 Y 1 A GLN 134 ? A GLN 134 
9  1 Y 1 A GLN 135 ? A GLN 135 
10 1 Y 1 A PRO 136 ? A PRO 136 
11 1 Y 1 A GLN 137 ? A GLN 137 
12 1 Y 1 A THR 138 ? A THR 138 
13 1 Y 1 A GLU 139 ? A GLU 139 
14 1 Y 1 A ASP 140 ? A ASP 140 
15 1 Y 1 A GLU 141 ? A GLU 141 
16 1 Y 1 A ASN 142 ? A ASN 142 
17 1 Y 1 A GLY 186 ? A GLY 186 
18 1 Y 1 A ASP 187 ? A ASP 187 
# 
loop_
_chem_comp_atom.comp_id 
_chem_comp_atom.atom_id 
_chem_comp_atom.type_symbol 
_chem_comp_atom.pdbx_aromatic_flag 
_chem_comp_atom.pdbx_stereo_config 
_chem_comp_atom.pdbx_ordinal 
ALA N    N  N N 1   
ALA CA   C  N S 2   
ALA C    C  N N 3   
ALA O    O  N N 4   
ALA CB   C  N N 5   
ALA OXT  O  N N 6   
ALA H    H  N N 7   
ALA H2   H  N N 8   
ALA HA   H  N N 9   
ALA HB1  H  N N 10  
ALA HB2  H  N N 11  
ALA HB3  H  N N 12  
ALA HXT  H  N N 13  
ARG N    N  N N 14  
ARG CA   C  N S 15  
ARG C    C  N N 16  
ARG O    O  N N 17  
ARG CB   C  N N 18  
ARG CG   C  N N 19  
ARG CD   C  N N 20  
ARG NE   N  N N 21  
ARG CZ   C  N N 22  
ARG NH1  N  N N 23  
ARG NH2  N  N N 24  
ARG OXT  O  N N 25  
ARG H    H  N N 26  
ARG H2   H  N N 27  
ARG HA   H  N N 28  
ARG HB2  H  N N 29  
ARG HB3  H  N N 30  
ARG HG2  H  N N 31  
ARG HG3  H  N N 32  
ARG HD2  H  N N 33  
ARG HD3  H  N N 34  
ARG HE   H  N N 35  
ARG HH11 H  N N 36  
ARG HH12 H  N N 37  
ARG HH21 H  N N 38  
ARG HH22 H  N N 39  
ARG HXT  H  N N 40  
ASN N    N  N N 41  
ASN CA   C  N S 42  
ASN C    C  N N 43  
ASN O    O  N N 44  
ASN CB   C  N N 45  
ASN CG   C  N N 46  
ASN OD1  O  N N 47  
ASN ND2  N  N N 48  
ASN OXT  O  N N 49  
ASN H    H  N N 50  
ASN H2   H  N N 51  
ASN HA   H  N N 52  
ASN HB2  H  N N 53  
ASN HB3  H  N N 54  
ASN HD21 H  N N 55  
ASN HD22 H  N N 56  
ASN HXT  H  N N 57  
ASP N    N  N N 58  
ASP CA   C  N S 59  
ASP C    C  N N 60  
ASP O    O  N N 61  
ASP CB   C  N N 62  
ASP CG   C  N N 63  
ASP OD1  O  N N 64  
ASP OD2  O  N N 65  
ASP OXT  O  N N 66  
ASP H    H  N N 67  
ASP H2   H  N N 68  
ASP HA   H  N N 69  
ASP HB2  H  N N 70  
ASP HB3  H  N N 71  
ASP HD2  H  N N 72  
ASP HXT  H  N N 73  
CA  CA   CA N N 74  
CYS N    N  N N 75  
CYS CA   C  N R 76  
CYS C    C  N N 77  
CYS O    O  N N 78  
CYS CB   C  N N 79  
CYS SG   S  N N 80  
CYS OXT  O  N N 81  
CYS H    H  N N 82  
CYS H2   H  N N 83  
CYS HA   H  N N 84  
CYS HB2  H  N N 85  
CYS HB3  H  N N 86  
CYS HG   H  N N 87  
CYS HXT  H  N N 88  
FD6 SAQ  S  N N 89  
FD6 CAR  C  Y N 90  
FD6 NAY  N  N N 91  
FD6 CAE  C  Y N 92  
FD6 NAX  N  N N 93  
FD6 CAH  C  Y N 94  
FD6 NAP  N  N N 95  
FD6 NAW  N  N N 96  
FD6 CAT  C  Y N 97  
FD6 CAV  C  Y N 98  
FD6 CAI  C  Y N 99  
FD6 CAS  C  Y N 100 
FD6 CAF  C  Y N 101 
FD6 CAC  C  Y N 102 
FD6 CAD  C  Y N 103 
FD6 CLAB CL N N 104 
FD6 CAG  C  Y N 105 
FD6 CAU  C  Y N 106 
FD6 CAO  C  N N 107 
FD6 CAJ  C  N N 108 
FD6 CAN  C  N N 109 
FD6 CAL  C  N N 110 
FD6 CAK  C  N N 111 
FD6 CAM  C  N N 112 
FD6 CAA  C  N N 113 
FD6 HAM1 H  N N 114 
FD6 HAM2 H  N N 115 
FD6 HAK1 H  N N 116 
FD6 HAK2 H  N N 117 
FD6 HAA1 H  N N 118 
FD6 HAA2 H  N N 119 
FD6 HAA3 H  N N 120 
FD6 HAL1 H  N N 121 
FD6 HAL2 H  N N 122 
FD6 HAN1 H  N N 123 
FD6 HAN2 H  N N 124 
FD6 HAP  H  N N 125 
FD6 HAJ1 H  N N 126 
FD6 HAJ2 H  N N 127 
FD6 HAO1 H  N N 128 
FD6 HAO2 H  N N 129 
FD6 HAI  H  N N 130 
FD6 HAE  H  N N 131 
FD6 HAH  H  N N 132 
FD6 HAF  H  N N 133 
FD6 HAG  H  N N 134 
FD6 HAD  H  N N 135 
FD6 HAC  H  N N 136 
GLN N    N  N N 137 
GLN CA   C  N S 138 
GLN C    C  N N 139 
GLN O    O  N N 140 
GLN CB   C  N N 141 
GLN CG   C  N N 142 
GLN CD   C  N N 143 
GLN OE1  O  N N 144 
GLN NE2  N  N N 145 
GLN OXT  O  N N 146 
GLN H    H  N N 147 
GLN H2   H  N N 148 
GLN HA   H  N N 149 
GLN HB2  H  N N 150 
GLN HB3  H  N N 151 
GLN HG2  H  N N 152 
GLN HG3  H  N N 153 
GLN HE21 H  N N 154 
GLN HE22 H  N N 155 
GLN HXT  H  N N 156 
GLU N    N  N N 157 
GLU CA   C  N S 158 
GLU C    C  N N 159 
GLU O    O  N N 160 
GLU CB   C  N N 161 
GLU CG   C  N N 162 
GLU CD   C  N N 163 
GLU OE1  O  N N 164 
GLU OE2  O  N N 165 
GLU OXT  O  N N 166 
GLU H    H  N N 167 
GLU H2   H  N N 168 
GLU HA   H  N N 169 
GLU HB2  H  N N 170 
GLU HB3  H  N N 171 
GLU HG2  H  N N 172 
GLU HG3  H  N N 173 
GLU HE2  H  N N 174 
GLU HXT  H  N N 175 
GLY N    N  N N 176 
GLY CA   C  N N 177 
GLY C    C  N N 178 
GLY O    O  N N 179 
GLY OXT  O  N N 180 
GLY H    H  N N 181 
GLY H2   H  N N 182 
GLY HA2  H  N N 183 
GLY HA3  H  N N 184 
GLY HXT  H  N N 185 
HIS N    N  N N 186 
HIS CA   C  N S 187 
HIS C    C  N N 188 
HIS O    O  N N 189 
HIS CB   C  N N 190 
HIS CG   C  Y N 191 
HIS ND1  N  Y N 192 
HIS CD2  C  Y N 193 
HIS CE1  C  Y N 194 
HIS NE2  N  Y N 195 
HIS OXT  O  N N 196 
HIS H    H  N N 197 
HIS H2   H  N N 198 
HIS HA   H  N N 199 
HIS HB2  H  N N 200 
HIS HB3  H  N N 201 
HIS HD1  H  N N 202 
HIS HD2  H  N N 203 
HIS HE1  H  N N 204 
HIS HE2  H  N N 205 
HIS HXT  H  N N 206 
HOH O    O  N N 207 
HOH H1   H  N N 208 
HOH H2   H  N N 209 
ILE N    N  N N 210 
ILE CA   C  N S 211 
ILE C    C  N N 212 
ILE O    O  N N 213 
ILE CB   C  N S 214 
ILE CG1  C  N N 215 
ILE CG2  C  N N 216 
ILE CD1  C  N N 217 
ILE OXT  O  N N 218 
ILE H    H  N N 219 
ILE H2   H  N N 220 
ILE HA   H  N N 221 
ILE HB   H  N N 222 
ILE HG12 H  N N 223 
ILE HG13 H  N N 224 
ILE HG21 H  N N 225 
ILE HG22 H  N N 226 
ILE HG23 H  N N 227 
ILE HD11 H  N N 228 
ILE HD12 H  N N 229 
ILE HD13 H  N N 230 
ILE HXT  H  N N 231 
LEU N    N  N N 232 
LEU CA   C  N S 233 
LEU C    C  N N 234 
LEU O    O  N N 235 
LEU CB   C  N N 236 
LEU CG   C  N N 237 
LEU CD1  C  N N 238 
LEU CD2  C  N N 239 
LEU OXT  O  N N 240 
LEU H    H  N N 241 
LEU H2   H  N N 242 
LEU HA   H  N N 243 
LEU HB2  H  N N 244 
LEU HB3  H  N N 245 
LEU HG   H  N N 246 
LEU HD11 H  N N 247 
LEU HD12 H  N N 248 
LEU HD13 H  N N 249 
LEU HD21 H  N N 250 
LEU HD22 H  N N 251 
LEU HD23 H  N N 252 
LEU HXT  H  N N 253 
LYS N    N  N N 254 
LYS CA   C  N S 255 
LYS C    C  N N 256 
LYS O    O  N N 257 
LYS CB   C  N N 258 
LYS CG   C  N N 259 
LYS CD   C  N N 260 
LYS CE   C  N N 261 
LYS NZ   N  N N 262 
LYS OXT  O  N N 263 
LYS H    H  N N 264 
LYS H2   H  N N 265 
LYS HA   H  N N 266 
LYS HB2  H  N N 267 
LYS HB3  H  N N 268 
LYS HG2  H  N N 269 
LYS HG3  H  N N 270 
LYS HD2  H  N N 271 
LYS HD3  H  N N 272 
LYS HE2  H  N N 273 
LYS HE3  H  N N 274 
LYS HZ1  H  N N 275 
LYS HZ2  H  N N 276 
LYS HZ3  H  N N 277 
LYS HXT  H  N N 278 
MET N    N  N N 279 
MET CA   C  N S 280 
MET C    C  N N 281 
MET O    O  N N 282 
MET CB   C  N N 283 
MET CG   C  N N 284 
MET SD   S  N N 285 
MET CE   C  N N 286 
MET OXT  O  N N 287 
MET H    H  N N 288 
MET H2   H  N N 289 
MET HA   H  N N 290 
MET HB2  H  N N 291 
MET HB3  H  N N 292 
MET HG2  H  N N 293 
MET HG3  H  N N 294 
MET HE1  H  N N 295 
MET HE2  H  N N 296 
MET HE3  H  N N 297 
MET HXT  H  N N 298 
MPD C1   C  N N 299 
MPD C2   C  N N 300 
MPD O2   O  N N 301 
MPD CM   C  N N 302 
MPD C3   C  N N 303 
MPD C4   C  N S 304 
MPD O4   O  N N 305 
MPD C5   C  N N 306 
MPD H11  H  N N 307 
MPD H12  H  N N 308 
MPD H13  H  N N 309 
MPD HO2  H  N N 310 
MPD HM1  H  N N 311 
MPD HM2  H  N N 312 
MPD HM3  H  N N 313 
MPD H31  H  N N 314 
MPD H32  H  N N 315 
MPD H4   H  N N 316 
MPD HO4  H  N N 317 
MPD H51  H  N N 318 
MPD H52  H  N N 319 
MPD H53  H  N N 320 
PHE N    N  N N 321 
PHE CA   C  N S 322 
PHE C    C  N N 323 
PHE O    O  N N 324 
PHE CB   C  N N 325 
PHE CG   C  Y N 326 
PHE CD1  C  Y N 327 
PHE CD2  C  Y N 328 
PHE CE1  C  Y N 329 
PHE CE2  C  Y N 330 
PHE CZ   C  Y N 331 
PHE OXT  O  N N 332 
PHE H    H  N N 333 
PHE H2   H  N N 334 
PHE HA   H  N N 335 
PHE HB2  H  N N 336 
PHE HB3  H  N N 337 
PHE HD1  H  N N 338 
PHE HD2  H  N N 339 
PHE HE1  H  N N 340 
PHE HE2  H  N N 341 
PHE HZ   H  N N 342 
PHE HXT  H  N N 343 
PRO N    N  N N 344 
PRO CA   C  N S 345 
PRO C    C  N N 346 
PRO O    O  N N 347 
PRO CB   C  N N 348 
PRO CG   C  N N 349 
PRO CD   C  N N 350 
PRO OXT  O  N N 351 
PRO H    H  N N 352 
PRO HA   H  N N 353 
PRO HB2  H  N N 354 
PRO HB3  H  N N 355 
PRO HG2  H  N N 356 
PRO HG3  H  N N 357 
PRO HD2  H  N N 358 
PRO HD3  H  N N 359 
PRO HXT  H  N N 360 
SER N    N  N N 361 
SER CA   C  N S 362 
SER C    C  N N 363 
SER O    O  N N 364 
SER CB   C  N N 365 
SER OG   O  N N 366 
SER OXT  O  N N 367 
SER H    H  N N 368 
SER H2   H  N N 369 
SER HA   H  N N 370 
SER HB2  H  N N 371 
SER HB3  H  N N 372 
SER HG   H  N N 373 
SER HXT  H  N N 374 
THR N    N  N N 375 
THR CA   C  N S 376 
THR C    C  N N 377 
THR O    O  N N 378 
THR CB   C  N R 379 
THR OG1  O  N N 380 
THR CG2  C  N N 381 
THR OXT  O  N N 382 
THR H    H  N N 383 
THR H2   H  N N 384 
THR HA   H  N N 385 
THR HB   H  N N 386 
THR HG1  H  N N 387 
THR HG21 H  N N 388 
THR HG22 H  N N 389 
THR HG23 H  N N 390 
THR HXT  H  N N 391 
TRP N    N  N N 392 
TRP CA   C  N S 393 
TRP C    C  N N 394 
TRP O    O  N N 395 
TRP CB   C  N N 396 
TRP CG   C  Y N 397 
TRP CD1  C  Y N 398 
TRP CD2  C  Y N 399 
TRP NE1  N  Y N 400 
TRP CE2  C  Y N 401 
TRP CE3  C  Y N 402 
TRP CZ2  C  Y N 403 
TRP CZ3  C  Y N 404 
TRP CH2  C  Y N 405 
TRP OXT  O  N N 406 
TRP H    H  N N 407 
TRP H2   H  N N 408 
TRP HA   H  N N 409 
TRP HB2  H  N N 410 
TRP HB3  H  N N 411 
TRP HD1  H  N N 412 
TRP HE1  H  N N 413 
TRP HE3  H  N N 414 
TRP HZ2  H  N N 415 
TRP HZ3  H  N N 416 
TRP HH2  H  N N 417 
TRP HXT  H  N N 418 
TYR N    N  N N 419 
TYR CA   C  N S 420 
TYR C    C  N N 421 
TYR O    O  N N 422 
TYR CB   C  N N 423 
TYR CG   C  Y N 424 
TYR CD1  C  Y N 425 
TYR CD2  C  Y N 426 
TYR CE1  C  Y N 427 
TYR CE2  C  Y N 428 
TYR CZ   C  Y N 429 
TYR OH   O  N N 430 
TYR OXT  O  N N 431 
TYR H    H  N N 432 
TYR H2   H  N N 433 
TYR HA   H  N N 434 
TYR HB2  H  N N 435 
TYR HB3  H  N N 436 
TYR HD1  H  N N 437 
TYR HD2  H  N N 438 
TYR HE1  H  N N 439 
TYR HE2  H  N N 440 
TYR HH   H  N N 441 
TYR HXT  H  N N 442 
VAL N    N  N N 443 
VAL CA   C  N S 444 
VAL C    C  N N 445 
VAL O    O  N N 446 
VAL CB   C  N N 447 
VAL CG1  C  N N 448 
VAL CG2  C  N N 449 
VAL OXT  O  N N 450 
VAL H    H  N N 451 
VAL H2   H  N N 452 
VAL HA   H  N N 453 
VAL HB   H  N N 454 
VAL HG11 H  N N 455 
VAL HG12 H  N N 456 
VAL HG13 H  N N 457 
VAL HG21 H  N N 458 
VAL HG22 H  N N 459 
VAL HG23 H  N N 460 
VAL HXT  H  N N 461 
# 
loop_
_chem_comp_bond.comp_id 
_chem_comp_bond.atom_id_1 
_chem_comp_bond.atom_id_2 
_chem_comp_bond.value_order 
_chem_comp_bond.pdbx_aromatic_flag 
_chem_comp_bond.pdbx_stereo_config 
_chem_comp_bond.pdbx_ordinal 
ALA N   CA   sing N N 1   
ALA N   H    sing N N 2   
ALA N   H2   sing N N 3   
ALA CA  C    sing N N 4   
ALA CA  CB   sing N N 5   
ALA CA  HA   sing N N 6   
ALA C   O    doub N N 7   
ALA C   OXT  sing N N 8   
ALA CB  HB1  sing N N 9   
ALA CB  HB2  sing N N 10  
ALA CB  HB3  sing N N 11  
ALA OXT HXT  sing N N 12  
ARG N   CA   sing N N 13  
ARG N   H    sing N N 14  
ARG N   H2   sing N N 15  
ARG CA  C    sing N N 16  
ARG CA  CB   sing N N 17  
ARG CA  HA   sing N N 18  
ARG C   O    doub N N 19  
ARG C   OXT  sing N N 20  
ARG CB  CG   sing N N 21  
ARG CB  HB2  sing N N 22  
ARG CB  HB3  sing N N 23  
ARG CG  CD   sing N N 24  
ARG CG  HG2  sing N N 25  
ARG CG  HG3  sing N N 26  
ARG CD  NE   sing N N 27  
ARG CD  HD2  sing N N 28  
ARG CD  HD3  sing N N 29  
ARG NE  CZ   sing N N 30  
ARG NE  HE   sing N N 31  
ARG CZ  NH1  sing N N 32  
ARG CZ  NH2  doub N N 33  
ARG NH1 HH11 sing N N 34  
ARG NH1 HH12 sing N N 35  
ARG NH2 HH21 sing N N 36  
ARG NH2 HH22 sing N N 37  
ARG OXT HXT  sing N N 38  
ASN N   CA   sing N N 39  
ASN N   H    sing N N 40  
ASN N   H2   sing N N 41  
ASN CA  C    sing N N 42  
ASN CA  CB   sing N N 43  
ASN CA  HA   sing N N 44  
ASN C   O    doub N N 45  
ASN C   OXT  sing N N 46  
ASN CB  CG   sing N N 47  
ASN CB  HB2  sing N N 48  
ASN CB  HB3  sing N N 49  
ASN CG  OD1  doub N N 50  
ASN CG  ND2  sing N N 51  
ASN ND2 HD21 sing N N 52  
ASN ND2 HD22 sing N N 53  
ASN OXT HXT  sing N N 54  
ASP N   CA   sing N N 55  
ASP N   H    sing N N 56  
ASP N   H2   sing N N 57  
ASP CA  C    sing N N 58  
ASP CA  CB   sing N N 59  
ASP CA  HA   sing N N 60  
ASP C   O    doub N N 61  
ASP C   OXT  sing N N 62  
ASP CB  CG   sing N N 63  
ASP CB  HB2  sing N N 64  
ASP CB  HB3  sing N N 65  
ASP CG  OD1  doub N N 66  
ASP CG  OD2  sing N N 67  
ASP OD2 HD2  sing N N 68  
ASP OXT HXT  sing N N 69  
CYS N   CA   sing N N 70  
CYS N   H    sing N N 71  
CYS N   H2   sing N N 72  
CYS CA  C    sing N N 73  
CYS CA  CB   sing N N 74  
CYS CA  HA   sing N N 75  
CYS C   O    doub N N 76  
CYS C   OXT  sing N N 77  
CYS CB  SG   sing N N 78  
CYS CB  HB2  sing N N 79  
CYS CB  HB3  sing N N 80  
CYS SG  HG   sing N N 81  
CYS OXT HXT  sing N N 82  
FD6 CAM CAK  sing N N 83  
FD6 CAM NAX  sing N N 84  
FD6 CAK NAW  sing N N 85  
FD6 NAW CAA  sing N N 86  
FD6 NAW CAL  sing N N 87  
FD6 CAL CAN  sing N N 88  
FD6 CAN NAX  sing N N 89  
FD6 NAX NAP  sing N N 90  
FD6 NAP CAJ  sing N N 91  
FD6 CAJ CAO  sing N N 92  
FD6 CAO NAY  sing N N 93  
FD6 NAY CAV  sing N N 94  
FD6 NAY CAU  sing N N 95  
FD6 CAV CAI  sing Y N 96  
FD6 CAV CAT  doub Y N 97  
FD6 CAI CAR  doub Y N 98  
FD6 CAR CLAB sing N N 99  
FD6 CAR CAE  sing Y N 100 
FD6 CAE CAH  doub Y N 101 
FD6 CAH CAT  sing Y N 102 
FD6 CAT SAQ  sing N N 103 
FD6 SAQ CAS  sing N N 104 
FD6 CAS CAU  doub Y N 105 
FD6 CAS CAF  sing Y N 106 
FD6 CAU CAG  sing Y N 107 
FD6 CAG CAD  doub Y N 108 
FD6 CAD CAC  sing Y N 109 
FD6 CAC CAF  doub Y N 110 
FD6 CAM HAM1 sing N N 111 
FD6 CAM HAM2 sing N N 112 
FD6 CAK HAK1 sing N N 113 
FD6 CAK HAK2 sing N N 114 
FD6 CAA HAA1 sing N N 115 
FD6 CAA HAA2 sing N N 116 
FD6 CAA HAA3 sing N N 117 
FD6 CAL HAL1 sing N N 118 
FD6 CAL HAL2 sing N N 119 
FD6 CAN HAN1 sing N N 120 
FD6 CAN HAN2 sing N N 121 
FD6 NAP HAP  sing N N 122 
FD6 CAJ HAJ1 sing N N 123 
FD6 CAJ HAJ2 sing N N 124 
FD6 CAO HAO1 sing N N 125 
FD6 CAO HAO2 sing N N 126 
FD6 CAI HAI  sing N N 127 
FD6 CAE HAE  sing N N 128 
FD6 CAH HAH  sing N N 129 
FD6 CAF HAF  sing N N 130 
FD6 CAG HAG  sing N N 131 
FD6 CAD HAD  sing N N 132 
FD6 CAC HAC  sing N N 133 
GLN N   CA   sing N N 134 
GLN N   H    sing N N 135 
GLN N   H2   sing N N 136 
GLN CA  C    sing N N 137 
GLN CA  CB   sing N N 138 
GLN CA  HA   sing N N 139 
GLN C   O    doub N N 140 
GLN C   OXT  sing N N 141 
GLN CB  CG   sing N N 142 
GLN CB  HB2  sing N N 143 
GLN CB  HB3  sing N N 144 
GLN CG  CD   sing N N 145 
GLN CG  HG2  sing N N 146 
GLN CG  HG3  sing N N 147 
GLN CD  OE1  doub N N 148 
GLN CD  NE2  sing N N 149 
GLN NE2 HE21 sing N N 150 
GLN NE2 HE22 sing N N 151 
GLN OXT HXT  sing N N 152 
GLU N   CA   sing N N 153 
GLU N   H    sing N N 154 
GLU N   H2   sing N N 155 
GLU CA  C    sing N N 156 
GLU CA  CB   sing N N 157 
GLU CA  HA   sing N N 158 
GLU C   O    doub N N 159 
GLU C   OXT  sing N N 160 
GLU CB  CG   sing N N 161 
GLU CB  HB2  sing N N 162 
GLU CB  HB3  sing N N 163 
GLU CG  CD   sing N N 164 
GLU CG  HG2  sing N N 165 
GLU CG  HG3  sing N N 166 
GLU CD  OE1  doub N N 167 
GLU CD  OE2  sing N N 168 
GLU OE2 HE2  sing N N 169 
GLU OXT HXT  sing N N 170 
GLY N   CA   sing N N 171 
GLY N   H    sing N N 172 
GLY N   H2   sing N N 173 
GLY CA  C    sing N N 174 
GLY CA  HA2  sing N N 175 
GLY CA  HA3  sing N N 176 
GLY C   O    doub N N 177 
GLY C   OXT  sing N N 178 
GLY OXT HXT  sing N N 179 
HIS N   CA   sing N N 180 
HIS N   H    sing N N 181 
HIS N   H2   sing N N 182 
HIS CA  C    sing N N 183 
HIS CA  CB   sing N N 184 
HIS CA  HA   sing N N 185 
HIS C   O    doub N N 186 
HIS C   OXT  sing N N 187 
HIS CB  CG   sing N N 188 
HIS CB  HB2  sing N N 189 
HIS CB  HB3  sing N N 190 
HIS CG  ND1  sing Y N 191 
HIS CG  CD2  doub Y N 192 
HIS ND1 CE1  doub Y N 193 
HIS ND1 HD1  sing N N 194 
HIS CD2 NE2  sing Y N 195 
HIS CD2 HD2  sing N N 196 
HIS CE1 NE2  sing Y N 197 
HIS CE1 HE1  sing N N 198 
HIS NE2 HE2  sing N N 199 
HIS OXT HXT  sing N N 200 
HOH O   H1   sing N N 201 
HOH O   H2   sing N N 202 
ILE N   CA   sing N N 203 
ILE N   H    sing N N 204 
ILE N   H2   sing N N 205 
ILE CA  C    sing N N 206 
ILE CA  CB   sing N N 207 
ILE CA  HA   sing N N 208 
ILE C   O    doub N N 209 
ILE C   OXT  sing N N 210 
ILE CB  CG1  sing N N 211 
ILE CB  CG2  sing N N 212 
ILE CB  HB   sing N N 213 
ILE CG1 CD1  sing N N 214 
ILE CG1 HG12 sing N N 215 
ILE CG1 HG13 sing N N 216 
ILE CG2 HG21 sing N N 217 
ILE CG2 HG22 sing N N 218 
ILE CG2 HG23 sing N N 219 
ILE CD1 HD11 sing N N 220 
ILE CD1 HD12 sing N N 221 
ILE CD1 HD13 sing N N 222 
ILE OXT HXT  sing N N 223 
LEU N   CA   sing N N 224 
LEU N   H    sing N N 225 
LEU N   H2   sing N N 226 
LEU CA  C    sing N N 227 
LEU CA  CB   sing N N 228 
LEU CA  HA   sing N N 229 
LEU C   O    doub N N 230 
LEU C   OXT  sing N N 231 
LEU CB  CG   sing N N 232 
LEU CB  HB2  sing N N 233 
LEU CB  HB3  sing N N 234 
LEU CG  CD1  sing N N 235 
LEU CG  CD2  sing N N 236 
LEU CG  HG   sing N N 237 
LEU CD1 HD11 sing N N 238 
LEU CD1 HD12 sing N N 239 
LEU CD1 HD13 sing N N 240 
LEU CD2 HD21 sing N N 241 
LEU CD2 HD22 sing N N 242 
LEU CD2 HD23 sing N N 243 
LEU OXT HXT  sing N N 244 
LYS N   CA   sing N N 245 
LYS N   H    sing N N 246 
LYS N   H2   sing N N 247 
LYS CA  C    sing N N 248 
LYS CA  CB   sing N N 249 
LYS CA  HA   sing N N 250 
LYS C   O    doub N N 251 
LYS C   OXT  sing N N 252 
LYS CB  CG   sing N N 253 
LYS CB  HB2  sing N N 254 
LYS CB  HB3  sing N N 255 
LYS CG  CD   sing N N 256 
LYS CG  HG2  sing N N 257 
LYS CG  HG3  sing N N 258 
LYS CD  CE   sing N N 259 
LYS CD  HD2  sing N N 260 
LYS CD  HD3  sing N N 261 
LYS CE  NZ   sing N N 262 
LYS CE  HE2  sing N N 263 
LYS CE  HE3  sing N N 264 
LYS NZ  HZ1  sing N N 265 
LYS NZ  HZ2  sing N N 266 
LYS NZ  HZ3  sing N N 267 
LYS OXT HXT  sing N N 268 
MET N   CA   sing N N 269 
MET N   H    sing N N 270 
MET N   H2   sing N N 271 
MET CA  C    sing N N 272 
MET CA  CB   sing N N 273 
MET CA  HA   sing N N 274 
MET C   O    doub N N 275 
MET C   OXT  sing N N 276 
MET CB  CG   sing N N 277 
MET CB  HB2  sing N N 278 
MET CB  HB3  sing N N 279 
MET CG  SD   sing N N 280 
MET CG  HG2  sing N N 281 
MET CG  HG3  sing N N 282 
MET SD  CE   sing N N 283 
MET CE  HE1  sing N N 284 
MET CE  HE2  sing N N 285 
MET CE  HE3  sing N N 286 
MET OXT HXT  sing N N 287 
MPD C1  C2   sing N N 288 
MPD C1  H11  sing N N 289 
MPD C1  H12  sing N N 290 
MPD C1  H13  sing N N 291 
MPD C2  O2   sing N N 292 
MPD C2  CM   sing N N 293 
MPD C2  C3   sing N N 294 
MPD O2  HO2  sing N N 295 
MPD CM  HM1  sing N N 296 
MPD CM  HM2  sing N N 297 
MPD CM  HM3  sing N N 298 
MPD C3  C4   sing N N 299 
MPD C3  H31  sing N N 300 
MPD C3  H32  sing N N 301 
MPD C4  O4   sing N N 302 
MPD C4  C5   sing N N 303 
MPD C4  H4   sing N N 304 
MPD O4  HO4  sing N N 305 
MPD C5  H51  sing N N 306 
MPD C5  H52  sing N N 307 
MPD C5  H53  sing N N 308 
PHE N   CA   sing N N 309 
PHE N   H    sing N N 310 
PHE N   H2   sing N N 311 
PHE CA  C    sing N N 312 
PHE CA  CB   sing N N 313 
PHE CA  HA   sing N N 314 
PHE C   O    doub N N 315 
PHE C   OXT  sing N N 316 
PHE CB  CG   sing N N 317 
PHE CB  HB2  sing N N 318 
PHE CB  HB3  sing N N 319 
PHE CG  CD1  doub Y N 320 
PHE CG  CD2  sing Y N 321 
PHE CD1 CE1  sing Y N 322 
PHE CD1 HD1  sing N N 323 
PHE CD2 CE2  doub Y N 324 
PHE CD2 HD2  sing N N 325 
PHE CE1 CZ   doub Y N 326 
PHE CE1 HE1  sing N N 327 
PHE CE2 CZ   sing Y N 328 
PHE CE2 HE2  sing N N 329 
PHE CZ  HZ   sing N N 330 
PHE OXT HXT  sing N N 331 
PRO N   CA   sing N N 332 
PRO N   CD   sing N N 333 
PRO N   H    sing N N 334 
PRO CA  C    sing N N 335 
PRO CA  CB   sing N N 336 
PRO CA  HA   sing N N 337 
PRO C   O    doub N N 338 
PRO C   OXT  sing N N 339 
PRO CB  CG   sing N N 340 
PRO CB  HB2  sing N N 341 
PRO CB  HB3  sing N N 342 
PRO CG  CD   sing N N 343 
PRO CG  HG2  sing N N 344 
PRO CG  HG3  sing N N 345 
PRO CD  HD2  sing N N 346 
PRO CD  HD3  sing N N 347 
PRO OXT HXT  sing N N 348 
SER N   CA   sing N N 349 
SER N   H    sing N N 350 
SER N   H2   sing N N 351 
SER CA  C    sing N N 352 
SER CA  CB   sing N N 353 
SER CA  HA   sing N N 354 
SER C   O    doub N N 355 
SER C   OXT  sing N N 356 
SER CB  OG   sing N N 357 
SER CB  HB2  sing N N 358 
SER CB  HB3  sing N N 359 
SER OG  HG   sing N N 360 
SER OXT HXT  sing N N 361 
THR N   CA   sing N N 362 
THR N   H    sing N N 363 
THR N   H2   sing N N 364 
THR CA  C    sing N N 365 
THR CA  CB   sing N N 366 
THR CA  HA   sing N N 367 
THR C   O    doub N N 368 
THR C   OXT  sing N N 369 
THR CB  OG1  sing N N 370 
THR CB  CG2  sing N N 371 
THR CB  HB   sing N N 372 
THR OG1 HG1  sing N N 373 
THR CG2 HG21 sing N N 374 
THR CG2 HG22 sing N N 375 
THR CG2 HG23 sing N N 376 
THR OXT HXT  sing N N 377 
TRP N   CA   sing N N 378 
TRP N   H    sing N N 379 
TRP N   H2   sing N N 380 
TRP CA  C    sing N N 381 
TRP CA  CB   sing N N 382 
TRP CA  HA   sing N N 383 
TRP C   O    doub N N 384 
TRP C   OXT  sing N N 385 
TRP CB  CG   sing N N 386 
TRP CB  HB2  sing N N 387 
TRP CB  HB3  sing N N 388 
TRP CG  CD1  doub Y N 389 
TRP CG  CD2  sing Y N 390 
TRP CD1 NE1  sing Y N 391 
TRP CD1 HD1  sing N N 392 
TRP CD2 CE2  doub Y N 393 
TRP CD2 CE3  sing Y N 394 
TRP NE1 CE2  sing Y N 395 
TRP NE1 HE1  sing N N 396 
TRP CE2 CZ2  sing Y N 397 
TRP CE3 CZ3  doub Y N 398 
TRP CE3 HE3  sing N N 399 
TRP CZ2 CH2  doub Y N 400 
TRP CZ2 HZ2  sing N N 401 
TRP CZ3 CH2  sing Y N 402 
TRP CZ3 HZ3  sing N N 403 
TRP CH2 HH2  sing N N 404 
TRP OXT HXT  sing N N 405 
TYR N   CA   sing N N 406 
TYR N   H    sing N N 407 
TYR N   H2   sing N N 408 
TYR CA  C    sing N N 409 
TYR CA  CB   sing N N 410 
TYR CA  HA   sing N N 411 
TYR C   O    doub N N 412 
TYR C   OXT  sing N N 413 
TYR CB  CG   sing N N 414 
TYR CB  HB2  sing N N 415 
TYR CB  HB3  sing N N 416 
TYR CG  CD1  doub Y N 417 
TYR CG  CD2  sing Y N 418 
TYR CD1 CE1  sing Y N 419 
TYR CD1 HD1  sing N N 420 
TYR CD2 CE2  doub Y N 421 
TYR CD2 HD2  sing N N 422 
TYR CE1 CZ   doub Y N 423 
TYR CE1 HE1  sing N N 424 
TYR CE2 CZ   sing Y N 425 
TYR CE2 HE2  sing N N 426 
TYR CZ  OH   sing N N 427 
TYR OH  HH   sing N N 428 
TYR OXT HXT  sing N N 429 
VAL N   CA   sing N N 430 
VAL N   H    sing N N 431 
VAL N   H2   sing N N 432 
VAL CA  C    sing N N 433 
VAL CA  CB   sing N N 434 
VAL CA  HA   sing N N 435 
VAL C   O    doub N N 436 
VAL C   OXT  sing N N 437 
VAL CB  CG1  sing N N 438 
VAL CB  CG2  sing N N 439 
VAL CB  HB   sing N N 440 
VAL CG1 HG11 sing N N 441 
VAL CG1 HG12 sing N N 442 
VAL CG1 HG13 sing N N 443 
VAL CG2 HG21 sing N N 444 
VAL CG2 HG22 sing N N 445 
VAL CG2 HG23 sing N N 446 
VAL OXT HXT  sing N N 447 
# 
_pdbx_initial_refinement_model.id               1 
_pdbx_initial_refinement_model.entity_id_list   ? 
_pdbx_initial_refinement_model.type             'experimental model' 
_pdbx_initial_refinement_model.source_name      PDB 
_pdbx_initial_refinement_model.accession_code   4BY4 
_pdbx_initial_refinement_model.details          'PDB ENTRY 4BY4' 
# 
_atom_sites.entry_id                    5FYX 
_atom_sites.fract_transf_matrix[1][1]   -0.00717851 
_atom_sites.fract_transf_matrix[1][2]   0.01152263 
_atom_sites.fract_transf_matrix[1][3]   0.01256627 
_atom_sites.fract_transf_matrix[2][1]   -0.01251385 
_atom_sites.fract_transf_matrix[2][2]   -0.00962206 
_atom_sites.fract_transf_matrix[2][3]   0.00167437 
_atom_sites.fract_transf_matrix[3][1]   0.00752805 
_atom_sites.fract_transf_matrix[3][2]   -0.00779793 
_atom_sites.fract_transf_matrix[3][3]   0.01145072 
_atom_sites.fract_transf_vector[1]      0.229402 
_atom_sites.fract_transf_vector[2]      -0.219566 
_atom_sites.fract_transf_vector[3]      -0.255509 
# 
loop_
_atom_type.symbol 
C  
CA 
CL 
N  
O  
S  
# 
loop_
_atom_site.group_PDB 
_atom_site.id 
_atom_site.type_symbol 
_atom_site.label_atom_id 
_atom_site.label_alt_id 
_atom_site.label_comp_id 
_atom_site.label_asym_id 
_atom_site.label_entity_id 
_atom_site.label_seq_id 
_atom_site.pdbx_PDB_ins_code 
_atom_site.Cartn_x 
_atom_site.Cartn_y 
_atom_site.Cartn_z 
_atom_site.occupancy 
_atom_site.B_iso_or_equiv 
_atom_site.pdbx_formal_charge 
_atom_site.auth_seq_id 
_atom_site.auth_comp_id 
_atom_site.auth_asym_id 
_atom_site.auth_atom_id 
_atom_site.pdbx_PDB_model_num 
ATOM   1    N  N    . LYS A 1 7   ? -5.852  11.513  -22.608 1.00 78.70  ?  7    LYS A N    1 
ATOM   2    C  CA   . LYS A 1 7   ? -5.881  12.757  -21.850 1.00 76.21  ?  7    LYS A CA   1 
ATOM   3    C  C    . LYS A 1 7   ? -6.774  12.606  -20.620 1.00 79.22  ?  7    LYS A C    1 
ATOM   4    O  O    . LYS A 1 7   ? -7.129  11.490  -20.239 1.00 76.86  ?  7    LYS A O    1 
ATOM   5    C  CB   . LYS A 1 7   ? -6.358  13.911  -22.736 1.00 71.41  ?  7    LYS A CB   1 
ATOM   6    C  CG   . LYS A 1 7   ? -5.595  14.014  -24.052 1.00 81.54  ?  7    LYS A CG   1 
ATOM   7    C  CD   . LYS A 1 7   ? -6.230  15.003  -25.016 1.00 83.53  ?  7    LYS A CD   1 
ATOM   8    C  CE   . LYS A 1 7   ? -5.410  15.105  -26.294 1.00 73.83  ?  7    LYS A CE   1 
ATOM   9    N  NZ   . LYS A 1 7   ? -6.037  15.998  -27.306 1.00 80.68  1  7    LYS A NZ   1 
ATOM   10   N  N    . LEU A 1 8   ? -7.132  13.725  -19.999 1.00 76.68  ?  8    LEU A N    1 
ATOM   11   C  CA   . LEU A 1 8   ? -7.904  13.688  -18.762 1.00 62.46  ?  8    LEU A CA   1 
ATOM   12   C  C    . LEU A 1 8   ? -9.365  14.045  -19.011 1.00 61.22  ?  8    LEU A C    1 
ATOM   13   O  O    . LEU A 1 8   ? -9.709  15.213  -19.184 1.00 58.17  ?  8    LEU A O    1 
ATOM   14   C  CB   . LEU A 1 8   ? -7.299  14.635  -17.722 1.00 60.56  ?  8    LEU A CB   1 
ATOM   15   C  CG   . LEU A 1 8   ? -7.822  14.474  -16.294 1.00 56.04  ?  8    LEU A CG   1 
ATOM   16   C  CD1  . LEU A 1 8   ? -7.829  13.009  -15.885 1.00 50.57  ?  8    LEU A CD1  1 
ATOM   17   C  CD2  . LEU A 1 8   ? -6.976  15.286  -15.329 1.00 59.18  ?  8    LEU A CD2  1 
ATOM   18   N  N    . LYS A 1 9   ? -10.222 13.029  -19.027 1.00 61.36  ?  9    LYS A N    1 
ATOM   19   C  CA   . LYS A 1 9   ? -11.649 13.234  -19.251 1.00 59.40  ?  9    LYS A CA   1 
ATOM   20   C  C    . LYS A 1 9   ? -12.334 13.858  -18.041 1.00 60.20  ?  9    LYS A C    1 
ATOM   21   O  O    . LYS A 1 9   ? -11.939 13.620  -16.898 1.00 58.06  ?  9    LYS A O    1 
ATOM   22   C  CB   . LYS A 1 9   ? -12.331 11.913  -19.600 1.00 62.87  ?  9    LYS A CB   1 
ATOM   23   C  CG   . LYS A 1 9   ? -11.516 11.004  -20.496 1.00 67.79  ?  9    LYS A CG   1 
ATOM   24   C  CD   . LYS A 1 9   ? -12.294 9.747   -20.823 1.00 69.79  ?  9    LYS A CD   1 
ATOM   25   C  CE   . LYS A 1 9   ? -11.897 9.192   -22.175 1.00 71.41  ?  9    LYS A CE   1 
ATOM   26   N  NZ   . LYS A 1 9   ? -12.625 7.932   -22.471 1.00 73.92  1  9    LYS A NZ   1 
ATOM   27   N  N    . GLN A 1 10  ? -13.372 14.646  -18.303 1.00 55.90  ?  10   GLN A N    1 
ATOM   28   C  CA   . GLN A 1 10  ? -14.099 15.351  -17.253 1.00 64.28  ?  10   GLN A CA   1 
ATOM   29   C  C    . GLN A 1 10  ? -14.771 14.384  -16.284 1.00 60.72  ?  10   GLN A C    1 
ATOM   30   O  O    . GLN A 1 10  ? -14.888 14.671  -15.094 1.00 54.16  ?  10   GLN A O    1 
ATOM   31   C  CB   . GLN A 1 10  ? -15.145 16.287  -17.865 1.00 68.22  ?  10   GLN A CB   1 
ATOM   32   C  CG   . GLN A 1 10  ? -15.873 17.155  -16.851 1.00 70.82  ?  10   GLN A CG   1 
ATOM   33   C  CD   . GLN A 1 10  ? -14.943 18.111  -16.127 1.00 70.42  ?  10   GLN A CD   1 
ATOM   34   O  OE1  . GLN A 1 10  ? -14.279 18.941  -16.749 1.00 72.86  ?  10   GLN A OE1  1 
ATOM   35   N  NE2  . GLN A 1 10  ? -14.895 18.002  -14.804 1.00 74.90  ?  10   GLN A NE2  1 
ATOM   36   N  N    . ASP A 1 11  ? -15.200 13.234  -16.797 1.00 59.75  ?  11   ASP A N    1 
ATOM   37   C  CA   . ASP A 1 11  ? -15.897 12.247  -15.980 1.00 57.95  ?  11   ASP A CA   1 
ATOM   38   C  C    . ASP A 1 11  ? -14.928 11.495  -15.069 1.00 57.44  ?  11   ASP A C    1 
ATOM   39   O  O    . ASP A 1 11  ? -15.330 10.953  -14.042 1.00 51.77  ?  11   ASP A O    1 
ATOM   40   C  CB   . ASP A 1 11  ? -16.677 11.267  -16.862 1.00 61.44  ?  11   ASP A CB   1 
ATOM   41   C  CG   . ASP A 1 11  ? -15.799 10.181  -17.448 1.00 76.14  ?  11   ASP A CG   1 
ATOM   42   O  OD1  . ASP A 1 11  ? -14.710 10.508  -17.961 1.00 80.46  ?  11   ASP A OD1  1 
ATOM   43   O  OD2  . ASP A 1 11  ? -16.199 8.999   -17.390 1.00 72.82  -1 11   ASP A OD2  1 
ATOM   44   N  N    . THR A 1 12  ? -13.654 11.461  -15.448 1.00 53.32  ?  12   THR A N    1 
ATOM   45   C  CA   . THR A 1 12  ? -12.624 10.931  -14.564 1.00 48.62  ?  12   THR A CA   1 
ATOM   46   C  C    . THR A 1 12  ? -12.404 11.912  -13.427 1.00 44.75  ?  12   THR A C    1 
ATOM   47   O  O    . THR A 1 12  ? -12.271 11.520  -12.267 1.00 39.12  ?  12   THR A O    1 
ATOM   48   C  CB   . THR A 1 12  ? -11.288 10.695  -15.293 1.00 51.34  ?  12   THR A CB   1 
ATOM   49   O  OG1  . THR A 1 12  ? -11.501 9.810   -16.397 1.00 55.56  ?  12   THR A OG1  1 
ATOM   50   C  CG2  . THR A 1 12  ? -10.243 10.100  -14.345 1.00 46.19  ?  12   THR A CG2  1 
ATOM   51   N  N    . ILE A 1 13  ? -12.368 13.194  -13.775 1.00 46.69  ?  13   ILE A N    1 
ATOM   52   C  CA   . ILE A 1 13  ? -12.194 14.260  -12.800 1.00 48.30  ?  13   ILE A CA   1 
ATOM   53   C  C    . ILE A 1 13  ? -13.364 14.292  -11.822 1.00 45.44  ?  13   ILE A C    1 
ATOM   54   O  O    . ILE A 1 13  ? -13.159 14.346  -10.611 1.00 43.06  ?  13   ILE A O    1 
ATOM   55   C  CB   . ILE A 1 13  ? -12.023 15.623  -13.500 1.00 52.23  ?  13   ILE A CB   1 
ATOM   56   C  CG1  . ILE A 1 13  ? -10.707 15.645  -14.274 1.00 55.73  ?  13   ILE A CG1  1 
ATOM   57   C  CG2  . ILE A 1 13  ? -12.071 16.758  -12.482 1.00 54.54  ?  13   ILE A CG2  1 
ATOM   58   C  CD1  . ILE A 1 13  ? -10.450 16.923  -15.036 1.00 53.12  ?  13   ILE A CD1  1 
ATOM   59   N  N    . ASP A 1 14  ? -14.583 14.257  -12.355 1.00 44.77  ?  14   ASP A N    1 
ATOM   60   C  CA   . ASP A 1 14  ? -15.792 14.278  -11.537 1.00 47.52  ?  14   ASP A CA   1 
ATOM   61   C  C    . ASP A 1 14  ? -15.755 13.173  -10.486 1.00 45.92  ?  14   ASP A C    1 
ATOM   62   O  O    . ASP A 1 14  ? -16.044 13.405  -9.309  1.00 41.10  ?  14   ASP A O    1 
ATOM   63   C  CB   . ASP A 1 14  ? -17.042 14.127  -12.413 1.00 47.26  ?  14   ASP A CB   1 
ATOM   64   C  CG   . ASP A 1 14  ? -17.213 15.273  -13.394 1.00 60.20  ?  14   ASP A CG   1 
ATOM   65   O  OD1  . ASP A 1 14  ? -16.675 16.368  -13.131 1.00 64.30  ?  14   ASP A OD1  1 
ATOM   66   O  OD2  . ASP A 1 14  ? -17.880 15.078  -14.432 1.00 70.93  -1 14   ASP A OD2  1 
ATOM   67   N  N    . ARG A 1 15  ? -15.382 11.974  -10.922 1.00 40.85  ?  15   ARG A N    1 
ATOM   68   C  CA   . ARG A 1 15  ? -15.290 10.827  -10.029 1.00 38.67  ?  15   ARG A CA   1 
ATOM   69   C  C    . ARG A 1 15  ? -14.225 11.021  -8.960  1.00 32.75  ?  15   ARG A C    1 
ATOM   70   O  O    . ARG A 1 15  ? -14.472 10.771  -7.785  1.00 41.76  ?  15   ARG A O    1 
ATOM   71   C  CB   . ARG A 1 15  ? -14.996 9.554   -10.828 1.00 43.04  ?  15   ARG A CB   1 
ATOM   72   C  CG   . ARG A 1 15  ? -16.181 9.033   -11.604 1.00 44.29  ?  15   ARG A CG   1 
ATOM   73   C  CD   . ARG A 1 15  ? -15.974 7.586   -11.988 1.00 47.85  ?  15   ARG A CD   1 
ATOM   74   N  NE   . ARG A 1 15  ? -14.769 7.401   -12.791 1.00 43.80  ?  15   ARG A NE   1 
ATOM   75   C  CZ   . ARG A 1 15  ? -14.737 7.493   -14.116 1.00 53.79  ?  15   ARG A CZ   1 
ATOM   76   N  NH1  . ARG A 1 15  ? -15.847 7.764   -14.788 1.00 48.12  1  15   ARG A NH1  1 
ATOM   77   N  NH2  . ARG A 1 15  ? -13.598 7.306   -14.767 1.00 45.85  ?  15   ARG A NH2  1 
ATOM   78   N  N    . LEU A 1 16  ? -13.043 11.470  -9.371  1.00 30.58  ?  16   LEU A N    1 
ATOM   79   C  CA   . LEU A 1 16  ? -11.912 11.604  -8.455  1.00 30.58  ?  16   LEU A CA   1 
ATOM   80   C  C    . LEU A 1 16  ? -12.108 12.727  -7.440  1.00 30.58  ?  16   LEU A C    1 
ATOM   81   O  O    . LEU A 1 16  ? -11.685 12.613  -6.292  1.00 33.02  ?  16   LEU A O    1 
ATOM   82   C  CB   . LEU A 1 16  ? -10.623 11.848  -9.231  1.00 30.58  ?  16   LEU A CB   1 
ATOM   83   C  CG   . LEU A 1 16  ? -10.046 10.635  -9.972  1.00 35.50  ?  16   LEU A CG   1 
ATOM   84   C  CD1  . LEU A 1 16  ? -8.748  11.004  -10.668 1.00 36.35  ?  16   LEU A CD1  1 
ATOM   85   C  CD2  . LEU A 1 16  ? -9.841  9.479   -9.008  1.00 31.97  ?  16   LEU A CD2  1 
ATOM   86   N  N    . THR A 1 17  ? -12.738 13.813  -7.875  1.00 35.16  ?  17   THR A N    1 
ATOM   87   C  CA   . THR A 1 17  ? -12.996 14.944  -6.989  1.00 30.58  ?  17   THR A CA   1 
ATOM   88   C  C    . THR A 1 17  ? -14.085 14.603  -5.982  1.00 37.71  ?  17   THR A C    1 
ATOM   89   O  O    . THR A 1 17  ? -14.207 15.258  -4.950  1.00 35.17  ?  17   THR A O    1 
ATOM   90   C  CB   . THR A 1 17  ? -13.404 16.199  -7.765  1.00 35.05  ?  17   THR A CB   1 
ATOM   91   O  OG1  . THR A 1 17  ? -14.437 15.878  -8.701  1.00 36.00  ?  17   THR A OG1  1 
ATOM   92   C  CG2  . THR A 1 17  ? -12.215 16.754  -8.512  1.00 30.96  ?  17   THR A CG2  1 
ATOM   93   N  N    . THR A 1 18  ? -14.878 13.585  -6.295  1.00 38.55  ?  18   THR A N    1 
ATOM   94   C  CA   . THR A 1 18  ? -15.930 13.126  -5.399  1.00 42.38  ?  18   THR A CA   1 
ATOM   95   C  C    . THR A 1 18  ? -15.454 11.973  -4.513  1.00 45.92  ?  18   THR A C    1 
ATOM   96   O  O    . THR A 1 18  ? -15.887 11.836  -3.369  1.00 42.89  ?  18   THR A O    1 
ATOM   97   C  CB   . THR A 1 18  ? -17.173 12.682  -6.193  1.00 45.13  ?  18   THR A CB   1 
ATOM   98   O  OG1  . THR A 1 18  ? -17.533 13.708  -7.124  1.00 51.14  ?  18   THR A OG1  1 
ATOM   99   C  CG2  . THR A 1 18  ? -18.344 12.408  -5.264  1.00 48.23  ?  18   THR A CG2  1 
ATOM   100  N  N    . ASP A 1 19  ? -14.543 11.159  -5.033  1.00 39.46  ?  19   ASP A N    1 
ATOM   101  C  CA   . ASP A 1 19  ? -14.139 9.943   -4.334  1.00 41.50  ?  19   ASP A CA   1 
ATOM   102  C  C    . ASP A 1 19  ? -12.800 10.042  -3.599  1.00 41.75  ?  19   ASP A C    1 
ATOM   103  O  O    . ASP A 1 19  ? -12.411 9.109   -2.900  1.00 45.19  ?  19   ASP A O    1 
ATOM   104  C  CB   . ASP A 1 19  ? -14.090 8.772   -5.316  1.00 49.25  ?  19   ASP A CB   1 
ATOM   105  C  CG   . ASP A 1 19  ? -15.429 8.510   -5.981  1.00 50.24  ?  19   ASP A CG   1 
ATOM   106  O  OD1  . ASP A 1 19  ? -16.459 9.009   -5.477  1.00 49.39  ?  19   ASP A OD1  1 
ATOM   107  O  OD2  . ASP A 1 19  ? -15.455 7.792   -7.004  1.00 53.93  -1 19   ASP A OD2  1 
ATOM   108  N  N    . THR A 1 20  ? -12.091 11.157  -3.742  1.00 33.63  ?  20   THR A N    1 
ATOM   109  C  CA   . THR A 1 20  ? -10.786 11.280  -3.089  1.00 32.04  ?  20   THR A CA   1 
ATOM   110  C  C    . THR A 1 20  ? -10.655 12.549  -2.246  1.00 34.05  ?  20   THR A C    1 
ATOM   111  O  O    . THR A 1 20  ? -11.550 13.391  -2.214  1.00 34.28  ?  20   THR A O    1 
ATOM   112  C  CB   . THR A 1 20  ? -9.627  11.252  -4.111  1.00 30.58  ?  20   THR A CB   1 
ATOM   113  O  OG1  . THR A 1 20  ? -9.555  12.503  -4.803  1.00 33.23  ?  20   THR A OG1  1 
ATOM   114  C  CG2  . THR A 1 20  ? -9.789  10.102  -5.115  1.00 32.30  ?  20   THR A CG2  1 
ATOM   115  N  N    . TYR A 1 21  ? -9.524  12.676  -1.561  1.00 32.79  ?  21   TYR A N    1 
ATOM   116  C  CA   . TYR A 1 21  ? -9.280  13.832  -0.708  1.00 35.02  ?  21   TYR A CA   1 
ATOM   117  C  C    . TYR A 1 21  ? -8.523  14.920  -1.462  1.00 37.33  ?  21   TYR A C    1 
ATOM   118  O  O    . TYR A 1 21  ? -7.995  15.849  -0.854  1.00 36.90  ?  21   TYR A O    1 
ATOM   119  C  CB   . TYR A 1 21  ? -8.501  13.430  0.552   1.00 30.58  ?  21   TYR A CB   1 
ATOM   120  C  CG   . TYR A 1 21  ? -9.261  12.517  1.494   1.00 37.34  ?  21   TYR A CG   1 
ATOM   121  C  CD1  . TYR A 1 21  ? -10.346 12.988  2.226   1.00 40.05  ?  21   TYR A CD1  1 
ATOM   122  C  CD2  . TYR A 1 21  ? -8.888  11.188  1.660   1.00 30.58  ?  21   TYR A CD2  1 
ATOM   123  C  CE1  . TYR A 1 21  ? -11.043 12.156  3.087   1.00 41.62  ?  21   TYR A CE1  1 
ATOM   124  C  CE2  . TYR A 1 21  ? -9.579  10.350  2.518   1.00 40.93  ?  21   TYR A CE2  1 
ATOM   125  C  CZ   . TYR A 1 21  ? -10.652 10.840  3.232   1.00 36.83  ?  21   TYR A CZ   1 
ATOM   126  O  OH   . TYR A 1 21  ? -11.343 10.007  4.084   1.00 39.58  ?  21   TYR A OH   1 
ATOM   127  N  N    . PHE A 1 22  ? -8.471  14.803  -2.786  1.00 30.58  ?  22   PHE A N    1 
ATOM   128  C  CA   . PHE A 1 22  ? -7.770  15.783  -3.603  1.00 30.58  ?  22   PHE A CA   1 
ATOM   129  C  C    . PHE A 1 22  ? -8.747  16.761  -4.241  1.00 30.58  ?  22   PHE A C    1 
ATOM   130  O  O    . PHE A 1 22  ? -9.887  16.411  -4.538  1.00 34.41  ?  22   PHE A O    1 
ATOM   131  C  CB   . PHE A 1 22  ? -6.941  15.095  -4.698  1.00 30.58  ?  22   PHE A CB   1 
ATOM   132  C  CG   . PHE A 1 22  ? -5.812  14.263  -4.176  1.00 32.44  ?  22   PHE A CG   1 
ATOM   133  C  CD1  . PHE A 1 22  ? -4.671  14.854  -3.656  1.00 36.92  ?  22   PHE A CD1  1 
ATOM   134  C  CD2  . PHE A 1 22  ? -5.885  12.881  -4.217  1.00 38.63  ?  22   PHE A CD2  1 
ATOM   135  C  CE1  . PHE A 1 22  ? -3.630  14.079  -3.176  1.00 40.12  ?  22   PHE A CE1  1 
ATOM   136  C  CE2  . PHE A 1 22  ? -4.843  12.106  -3.740  1.00 38.02  ?  22   PHE A CE2  1 
ATOM   137  C  CZ   . PHE A 1 22  ? -3.716  12.705  -3.218  1.00 42.50  ?  22   PHE A CZ   1 
ATOM   138  N  N    . THR A 1 23  ? -8.296  17.990  -4.448  1.00 33.55  ?  23   THR A N    1 
ATOM   139  C  CA   . THR A 1 23  ? -9.105  18.972  -5.145  1.00 33.28  ?  23   THR A CA   1 
ATOM   140  C  C    . THR A 1 23  ? -8.903  18.773  -6.642  1.00 36.31  ?  23   THR A C    1 
ATOM   141  O  O    . THR A 1 23  ? -7.976  18.084  -7.066  1.00 38.31  ?  23   THR A O    1 
ATOM   142  C  CB   . THR A 1 23  ? -8.733  20.411  -4.751  1.00 37.18  ?  23   THR A CB   1 
ATOM   143  O  OG1  . THR A 1 23  ? -7.354  20.646  -5.062  1.00 34.14  ?  23   THR A OG1  1 
ATOM   144  C  CG2  . THR A 1 23  ? -8.951  20.631  -3.250  1.00 30.58  ?  23   THR A CG2  1 
ATOM   145  N  N    . GLU A 1 24  ? -9.777  19.372  -7.442  1.00 34.76  ?  24   GLU A N    1 
ATOM   146  C  CA   . GLU A 1 24  ? -9.637  19.321  -8.895  1.00 38.63  ?  24   GLU A CA   1 
ATOM   147  C  C    . GLU A 1 24  ? -8.282  19.863  -9.334  1.00 46.47  ?  24   GLU A C    1 
ATOM   148  O  O    . GLU A 1 24  ? -7.653  19.325  -10.249 1.00 33.50  ?  24   GLU A O    1 
ATOM   149  C  CB   . GLU A 1 24  ? -10.750 20.115  -9.578  1.00 39.55  ?  24   GLU A CB   1 
ATOM   150  C  CG   . GLU A 1 24  ? -10.515 20.329  -11.056 1.00 45.79  ?  24   GLU A CG   1 
ATOM   151  C  CD   . GLU A 1 24  ? -11.767 20.735  -11.787 1.00 50.25  ?  24   GLU A CD   1 
ATOM   152  O  OE1  . GLU A 1 24  ? -12.615 21.424  -11.180 1.00 65.15  -1 24   GLU A OE1  1 
ATOM   153  O  OE2  . GLU A 1 24  ? -11.904 20.364  -12.973 1.00 60.69  ?  24   GLU A OE2  1 
ATOM   154  N  N    . LYS A 1 25  ? -7.820  20.913  -8.663  1.00 33.45  ?  25   LYS A N    1 
ATOM   155  C  CA   . LYS A 1 25  ? -6.569  21.554  -9.047  1.00 41.76  ?  25   LYS A CA   1 
ATOM   156  C  C    . LYS A 1 25  ? -5.387  20.631  -8.788  1.00 44.55  ?  25   LYS A C    1 
ATOM   157  O  O    . LYS A 1 25  ? -4.487  20.521  -9.614  1.00 41.15  ?  25   LYS A O    1 
ATOM   158  C  CB   . LYS A 1 25  ? -6.365  22.868  -8.298  1.00 42.52  ?  25   LYS A CB   1 
ATOM   159  C  CG   . LYS A 1 25  ? -4.991  23.460  -8.545  1.00 50.59  ?  25   LYS A CG   1 
ATOM   160  C  CD   . LYS A 1 25  ? -4.739  24.731  -7.750  1.00 54.42  ?  25   LYS A CD   1 
ATOM   161  C  CE   . LYS A 1 25  ? -3.462  25.421  -8.232  1.00 64.81  ?  25   LYS A CE   1 
ATOM   162  N  NZ   . LYS A 1 25  ? -2.938  26.419  -7.257  1.00 68.54  1  25   LYS A NZ   1 
ATOM   163  N  N    . GLU A 1 26  ? -5.405  19.972  -7.632  1.00 35.95  ?  26   GLU A N    1 
ATOM   164  C  CA   . GLU A 1 26  ? -4.363  19.024  -7.256  1.00 39.20  ?  26   GLU A CA   1 
ATOM   165  C  C    . GLU A 1 26  ? -4.345  17.835  -8.217  1.00 38.83  ?  26   GLU A C    1 
ATOM   166  O  O    . GLU A 1 26  ? -3.279  17.328  -8.576  1.00 37.30  ?  26   GLU A O    1 
ATOM   167  C  CB   . GLU A 1 26  ? -4.574  18.544  -5.817  1.00 39.68  ?  26   GLU A CB   1 
ATOM   168  C  CG   . GLU A 1 26  ? -4.397  19.630  -4.754  1.00 42.38  ?  26   GLU A CG   1 
ATOM   169  C  CD   . GLU A 1 26  ? -4.672  19.122  -3.348  1.00 45.42  ?  26   GLU A CD   1 
ATOM   170  O  OE1  . GLU A 1 26  ? -5.715  18.465  -3.144  1.00 42.41  ?  26   GLU A OE1  1 
ATOM   171  O  OE2  . GLU A 1 26  ? -3.846  19.379  -2.448  1.00 44.78  -1 26   GLU A OE2  1 
ATOM   172  N  N    . ILE A 1 27  ? -5.526  17.401  -8.643  1.00 34.01  ?  27   ILE A N    1 
ATOM   173  C  CA   . ILE A 1 27  ? -5.647  16.224  -9.496  1.00 36.92  ?  27   ILE A CA   1 
ATOM   174  C  C    . ILE A 1 27  ? -5.088  16.524  -10.885 1.00 41.66  ?  27   ILE A C    1 
ATOM   175  O  O    . ILE A 1 27  ? -4.435  15.678  -11.501 1.00 37.48  ?  27   ILE A O    1 
ATOM   176  C  CB   . ILE A 1 27  ? -7.110  15.753  -9.556  1.00 35.44  ?  27   ILE A CB   1 
ATOM   177  C  CG1  . ILE A 1 27  ? -7.493  15.096  -8.231  1.00 33.40  ?  27   ILE A CG1  1 
ATOM   178  C  CG2  . ILE A 1 27  ? -7.326  14.767  -10.696 1.00 38.71  ?  27   ILE A CG2  1 
ATOM   179  C  CD1  . ILE A 1 27  ? -8.955  14.752  -8.120  1.00 37.31  ?  27   ILE A CD1  1 
ATOM   180  N  N    . ARG A 1 28  ? -5.332  17.742  -11.362 1.00 36.59  ?  28   ARG A N    1 
ATOM   181  C  CA   . ARG A 1 28  ? -4.793  18.185  -12.642 1.00 39.75  ?  28   ARG A CA   1 
ATOM   182  C  C    . ARG A 1 28  ? -3.279  18.340  -12.563 1.00 44.49  ?  28   ARG A C    1 
ATOM   183  O  O    . ARG A 1 28  ? -2.567  18.069  -13.527 1.00 42.74  ?  28   ARG A O    1 
ATOM   184  C  CB   . ARG A 1 28  ? -5.429  19.506  -13.082 1.00 37.27  ?  28   ARG A CB   1 
ATOM   185  C  CG   . ARG A 1 28  ? -6.810  19.360  -13.705 1.00 40.45  ?  28   ARG A CG   1 
ATOM   186  C  CD   . ARG A 1 28  ? -7.418  20.724  -13.979 1.00 50.01  ?  28   ARG A CD   1 
ATOM   187  N  NE   . ARG A 1 28  ? -8.861  20.659  -14.197 1.00 51.41  ?  28   ARG A NE   1 
ATOM   188  C  CZ   . ARG A 1 28  ? -9.421  20.211  -15.315 1.00 55.77  ?  28   ARG A CZ   1 
ATOM   189  N  NH1  . ARG A 1 28  ? -8.655  19.786  -16.312 1.00 58.91  1  28   ARG A NH1  1 
ATOM   190  N  NH2  . ARG A 1 28  ? -10.741 20.186  -15.438 1.00 59.29  ?  28   ARG A NH2  1 
ATOM   191  N  N    . GLN A 1 29  ? -2.788  18.772  -11.408 1.00 38.55  ?  29   GLN A N    1 
ATOM   192  C  CA   . GLN A 1 29  ? -1.349  18.933  -11.213 1.00 41.65  ?  29   GLN A CA   1 
ATOM   193  C  C    . GLN A 1 29  ? -0.653  17.573  -11.207 1.00 45.67  ?  29   GLN A C    1 
ATOM   194  O  O    . GLN A 1 29  ? 0.415   17.407  -11.802 1.00 44.52  ?  29   GLN A O    1 
ATOM   195  C  CB   . GLN A 1 29  ? -1.061  19.684  -9.915  1.00 48.37  ?  29   GLN A CB   1 
ATOM   196  C  CG   . GLN A 1 29  ? -1.486  21.144  -9.935  1.00 56.52  ?  29   GLN A CG   1 
ATOM   197  C  CD   . GLN A 1 29  ? -1.353  21.807  -8.575  1.00 70.62  ?  29   GLN A CD   1 
ATOM   198  O  OE1  . GLN A 1 29  ? -1.720  21.230  -7.550  1.00 63.12  ?  29   GLN A OE1  1 
ATOM   199  N  NE2  . GLN A 1 29  ? -0.814  23.019  -8.558  1.00 70.17  ?  29   GLN A NE2  1 
ATOM   200  N  N    . TRP A 1 30  ? -1.268  16.604  -10.533 1.00 37.72  ?  30   TRP A N    1 
ATOM   201  C  CA   . TRP A 1 30  ? -0.743  15.246  -10.488 1.00 41.20  ?  30   TRP A CA   1 
ATOM   202  C  C    . TRP A 1 30  ? -0.764  14.599  -11.873 1.00 37.99  ?  30   TRP A C    1 
ATOM   203  O  O    . TRP A 1 30  ? 0.110   13.794  -12.197 1.00 42.46  ?  30   TRP A O    1 
ATOM   204  C  CB   . TRP A 1 30  ? -1.537  14.385  -9.504  1.00 34.46  ?  30   TRP A CB   1 
ATOM   205  C  CG   . TRP A 1 30  ? -0.953  14.337  -8.110  1.00 43.83  ?  30   TRP A CG   1 
ATOM   206  C  CD1  . TRP A 1 30  ? -1.520  14.820  -6.964  1.00 47.55  ?  30   TRP A CD1  1 
ATOM   207  C  CD2  . TRP A 1 30  ? 0.308   13.780  -7.728  1.00 49.54  ?  30   TRP A CD2  1 
ATOM   208  N  NE1  . TRP A 1 30  ? -0.691  14.592  -5.893  1.00 46.53  ?  30   TRP A NE1  1 
ATOM   209  C  CE2  . TRP A 1 30  ? 0.441   13.958  -6.335  1.00 50.74  ?  30   TRP A CE2  1 
ATOM   210  C  CE3  . TRP A 1 30  ? 1.341   13.145  -8.428  1.00 46.62  ?  30   TRP A CE3  1 
ATOM   211  C  CZ2  . TRP A 1 30  ? 1.564   13.525  -5.630  1.00 48.76  ?  30   TRP A CZ2  1 
ATOM   212  C  CZ3  . TRP A 1 30  ? 2.457   12.716  -7.726  1.00 52.62  ?  30   TRP A CZ3  1 
ATOM   213  C  CH2  . TRP A 1 30  ? 2.558   12.906  -6.342  1.00 59.84  ?  30   TRP A CH2  1 
ATOM   214  N  N    . HIS A 1 31  ? -1.758  14.955  -12.686 1.00 32.98  ?  31   HIS A N    1 
ATOM   215  C  CA   . HIS A 1 31  ? -1.936  14.331  -13.995 1.00 43.94  ?  31   HIS A CA   1 
ATOM   216  C  C    . HIS A 1 31  ? -0.845  14.741  -14.970 1.00 49.21  ?  31   HIS A C    1 
ATOM   217  O  O    . HIS A 1 31  ? -0.336  13.910  -15.723 1.00 47.46  ?  31   HIS A O    1 
ATOM   218  C  CB   . HIS A 1 31  ? -3.310  14.664  -14.586 1.00 44.09  ?  31   HIS A CB   1 
ATOM   219  C  CG   . HIS A 1 31  ? -3.620  13.911  -15.846 1.00 49.06  ?  31   HIS A CG   1 
ATOM   220  N  ND1  . HIS A 1 31  ? -3.661  12.533  -15.896 1.00 49.44  ?  31   HIS A ND1  1 
ATOM   221  C  CD2  . HIS A 1 31  ? -3.903  14.338  -17.099 1.00 48.03  ?  31   HIS A CD2  1 
ATOM   222  C  CE1  . HIS A 1 31  ? -3.954  12.144  -17.127 1.00 50.76  ?  31   HIS A CE1  1 
ATOM   223  N  NE2  . HIS A 1 31  ? -4.108  13.223  -17.875 1.00 55.87  ?  31   HIS A NE2  1 
ATOM   224  N  N    . LYS A 1 32  ? -0.495  16.023  -14.963 1.00 45.11  ?  32   LYS A N    1 
ATOM   225  C  CA   . LYS A 1 32  ? 0.595   16.515  -15.797 1.00 49.85  ?  32   LYS A CA   1 
ATOM   226  C  C    . LYS A 1 32  ? 1.891   15.806  -15.430 1.00 47.72  ?  32   LYS A C    1 
ATOM   227  O  O    . LYS A 1 32  ? 2.660   15.412  -16.302 1.00 48.07  ?  32   LYS A O    1 
ATOM   228  C  CB   . LYS A 1 32  ? 0.762   18.032  -15.655 1.00 48.04  ?  32   LYS A CB   1 
ATOM   229  C  CG   . LYS A 1 32  ? -0.283  18.852  -16.404 1.00 60.33  ?  32   LYS A CG   1 
ATOM   230  C  CD   . LYS A 1 32  ? -0.138  20.344  -16.133 1.00 61.36  ?  32   LYS A CD   1 
ATOM   231  C  CE   . LYS A 1 32  ? -1.205  21.146  -16.867 1.00 70.66  ?  32   LYS A CE   1 
ATOM   232  N  NZ   . LYS A 1 32  ? -2.586  20.870  -16.377 1.00 74.07  1  32   LYS A NZ   1 
ATOM   233  N  N    . GLY A 1 33  ? 2.124   15.633  -14.133 1.00 44.13  ?  33   GLY A N    1 
ATOM   234  C  CA   . GLY A 1 33  ? 3.308   14.933  -13.670 1.00 44.70  ?  33   GLY A CA   1 
ATOM   235  C  C    . GLY A 1 33  ? 3.260   13.455  -13.993 1.00 44.96  ?  33   GLY A C    1 
ATOM   236  O  O    . GLY A 1 33  ? 4.266   12.855  -14.373 1.00 46.51  ?  33   GLY A O    1 
ATOM   237  N  N    . PHE A 1 34  ? 2.080   12.868  -13.836 1.00 42.21  ?  34   PHE A N    1 
ATOM   238  C  CA   . PHE A 1 34  ? 1.863   11.466  -14.167 1.00 37.15  ?  34   PHE A CA   1 
ATOM   239  C  C    . PHE A 1 34  ? 2.167   11.171  -15.632 1.00 43.97  ?  34   PHE A C    1 
ATOM   240  O  O    . PHE A 1 34  ? 2.834   10.188  -15.949 1.00 39.60  ?  34   PHE A O    1 
ATOM   241  C  CB   . PHE A 1 34  ? 0.426   11.072  -13.848 1.00 38.98  ?  34   PHE A CB   1 
ATOM   242  C  CG   . PHE A 1 34  ? 0.158   9.603   -13.963 1.00 37.10  ?  34   PHE A CG   1 
ATOM   243  C  CD1  . PHE A 1 34  ? 0.516   8.737   -12.944 1.00 34.99  ?  34   PHE A CD1  1 
ATOM   244  C  CD2  . PHE A 1 34  ? -0.478  9.091   -15.080 1.00 38.76  ?  34   PHE A CD2  1 
ATOM   245  C  CE1  . PHE A 1 34  ? 0.257   7.384   -13.043 1.00 39.92  ?  34   PHE A CE1  1 
ATOM   246  C  CE2  . PHE A 1 34  ? -0.739  7.740   -15.182 1.00 34.39  ?  34   PHE A CE2  1 
ATOM   247  C  CZ   . PHE A 1 34  ? -0.369  6.885   -14.162 1.00 35.59  ?  34   PHE A CZ   1 
ATOM   248  N  N    . LEU A 1 35  ? 1.682   12.030  -16.523 1.00 41.07  ?  35   LEU A N    1 
ATOM   249  C  CA   . LEU A 1 35  ? 1.865   11.824  -17.958 1.00 44.37  ?  35   LEU A CA   1 
ATOM   250  C  C    . LEU A 1 35  ? 3.291   12.108  -18.418 1.00 49.87  ?  35   LEU A C    1 
ATOM   251  O  O    . LEU A 1 35  ? 3.760   11.519  -19.392 1.00 51.22  ?  35   LEU A O    1 
ATOM   252  C  CB   . LEU A 1 35  ? 0.887   12.691  -18.752 1.00 43.72  ?  35   LEU A CB   1 
ATOM   253  C  CG   . LEU A 1 35  ? -0.522  12.114  -18.887 1.00 46.39  ?  35   LEU A CG   1 
ATOM   254  C  CD1  . LEU A 1 35  ? -1.354  12.948  -19.845 1.00 49.56  ?  35   LEU A CD1  1 
ATOM   255  C  CD2  . LEU A 1 35  ? -0.461  10.665  -19.352 1.00 50.11  ?  35   LEU A CD2  1 
ATOM   256  N  N    . LYS A 1 36  ? 3.975   13.009  -17.721 1.00 45.55  ?  36   LYS A N    1 
ATOM   257  C  CA   . LYS A 1 36  ? 5.367   13.319  -18.032 1.00 53.65  ?  36   LYS A CA   1 
ATOM   258  C  C    . LYS A 1 36  ? 6.218   12.073  -17.823 1.00 54.67  ?  36   LYS A C    1 
ATOM   259  O  O    . LYS A 1 36  ? 7.039   11.718  -18.669 1.00 52.48  ?  36   LYS A O    1 
ATOM   260  C  CB   . LYS A 1 36  ? 5.882   14.471  -17.165 1.00 52.38  ?  36   LYS A CB   1 
ATOM   261  C  CG   . LYS A 1 36  ? 7.369   14.756  -17.332 1.00 64.11  ?  36   LYS A CG   1 
ATOM   262  C  CD   . LYS A 1 36  ? 7.785   16.020  -16.585 1.00 64.04  ?  36   LYS A CD   1 
ATOM   263  C  CE   . LYS A 1 36  ? 7.581   15.885  -15.085 1.00 80.08  ?  36   LYS A CE   1 
ATOM   264  N  NZ   . LYS A 1 36  ? 8.687   15.125  -14.441 1.00 76.68  1  36   LYS A NZ   1 
ATOM   265  N  N    . ASP A 1 37  ? 6.004   11.407  -16.693 1.00 47.80  ?  37   ASP A N    1 
ATOM   266  C  CA   . ASP A 1 37  ? 6.748   10.200  -16.365 1.00 51.69  ?  37   ASP A CA   1 
ATOM   267  C  C    . ASP A 1 37  ? 6.198   8.967   -17.084 1.00 45.98  ?  37   ASP A C    1 
ATOM   268  O  O    . ASP A 1 37  ? 6.944   8.033   -17.373 1.00 48.41  ?  37   ASP A O    1 
ATOM   269  C  CB   . ASP A 1 37  ? 6.749   9.969   -14.851 1.00 56.83  ?  37   ASP A CB   1 
ATOM   270  C  CG   . ASP A 1 37  ? 7.613   10.973  -14.110 1.00 69.71  ?  37   ASP A CG   1 
ATOM   271  O  OD1  . ASP A 1 37  ? 8.305   11.770  -14.779 1.00 70.30  ?  37   ASP A OD1  1 
ATOM   272  O  OD2  . ASP A 1 37  ? 7.604   10.965  -12.860 1.00 78.90  -1 37   ASP A OD2  1 
ATOM   273  N  N    . CYS A 1 38  ? 4.899   8.962   -17.375 1.00 43.97  ?  38   CYS A N    1 
ATOM   274  C  CA   . CYS A 1 38  ? 4.283   7.810   -18.028 1.00 40.78  ?  38   CYS A CA   1 
ATOM   275  C  C    . CYS A 1 38  ? 3.429   8.239   -19.225 1.00 42.70  ?  38   CYS A C    1 
ATOM   276  O  O    . CYS A 1 38  ? 2.202   8.289   -19.121 1.00 41.31  ?  38   CYS A O    1 
ATOM   277  C  CB   . CYS A 1 38  ? 3.435   7.026   -17.021 1.00 43.29  ?  38   CYS A CB   1 
ATOM   278  S  SG   . CYS A 1 38  ? 4.315   6.593   -15.502 1.00 46.21  ?  38   CYS A SG   1 
ATOM   279  N  N    . PRO A 1 39  ? 4.077   8.544   -20.366 1.00 38.87  ?  39   PRO A N    1 
ATOM   280  C  CA   . PRO A 1 39  ? 3.416   9.054   -21.575 1.00 37.08  ?  39   PRO A CA   1 
ATOM   281  C  C    . PRO A 1 39  ? 2.252   8.207   -22.088 1.00 36.73  ?  39   PRO A C    1 
ATOM   282  O  O    . PRO A 1 39  ? 1.399   8.737   -22.803 1.00 40.89  ?  39   PRO A O    1 
ATOM   283  C  CB   . PRO A 1 39  ? 4.548   9.063   -22.605 1.00 49.17  ?  39   PRO A CB   1 
ATOM   284  C  CG   . PRO A 1 39  ? 5.753   9.327   -21.803 1.00 51.17  ?  39   PRO A CG   1 
ATOM   285  C  CD   . PRO A 1 39  ? 5.544   8.560   -20.513 1.00 41.35  ?  39   PRO A CD   1 
ATOM   286  N  N    . ASN A 1 40  ? 2.227   6.921   -21.749 1.00 33.19  ?  40   ASN A N    1 
ATOM   287  C  CA   . ASN A 1 40  ? 1.158   6.042   -22.212 1.00 36.30  ?  40   ASN A CA   1 
ATOM   288  C  C    . ASN A 1 40  ? 0.029   5.960   -21.197 1.00 37.48  ?  40   ASN A C    1 
ATOM   289  O  O    . ASN A 1 40  ? -0.957  5.253   -21.399 1.00 32.65  ?  40   ASN A O    1 
ATOM   290  C  CB   . ASN A 1 40  ? 1.696   4.640   -22.513 1.00 36.84  ?  40   ASN A CB   1 
ATOM   291  C  CG   . ASN A 1 40  ? 2.214   3.937   -21.279 1.00 43.49  ?  40   ASN A CG   1 
ATOM   292  O  OD1  . ASN A 1 40  ? 2.441   4.558   -20.237 1.00 35.78  ?  40   ASN A OD1  1 
ATOM   293  N  ND2  . ASN A 1 40  ? 2.401   2.629   -21.386 1.00 32.11  ?  40   ASN A ND2  1 
ATOM   294  N  N    . GLY A 1 41  ? 0.189   6.698   -20.105 1.00 37.97  ?  41   GLY A N    1 
ATOM   295  C  CA   . GLY A 1 41  ? -0.804  6.735   -19.051 1.00 36.57  ?  41   GLY A CA   1 
ATOM   296  C  C    . GLY A 1 41  ? -0.811  5.489   -18.192 1.00 38.53  ?  41   GLY A C    1 
ATOM   297  O  O    . GLY A 1 41  ? -1.720  5.277   -17.388 1.00 34.30  ?  41   GLY A O    1 
ATOM   298  N  N    . LEU A 1 42  ? 0.214   4.663   -18.357 1.00 30.71  ?  42   LEU A N    1 
ATOM   299  C  CA   . LEU A 1 42  ? 0.299   3.407   -17.635 1.00 34.08  ?  42   LEU A CA   1 
ATOM   300  C  C    . LEU A 1 42  ? 1.579   3.318   -16.814 1.00 36.84  ?  42   LEU A C    1 
ATOM   301  O  O    . LEU A 1 42  ? 2.683   3.301   -17.359 1.00 40.80  ?  42   LEU A O    1 
ATOM   302  C  CB   . LEU A 1 42  ? 0.214   2.234   -18.611 1.00 37.88  ?  42   LEU A CB   1 
ATOM   303  C  CG   . LEU A 1 42  ? -1.102  2.129   -19.377 1.00 41.69  ?  42   LEU A CG   1 
ATOM   304  C  CD1  . LEU A 1 42  ? -0.978  1.049   -20.440 1.00 38.39  ?  42   LEU A CD1  1 
ATOM   305  C  CD2  . LEU A 1 42  ? -2.269  1.848   -18.429 1.00 36.75  ?  42   LEU A CD2  1 
ATOM   306  N  N    . LEU A 1 43  ? 1.421   3.272   -15.498 1.00 30.69  ?  43   LEU A N    1 
ATOM   307  C  CA   . LEU A 1 43  ? 2.552   3.116   -14.596 1.00 30.58  ?  43   LEU A CA   1 
ATOM   308  C  C    . LEU A 1 43  ? 2.782   1.635   -14.326 1.00 32.00  ?  43   LEU A C    1 
ATOM   309  O  O    . LEU A 1 43  ? 1.925   0.964   -13.749 1.00 38.41  ?  43   LEU A O    1 
ATOM   310  C  CB   . LEU A 1 43  ? 2.302   3.881   -13.296 1.00 30.58  ?  43   LEU A CB   1 
ATOM   311  C  CG   . LEU A 1 43  ? 3.300   3.704   -12.164 1.00 34.61  ?  43   LEU A CG   1 
ATOM   312  C  CD1  . LEU A 1 43  ? 4.678   4.155   -12.605 1.00 40.58  ?  43   LEU A CD1  1 
ATOM   313  C  CD2  . LEU A 1 43  ? 2.810   4.477   -10.936 1.00 30.58  ?  43   LEU A CD2  1 
ATOM   314  N  N    . THR A 1 44  ? 3.930   1.130   -14.764 1.00 36.92  ?  44   THR A N    1 
ATOM   315  C  CA   . THR A 1 44  ? 4.232   -0.293  -14.671 1.00 37.96  ?  44   THR A CA   1 
ATOM   316  C  C    . THR A 1 44  ? 5.029   -0.619  -13.413 1.00 36.64  ?  44   THR A C    1 
ATOM   317  O  O    . THR A 1 44  ? 5.504   0.288   -12.728 1.00 39.83  ?  44   THR A O    1 
ATOM   318  C  CB   . THR A 1 44  ? 5.025   -0.768  -15.903 1.00 31.39  ?  44   THR A CB   1 
ATOM   319  O  OG1  . THR A 1 44  ? 6.350   -0.222  -15.857 1.00 38.65  ?  44   THR A OG1  1 
ATOM   320  C  CG2  . THR A 1 44  ? 4.341   -0.317  -17.176 1.00 33.38  ?  44   THR A CG2  1 
ATOM   321  N  N    . GLU A 1 45  ? 5.170   -1.913  -13.120 1.00 40.18  ?  45   GLU A N    1 
ATOM   322  C  CA   . GLU A 1 45  ? 5.908   -2.369  -11.943 1.00 43.69  ?  45   GLU A CA   1 
ATOM   323  C  C    . GLU A 1 45  ? 7.354   -1.901  -12.006 1.00 46.41  ?  45   GLU A C    1 
ATOM   324  O  O    . GLU A 1 45  ? 7.925   -1.481  -11.001 1.00 43.07  ?  45   GLU A O    1 
ATOM   325  C  CB   . GLU A 1 45  ? 5.848   -3.893  -11.823 1.00 45.66  ?  45   GLU A CB   1 
ATOM   326  C  CG   . GLU A 1 45  ? 6.563   -4.458  -10.601 1.00 46.14  ?  45   GLU A CG   1 
ATOM   327  C  CD   . GLU A 1 45  ? 6.185   -5.900  -10.321 1.00 58.95  ?  45   GLU A CD   1 
ATOM   328  O  OE1  . GLU A 1 45  ? 5.048   -6.293  -10.658 1.00 74.92  ?  45   GLU A OE1  1 
ATOM   329  O  OE2  . GLU A 1 45  ? 7.025   -6.639  -9.769  1.00 79.07  -1 45   GLU A OE2  1 
ATOM   330  N  N    . GLN A 1 46  ? 7.940   -1.972  -13.195 1.00 41.32  ?  46   GLN A N    1 
ATOM   331  C  CA   A GLN A 1 46  ? 9.297   -1.500  -13.426 0.50 46.57  ?  46   GLN A CA   1 
ATOM   332  C  CA   B GLN A 1 46  ? 9.315   -1.526  -13.368 0.50 46.47  ?  46   GLN A CA   1 
ATOM   333  C  C    . GLN A 1 46  ? 9.436   -0.042  -13.013 1.00 44.28  ?  46   GLN A C    1 
ATOM   334  O  O    . GLN A 1 46  ? 10.307  0.329   -12.226 1.00 46.83  ?  46   GLN A O    1 
ATOM   335  C  CB   A GLN A 1 46  ? 9.660   -1.655  -14.899 0.50 46.22  ?  46   GLN A CB   1 
ATOM   336  C  CB   B GLN A 1 46  ? 9.809   -1.786  -14.797 0.50 45.73  ?  46   GLN A CB   1 
ATOM   337  C  CG   A GLN A 1 46  ? 10.825  -2.566  -15.162 0.50 48.75  ?  46   GLN A CG   1 
ATOM   338  C  CG   B GLN A 1 46  ? 9.837   -3.260  -15.212 0.50 49.97  ?  46   GLN A CG   1 
ATOM   339  C  CD   A GLN A 1 46  ? 11.458  -2.285  -16.502 0.50 50.44  ?  46   GLN A CD   1 
ATOM   340  C  CD   B GLN A 1 46  ? 10.808  -4.115  -14.403 0.50 51.68  ?  46   GLN A CD   1 
ATOM   341  O  OE1  A GLN A 1 46  ? 10.891  -1.570  -17.329 0.50 48.29  ?  46   GLN A OE1  1 
ATOM   342  O  OE1  B GLN A 1 46  ? 11.617  -3.604  -13.627 0.50 53.79  ?  46   GLN A OE1  1 
ATOM   343  N  NE2  A GLN A 1 46  ? 12.640  -2.845  -16.730 0.50 50.01  ?  46   GLN A NE2  1 
ATOM   344  N  NE2  B GLN A 1 46  ? 10.730  -5.428  -14.590 0.50 53.47  ?  46   GLN A NE2  1 
ATOM   345  N  N    . GLY A 1 47  ? 8.557   0.789   -13.569 1.00 44.00  ?  47   GLY A N    1 
ATOM   346  C  CA   . GLY A 1 47  ? 8.556   2.211   -13.275 1.00 47.86  ?  47   GLY A CA   1 
ATOM   347  C  C    . GLY A 1 47  ? 8.271   2.531   -11.818 1.00 45.52  ?  47   GLY A C    1 
ATOM   348  O  O    . GLY A 1 47  ? 8.872   3.440   -11.244 1.00 54.01  ?  47   GLY A O    1 
ATOM   349  N  N    . PHE A 1 48  ? 7.348   1.781   -11.223 1.00 47.10  ?  48   PHE A N    1 
ATOM   350  C  CA   . PHE A 1 48  ? 7.012   1.940   -9.812  1.00 46.79  ?  48   PHE A CA   1 
ATOM   351  C  C    . PHE A 1 48  ? 8.228   1.677   -8.929  1.00 49.12  ?  48   PHE A C    1 
ATOM   352  O  O    . PHE A 1 48  ? 8.433   2.361   -7.925  1.00 53.91  ?  48   PHE A O    1 
ATOM   353  C  CB   . PHE A 1 48  ? 5.868   1.001   -9.432  1.00 42.33  ?  48   PHE A CB   1 
ATOM   354  C  CG   . PHE A 1 48  ? 5.089   1.452   -8.234  1.00 39.78  ?  48   PHE A CG   1 
ATOM   355  C  CD1  . PHE A 1 48  ? 4.154   2.465   -8.346  1.00 41.84  ?  48   PHE A CD1  1 
ATOM   356  C  CD2  . PHE A 1 48  ? 5.282   0.856   -7.001  1.00 42.15  ?  48   PHE A CD2  1 
ATOM   357  C  CE1  . PHE A 1 48  ? 3.431   2.886   -7.252  1.00 43.82  ?  48   PHE A CE1  1 
ATOM   358  C  CE2  . PHE A 1 48  ? 4.559   1.273   -5.896  1.00 43.77  ?  48   PHE A CE2  1 
ATOM   359  C  CZ   . PHE A 1 48  ? 3.634   2.289   -6.026  1.00 44.14  ?  48   PHE A CZ   1 
ATOM   360  N  N    . ILE A 1 49  ? 9.027   0.683   -9.308  1.00 47.99  ?  49   ILE A N    1 
ATOM   361  C  CA   . ILE A 1 49  ? 10.247  0.356   -8.581  1.00 51.48  ?  49   ILE A CA   1 
ATOM   362  C  C    . ILE A 1 49  ? 11.251  1.498   -8.675  1.00 56.27  ?  49   ILE A C    1 
ATOM   363  O  O    . ILE A 1 49  ? 11.827  1.913   -7.669  1.00 56.60  ?  49   ILE A O    1 
ATOM   364  C  CB   . ILE A 1 49  ? 10.871  -0.952  -9.096  1.00 51.92  ?  49   ILE A CB   1 
ATOM   365  C  CG1  . ILE A 1 49  ? 10.015  -2.155  -8.697  1.00 48.84  ?  49   ILE A CG1  1 
ATOM   366  C  CG2  . ILE A 1 49  ? 12.287  -1.114  -8.568  1.00 56.19  ?  49   ILE A CG2  1 
ATOM   367  C  CD1  . ILE A 1 49  ? 10.564  -3.488  -9.175  1.00 41.53  ?  49   ILE A CD1  1 
ATOM   368  N  N    . LYS A 1 50  ? 11.447  2.009   -9.889  1.00 57.13  ?  50   LYS A N    1 
ATOM   369  C  CA   . LYS A 1 50  ? 12.370  3.117   -10.121 1.00 56.34  ?  50   LYS A CA   1 
ATOM   370  C  C    . LYS A 1 50  ? 11.950  4.359   -9.342  1.00 58.16  ?  50   LYS A C    1 
ATOM   371  O  O    . LYS A 1 50  ? 12.776  5.222   -9.049  1.00 66.55  ?  50   LYS A O    1 
ATOM   372  C  CB   . LYS A 1 50  ? 12.460  3.439   -11.613 1.00 55.79  ?  50   LYS A CB   1 
ATOM   373  C  CG   . LYS A 1 50  ? 12.914  2.270   -12.466 1.00 56.53  ?  50   LYS A CG   1 
ATOM   374  C  CD   . LYS A 1 50  ? 12.727  2.549   -13.947 1.00 60.66  ?  50   LYS A CD   1 
ATOM   375  C  CE   . LYS A 1 50  ? 13.997  2.254   -14.728 1.00 67.06  ?  50   LYS A CE   1 
ATOM   376  N  NZ   . LYS A 1 50  ? 13.800  2.359   -16.201 1.00 82.94  1  50   LYS A NZ   1 
ATOM   377  N  N    . ILE A 1 51  ? 10.666  4.442   -9.013  1.00 53.51  ?  51   ILE A N    1 
ATOM   378  C  CA   . ILE A 1 51  ? 10.161  5.516   -8.174  1.00 58.44  ?  51   ILE A CA   1 
ATOM   379  C  C    . ILE A 1 51  ? 10.713  5.357   -6.760  1.00 63.83  ?  51   ILE A C    1 
ATOM   380  O  O    . ILE A 1 51  ? 11.151  6.323   -6.143  1.00 68.80  ?  51   ILE A O    1 
ATOM   381  C  CB   . ILE A 1 51  ? 8.622   5.545   -8.173  1.00 56.54  ?  51   ILE A CB   1 
ATOM   382  C  CG1  . ILE A 1 51  ? 8.102   6.021   -9.526  1.00 54.49  ?  51   ILE A CG1  1 
ATOM   383  C  CG2  . ILE A 1 51  ? 8.110   6.465   -7.083  1.00 59.86  ?  51   ILE A CG2  1 
ATOM   384  C  CD1  . ILE A 1 51  ? 6.600   6.238   -9.564  1.00 51.20  ?  51   ILE A CD1  1 
ATOM   385  N  N    . TYR A 1 52  ? 10.699  4.126   -6.258  1.00 65.12  ?  52   TYR A N    1 
ATOM   386  C  CA   . TYR A 1 52  ? 11.192  3.833   -4.916  1.00 64.39  ?  52   TYR A CA   1 
ATOM   387  C  C    . TYR A 1 52  ? 12.719  3.838   -4.849  1.00 64.07  ?  52   TYR A C    1 
ATOM   388  O  O    . TYR A 1 52  ? 13.303  4.236   -3.839  1.00 69.50  ?  52   TYR A O    1 
ATOM   389  C  CB   . TYR A 1 52  ? 10.660  2.485   -4.436  1.00 57.53  ?  52   TYR A CB   1 
ATOM   390  C  CG   . TYR A 1 52  ? 9.345   2.577   -3.697  1.00 56.42  ?  52   TYR A CG   1 
ATOM   391  C  CD1  . TYR A 1 52  ? 8.137   2.506   -4.375  1.00 55.57  ?  52   TYR A CD1  1 
ATOM   392  C  CD2  . TYR A 1 52  ? 9.316   2.722   -2.318  1.00 57.88  ?  52   TYR A CD2  1 
ATOM   393  C  CE1  . TYR A 1 52  ? 6.933   2.584   -3.701  1.00 58.01  ?  52   TYR A CE1  1 
ATOM   394  C  CE2  . TYR A 1 52  ? 8.120   2.804   -1.634  1.00 59.82  ?  52   TYR A CE2  1 
ATOM   395  C  CZ   . TYR A 1 52  ? 6.932   2.734   -2.331  1.00 55.61  ?  52   TYR A CZ   1 
ATOM   396  O  OH   . TYR A 1 52  ? 5.735   2.810   -1.660  1.00 51.83  ?  52   TYR A OH   1 
ATOM   397  N  N    . LYS A 1 53  ? 13.355  3.394   -5.929  1.00 65.06  ?  53   LYS A N    1 
ATOM   398  C  CA   . LYS A 1 53  ? 14.812  3.384   -6.035  1.00 66.47  ?  53   LYS A CA   1 
ATOM   399  C  C    . LYS A 1 53  ? 15.353  4.809   -5.932  1.00 70.85  ?  53   LYS A C    1 
ATOM   400  O  O    . LYS A 1 53  ? 16.525  5.033   -5.626  1.00 72.54  ?  53   LYS A O    1 
ATOM   401  C  CB   . LYS A 1 53  ? 15.239  2.749   -7.360  1.00 62.67  ?  53   LYS A CB   1 
ATOM   402  C  CG   . LYS A 1 53  ? 16.407  1.789   -7.261  1.00 60.87  ?  53   LYS A CG   1 
ATOM   403  C  CD   . LYS A 1 53  ? 16.520  0.949   -8.526  1.00 55.63  ?  53   LYS A CD   1 
ATOM   404  C  CE   . LYS A 1 53  ? 16.296  -0.526  -8.233  1.00 62.85  ?  53   LYS A CE   1 
ATOM   405  N  NZ   . LYS A 1 53  ? 17.251  -1.054  -7.223  1.00 64.18  1  53   LYS A NZ   1 
ATOM   406  N  N    . GLN A 1 54  ? 14.464  5.762   -6.188  1.00 69.06  ?  54   GLN A N    1 
ATOM   407  C  CA   . GLN A 1 54  ? 14.771  7.185   -6.183  1.00 70.79  ?  54   GLN A CA   1 
ATOM   408  C  C    . GLN A 1 54  ? 14.837  7.754   -4.764  1.00 70.77  ?  54   GLN A C    1 
ATOM   409  O  O    . GLN A 1 54  ? 15.447  8.799   -4.537  1.00 71.86  ?  54   GLN A O    1 
ATOM   410  C  CB   . GLN A 1 54  ? 13.716  7.923   -7.016  1.00 69.08  ?  54   GLN A CB   1 
ATOM   411  C  CG   . GLN A 1 54  ? 14.005  9.376   -7.340  1.00 69.75  ?  54   GLN A CG   1 
ATOM   412  C  CD   . GLN A 1 54  ? 12.829  10.044  -8.035  1.00 85.49  ?  54   GLN A CD   1 
ATOM   413  O  OE1  . GLN A 1 54  ? 11.734  9.483   -8.102  1.00 80.85  ?  54   GLN A OE1  1 
ATOM   414  N  NE2  . GLN A 1 54  ? 13.052  11.243  -8.560  1.00 83.53  ?  54   GLN A NE2  1 
ATOM   415  N  N    . PHE A 1 55  ? 14.214  7.068   -3.809  1.00 71.99  ?  55   PHE A N    1 
ATOM   416  C  CA   . PHE A 1 55  ? 14.242  7.515   -2.415  1.00 74.66  ?  55   PHE A CA   1 
ATOM   417  C  C    . PHE A 1 55  ? 15.022  6.550   -1.530  1.00 74.95  ?  55   PHE A C    1 
ATOM   418  O  O    . PHE A 1 55  ? 15.440  6.907   -0.429  1.00 76.79  ?  55   PHE A O    1 
ATOM   419  C  CB   . PHE A 1 55  ? 12.824  7.688   -1.864  1.00 74.17  ?  55   PHE A CB   1 
ATOM   420  C  CG   . PHE A 1 55  ? 11.968  8.613   -2.676  1.00 72.40  ?  55   PHE A CG   1 
ATOM   421  C  CD1  . PHE A 1 55  ? 11.217  8.130   -3.731  1.00 74.90  ?  55   PHE A CD1  1 
ATOM   422  C  CD2  . PHE A 1 55  ? 11.925  9.969   -2.395  1.00 71.70  ?  55   PHE A CD2  1 
ATOM   423  C  CE1  . PHE A 1 55  ? 10.431  8.975   -4.486  1.00 72.73  ?  55   PHE A CE1  1 
ATOM   424  C  CE2  . PHE A 1 55  ? 11.139  10.822  -3.149  1.00 83.58  ?  55   PHE A CE2  1 
ATOM   425  C  CZ   . PHE A 1 55  ? 10.391  10.324  -4.196  1.00 77.95  ?  55   PHE A CZ   1 
ATOM   426  N  N    . PHE A 1 56  ? 15.217  5.331   -2.013  1.00 73.12  ?  56   PHE A N    1 
ATOM   427  C  CA   . PHE A 1 56  ? 15.993  4.347   -1.272  1.00 73.84  ?  56   PHE A CA   1 
ATOM   428  C  C    . PHE A 1 56  ? 17.104  3.779   -2.153  1.00 80.13  ?  56   PHE A C    1 
ATOM   429  O  O    . PHE A 1 56  ? 17.051  2.616   -2.552  1.00 78.02  ?  56   PHE A O    1 
ATOM   430  C  CB   . PHE A 1 56  ? 15.085  3.230   -0.745  1.00 73.78  ?  56   PHE A CB   1 
ATOM   431  C  CG   . PHE A 1 56  ? 13.848  3.733   -0.045  1.00 70.06  ?  56   PHE A CG   1 
ATOM   432  C  CD1  . PHE A 1 56  ? 13.864  3.989   1.318   1.00 73.17  ?  56   PHE A CD1  1 
ATOM   433  C  CD2  . PHE A 1 56  ? 12.673  3.951   -0.747  1.00 72.39  ?  56   PHE A CD2  1 
ATOM   434  C  CE1  . PHE A 1 56  ? 12.732  4.454   1.968   1.00 61.96  ?  56   PHE A CE1  1 
ATOM   435  C  CE2  . PHE A 1 56  ? 11.539  4.417   -0.104  1.00 71.38  ?  56   PHE A CE2  1 
ATOM   436  C  CZ   . PHE A 1 56  ? 11.569  4.668   1.256   1.00 70.32  ?  56   PHE A CZ   1 
ATOM   437  N  N    . PRO A 1 57  ? 18.120  4.607   -2.456  1.00 87.72  ?  57   PRO A N    1 
ATOM   438  C  CA   . PRO A 1 57  ? 19.239  4.194   -3.312  1.00 94.20  ?  57   PRO A CA   1 
ATOM   439  C  C    . PRO A 1 57  ? 20.217  3.291   -2.569  1.00 97.36  ?  57   PRO A C    1 
ATOM   440  O  O    . PRO A 1 57  ? 20.892  2.453   -3.165  1.00 90.31  ?  57   PRO A O    1 
ATOM   441  C  CB   . PRO A 1 57  ? 19.905  5.523   -3.698  1.00 89.37  ?  57   PRO A CB   1 
ATOM   442  C  CG   . PRO A 1 57  ? 19.320  6.576   -2.770  1.00 81.58  ?  57   PRO A CG   1 
ATOM   443  C  CD   . PRO A 1 57  ? 18.372  5.911   -1.820  1.00 78.42  ?  57   PRO A CD   1 
ATOM   444  N  N    . ASP A 1 58  ? 20.277  3.492   -1.257  1.00 94.63  ?  58   ASP A N    1 
ATOM   445  C  CA   . ASP A 1 58  ? 21.053  2.673   -0.337  1.00 90.55  ?  58   ASP A CA   1 
ATOM   446  C  C    . ASP A 1 58  ? 20.791  1.178   -0.503  1.00 90.54  ?  58   ASP A C    1 
ATOM   447  O  O    . ASP A 1 58  ? 21.649  0.438   -0.987  1.00 93.21  ?  58   ASP A O    1 
ATOM   448  C  CB   . ASP A 1 58  ? 20.743  3.115   1.096   1.00 96.91  ?  58   ASP A CB   1 
ATOM   449  C  CG   . ASP A 1 58  ? 19.259  3.366   1.311   1.00 100.18 ?  58   ASP A CG   1 
ATOM   450  O  OD1  . ASP A 1 58  ? 18.437  2.623   0.728   1.00 90.46  ?  58   ASP A OD1  1 
ATOM   451  O  OD2  . ASP A 1 58  ? 18.911  4.319   2.038   1.00 110.57 -1 58   ASP A OD2  1 
ATOM   452  N  N    . GLY A 1 59  ? 19.603  0.746   -0.094  1.00 87.87  ?  59   GLY A N    1 
ATOM   453  C  CA   . GLY A 1 59  ? 19.228  -0.651  -0.171  1.00 80.57  ?  59   GLY A CA   1 
ATOM   454  C  C    . GLY A 1 59  ? 18.495  -0.999  -1.449  1.00 79.97  ?  59   GLY A C    1 
ATOM   455  O  O    . GLY A 1 59  ? 18.604  -0.290  -2.449  1.00 79.94  ?  59   GLY A O    1 
ATOM   456  N  N    . ASP A 1 60  ? 17.742  -2.092  -1.415  1.00 77.88  ?  60   ASP A N    1 
ATOM   457  C  CA   . ASP A 1 60  ? 17.021  -2.561  -2.589  1.00 72.77  ?  60   ASP A CA   1 
ATOM   458  C  C    . ASP A 1 60  ? 15.520  -2.593  -2.301  1.00 69.04  ?  60   ASP A C    1 
ATOM   459  O  O    . ASP A 1 60  ? 15.025  -3.527  -1.670  1.00 69.38  ?  60   ASP A O    1 
ATOM   460  C  CB   . ASP A 1 60  ? 17.526  -3.946  -3.000  1.00 67.91  ?  60   ASP A CB   1 
ATOM   461  C  CG   . ASP A 1 60  ? 16.815  -4.490  -4.220  1.00 74.66  ?  60   ASP A CG   1 
ATOM   462  O  OD1  . ASP A 1 60  ? 16.309  -3.682  -5.027  1.00 73.41  ?  60   ASP A OD1  1 
ATOM   463  O  OD2  . ASP A 1 60  ? 16.759  -5.729  -4.369  1.00 77.77  -1 60   ASP A OD2  1 
ATOM   464  N  N    . PRO A 1 61  ? 14.792  -1.565  -2.765  1.00 72.37  ?  61   PRO A N    1 
ATOM   465  C  CA   . PRO A 1 61  ? 13.354  -1.424  -2.521  1.00 66.26  ?  61   PRO A CA   1 
ATOM   466  C  C    . PRO A 1 61  ? 12.504  -2.135  -3.571  1.00 55.90  ?  61   PRO A C    1 
ATOM   467  O  O    . PRO A 1 61  ? 11.328  -1.810  -3.725  1.00 62.16  ?  61   PRO A O    1 
ATOM   468  C  CB   . PRO A 1 61  ? 13.138  0.095   -2.585  1.00 68.13  ?  61   PRO A CB   1 
ATOM   469  C  CG   . PRO A 1 61  ? 14.380  0.662   -3.283  1.00 69.28  ?  61   PRO A CG   1 
ATOM   470  C  CD   . PRO A 1 61  ? 15.289  -0.485  -3.631  1.00 74.33  ?  61   PRO A CD   1 
ATOM   471  N  N    . SER A 1 62  ? 13.095  -3.092  -4.277  1.00 59.60  ?  62   SER A N    1 
ATOM   472  C  CA   . SER A 1 62  ? 12.399  -3.810  -5.340  1.00 55.20  ?  62   SER A CA   1 
ATOM   473  C  C    . SER A 1 62  ? 11.210  -4.618  -4.837  1.00 52.93  ?  62   SER A C    1 
ATOM   474  O  O    . SER A 1 62  ? 10.145  -4.619  -5.451  1.00 54.86  ?  62   SER A O    1 
ATOM   475  C  CB   . SER A 1 62  ? 13.362  -4.750  -6.067  1.00 63.40  ?  62   SER A CB   1 
ATOM   476  O  OG   . SER A 1 62  ? 14.440  -4.037  -6.642  1.00 73.10  ?  62   SER A OG   1 
ATOM   477  N  N    . LYS A 1 63  ? 11.399  -5.314  -3.722  1.00 49.07  ?  63   LYS A N    1 
ATOM   478  C  CA   . LYS A 1 63  ? 10.393  -6.256  -3.253  1.00 51.45  ?  63   LYS A CA   1 
ATOM   479  C  C    . LYS A 1 63  ? 9.282   -5.515  -2.509  1.00 49.37  ?  63   LYS A C    1 
ATOM   480  O  O    . LYS A 1 63  ? 8.106   -5.869  -2.618  1.00 50.25  ?  63   LYS A O    1 
ATOM   481  C  CB   . LYS A 1 63  ? 11.039  -7.319  -2.364  1.00 55.43  ?  63   LYS A CB   1 
ATOM   482  C  CG   . LYS A 1 63  ? 10.148  -8.508  -2.090  1.00 56.29  ?  63   LYS A CG   1 
ATOM   483  C  CD   . LYS A 1 63  ? 10.680  -9.375  -0.962  1.00 62.00  ?  63   LYS A CD   1 
ATOM   484  C  CE   . LYS A 1 63  ? 9.775   -10.574 -0.728  1.00 62.03  ?  63   LYS A CE   1 
ATOM   485  N  NZ   . LYS A 1 63  ? 9.986   -11.215 0.604   1.00 74.29  1  63   LYS A NZ   1 
ATOM   486  N  N    . PHE A 1 64  ? 9.662   -4.483  -1.760  1.00 46.46  ?  64   PHE A N    1 
ATOM   487  C  CA   . PHE A 1 64  ? 8.694   -3.609  -1.105  1.00 50.34  ?  64   PHE A CA   1 
ATOM   488  C  C    . PHE A 1 64  ? 7.811   -2.902  -2.123  1.00 45.86  ?  64   PHE A C    1 
ATOM   489  O  O    . PHE A 1 64  ? 6.591   -2.846  -1.965  1.00 42.03  ?  64   PHE A O    1 
ATOM   490  C  CB   . PHE A 1 64  ? 9.397   -2.568  -0.238  1.00 45.64  ?  64   PHE A CB   1 
ATOM   491  C  CG   . PHE A 1 64  ? 8.457   -1.743  0.593   1.00 51.01  ?  64   PHE A CG   1 
ATOM   492  C  CD1  . PHE A 1 64  ? 7.859   -2.282  1.718   1.00 48.97  ?  64   PHE A CD1  1 
ATOM   493  C  CD2  . PHE A 1 64  ? 8.157   -0.437  0.236   1.00 44.44  ?  64   PHE A CD2  1 
ATOM   494  C  CE1  . PHE A 1 64  ? 6.989   -1.530  2.482   1.00 50.26  ?  64   PHE A CE1  1 
ATOM   495  C  CE2  . PHE A 1 64  ? 7.291   0.321   0.995   1.00 52.78  ?  64   PHE A CE2  1 
ATOM   496  C  CZ   . PHE A 1 64  ? 6.707   -0.227  2.119   1.00 53.34  ?  64   PHE A CZ   1 
ATOM   497  N  N    . ALA A 1 65  ? 8.441   -2.353  -3.157  1.00 49.31  ?  65   ALA A N    1 
ATOM   498  C  CA   . ALA A 1 65  ? 7.725   -1.608  -4.184  1.00 47.59  ?  65   ALA A CA   1 
ATOM   499  C  C    . ALA A 1 65  ? 6.768   -2.524  -4.930  1.00 42.43  ?  65   ALA A C    1 
ATOM   500  O  O    . ALA A 1 65  ? 5.664   -2.120  -5.292  1.00 40.11  ?  65   ALA A O    1 
ATOM   501  C  CB   . ALA A 1 65  ? 8.700   -0.951  -5.151  1.00 47.32  ?  65   ALA A CB   1 
ATOM   502  N  N    . SER A 1 66  ? 7.196   -3.762  -5.146  1.00 44.03  ?  66   SER A N    1 
ATOM   503  C  CA   . SER A 1 66  ? 6.373   -4.746  -5.833  1.00 41.32  ?  66   SER A CA   1 
ATOM   504  C  C    . SER A 1 66  ? 5.125   -5.069  -5.018  1.00 42.12  ?  66   SER A C    1 
ATOM   505  O  O    . SER A 1 66  ? 4.036   -5.244  -5.570  1.00 38.56  ?  66   SER A O    1 
ATOM   506  C  CB   . SER A 1 66  ? 7.180   -6.018  -6.103  1.00 44.12  ?  66   SER A CB   1 
ATOM   507  O  OG   . SER A 1 66  ? 7.999   -5.851  -7.244  1.00 48.93  ?  66   SER A OG   1 
ATOM   508  N  N    . LEU A 1 67  ? 5.296   -5.136  -3.701  1.00 41.87  ?  67   LEU A N    1 
ATOM   509  C  CA   . LEU A 1 67  ? 4.187   -5.400  -2.795  1.00 41.87  ?  67   LEU A CA   1 
ATOM   510  C  C    . LEU A 1 67  ? 3.217   -4.225  -2.760  1.00 44.81  ?  67   LEU A C    1 
ATOM   511  O  O    . LEU A 1 67  ? 2.006   -4.409  -2.718  1.00 43.28  ?  67   LEU A O    1 
ATOM   512  C  CB   . LEU A 1 67  ? 4.691   -5.696  -1.383  1.00 48.26  ?  67   LEU A CB   1 
ATOM   513  C  CG   . LEU A 1 67  ? 5.328   -7.074  -1.185  1.00 47.15  ?  67   LEU A CG   1 
ATOM   514  C  CD1  . LEU A 1 67  ? 6.004   -7.152  0.168   1.00 44.42  ?  67   LEU A CD1  1 
ATOM   515  C  CD2  . LEU A 1 67  ? 4.290   -8.174  -1.348  1.00 47.41  ?  67   LEU A CD2  1 
ATOM   516  N  N    . VAL A 1 68  ? 3.761   -3.015  -2.768  1.00 37.34  ?  68   VAL A N    1 
ATOM   517  C  CA   . VAL A 1 68  ? 2.938   -1.816  -2.810  1.00 40.30  ?  68   VAL A CA   1 
ATOM   518  C  C    . VAL A 1 68  ? 2.246   -1.710  -4.166  1.00 37.91  ?  68   VAL A C    1 
ATOM   519  O  O    . VAL A 1 68  ? 1.116   -1.228  -4.260  1.00 36.77  ?  68   VAL A O    1 
ATOM   520  C  CB   . VAL A 1 68  ? 3.781   -0.558  -2.516  1.00 40.46  ?  68   VAL A CB   1 
ATOM   521  C  CG1  . VAL A 1 68  ? 2.953   0.698   -2.705  1.00 41.68  ?  68   VAL A CG1  1 
ATOM   522  C  CG2  . VAL A 1 68  ? 4.361   -0.620  -1.110  1.00 42.58  ?  68   VAL A CG2  1 
ATOM   523  N  N    . PHE A 1 69  ? 2.925   -2.171  -5.213  1.00 37.73  ?  69   PHE A N    1 
ATOM   524  C  CA   . PHE A 1 69  ? 2.397   -2.058  -6.567  1.00 35.74  ?  69   PHE A CA   1 
ATOM   525  C  C    . PHE A 1 69  ? 1.081   -2.808  -6.726  1.00 30.58  ?  69   PHE A C    1 
ATOM   526  O  O    . PHE A 1 69  ? 0.139   -2.295  -7.323  1.00 31.04  ?  69   PHE A O    1 
ATOM   527  C  CB   . PHE A 1 69  ? 3.401   -2.585  -7.597  1.00 34.29  ?  69   PHE A CB   1 
ATOM   528  C  CG   . PHE A 1 69  ? 2.924   -2.462  -9.025  1.00 34.87  ?  69   PHE A CG   1 
ATOM   529  C  CD1  . PHE A 1 69  ? 3.165   -1.309  -9.751  1.00 34.48  ?  69   PHE A CD1  1 
ATOM   530  C  CD2  . PHE A 1 69  ? 2.223   -3.495  -9.634  1.00 35.81  ?  69   PHE A CD2  1 
ATOM   531  C  CE1  . PHE A 1 69  ? 2.721   -1.192  -11.059 1.00 37.05  ?  69   PHE A CE1  1 
ATOM   532  C  CE2  . PHE A 1 69  ? 1.777   -3.382  -10.936 1.00 40.81  ?  69   PHE A CE2  1 
ATOM   533  C  CZ   . PHE A 1 69  ? 2.027   -2.229  -11.649 1.00 36.44  ?  69   PHE A CZ   1 
ATOM   534  N  N    . ARG A 1 70  ? 1.020   -4.023  -6.189  1.00 31.09  ?  70   ARG A N    1 
ATOM   535  C  CA   A ARG A 1 70  ? -0.148  -4.881  -6.371  0.50 42.50  ?  70   ARG A CA   1 
ATOM   536  C  CA   B ARG A 1 70  ? -0.147  -4.879  -6.372  0.50 42.32  ?  70   ARG A CA   1 
ATOM   537  C  C    . ARG A 1 70  ? -1.381  -4.331  -5.657  1.00 35.96  ?  70   ARG A C    1 
ATOM   538  O  O    . ARG A 1 70  ? -2.508  -4.688  -5.995  1.00 40.30  ?  70   ARG A O    1 
ATOM   539  C  CB   A ARG A 1 70  ? 0.149   -6.305  -5.889  0.50 51.12  ?  70   ARG A CB   1 
ATOM   540  C  CB   B ARG A 1 70  ? 0.146   -6.291  -5.874  0.50 49.65  ?  70   ARG A CB   1 
ATOM   541  C  CG   A ARG A 1 70  ? 0.296   -6.454  -4.381  0.50 65.76  ?  70   ARG A CG   1 
ATOM   542  C  CG   B ARG A 1 70  ? 0.254   -6.371  -4.370  0.50 70.84  ?  70   ARG A CG   1 
ATOM   543  C  CD   A ARG A 1 70  ? 0.075   -7.896  -3.935  0.50 59.08  ?  70   ARG A CD   1 
ATOM   544  C  CD   B ARG A 1 70  ? -0.038  -7.758  -3.842  0.50 58.43  ?  70   ARG A CD   1 
ATOM   545  N  NE   A ARG A 1 70  ? -1.333  -8.284  -3.975  0.50 58.17  ?  70   ARG A NE   1 
ATOM   546  N  NE   B ARG A 1 70  ? -0.335  -7.722  -2.415  0.50 53.20  ?  70   ARG A NE   1 
ATOM   547  C  CZ   A ARG A 1 70  ? -2.174  -8.155  -2.953  0.50 48.25  ?  70   ARG A CZ   1 
ATOM   548  C  CZ   B ARG A 1 70  ? 0.484   -7.220  -1.497  0.50 50.59  ?  70   ARG A CZ   1 
ATOM   549  N  NH1  A ARG A 1 70  ? -1.754  -7.649  -1.802  0.50 52.87  1  70   ARG A NH1  1 
ATOM   550  N  NH1  B ARG A 1 70  ? 1.656   -6.711  -1.853  0.50 52.24  1  70   ARG A NH1  1 
ATOM   551  N  NH2  A ARG A 1 70  ? -3.437  -8.538  -3.081  0.50 49.13  ?  70   ARG A NH2  1 
ATOM   552  N  NH2  B ARG A 1 70  ? 0.132   -7.228  -0.221  0.50 48.38  ?  70   ARG A NH2  1 
ATOM   553  N  N    . VAL A 1 71  ? -1.166  -3.460  -4.672  1.00 36.45  ?  71   VAL A N    1 
ATOM   554  C  CA   . VAL A 1 71  ? -2.281  -2.853  -3.953  1.00 37.68  ?  71   VAL A CA   1 
ATOM   555  C  C    . VAL A 1 71  ? -2.792  -1.650  -4.739  1.00 30.96  ?  71   VAL A C    1 
ATOM   556  O  O    . VAL A 1 71  ? -3.999  -1.446  -4.856  1.00 37.62  ?  71   VAL A O    1 
ATOM   557  C  CB   . VAL A 1 71  ? -1.892  -2.443  -2.519  1.00 34.61  ?  71   VAL A CB   1 
ATOM   558  C  CG1  . VAL A 1 71  ? -3.144  -2.070  -1.726  1.00 42.44  ?  71   VAL A CG1  1 
ATOM   559  C  CG2  . VAL A 1 71  ? -1.131  -3.562  -1.827  1.00 37.64  ?  71   VAL A CG2  1 
ATOM   560  N  N    . PHE A 1 72  ? -1.864  -0.853  -5.264  1.00 34.48  ?  72   PHE A N    1 
ATOM   561  C  CA   . PHE A 1 72  ? -2.199  0.235   -6.180  1.00 32.83  ?  72   PHE A CA   1 
ATOM   562  C  C    . PHE A 1 72  ? -2.970  -0.285  -7.396  1.00 33.69  ?  72   PHE A C    1 
ATOM   563  O  O    . PHE A 1 72  ? -3.975  0.293   -7.814  1.00 33.25  ?  72   PHE A O    1 
ATOM   564  C  CB   . PHE A 1 72  ? -0.933  0.954   -6.642  1.00 32.62  ?  72   PHE A CB   1 
ATOM   565  C  CG   . PHE A 1 72  ? -0.509  2.089   -5.749  1.00 38.46  ?  72   PHE A CG   1 
ATOM   566  C  CD1  . PHE A 1 72  ? -0.066  1.861   -4.458  1.00 38.66  ?  72   PHE A CD1  1 
ATOM   567  C  CD2  . PHE A 1 72  ? -0.535  3.392   -6.221  1.00 38.25  ?  72   PHE A CD2  1 
ATOM   568  C  CE1  . PHE A 1 72  ? 0.323   2.917   -3.648  1.00 38.63  ?  72   PHE A CE1  1 
ATOM   569  C  CE2  . PHE A 1 72  ? -0.148  4.447   -5.419  1.00 42.37  ?  72   PHE A CE2  1 
ATOM   570  C  CZ   . PHE A 1 72  ? 0.284   4.208   -4.133  1.00 41.30  ?  72   PHE A CZ   1 
ATOM   571  N  N    . ASP A 1 73  ? -2.480  -1.382  -7.959  1.00 31.56  ?  73   ASP A N    1 
ATOM   572  C  CA   . ASP A 1 73  ? -3.091  -2.019  -9.120  1.00 40.39  ?  73   ASP A CA   1 
ATOM   573  C  C    . ASP A 1 73  ? -4.308  -2.849  -8.727  1.00 42.65  ?  73   ASP A C    1 
ATOM   574  O  O    . ASP A 1 73  ? -4.210  -4.065  -8.590  1.00 40.74  ?  73   ASP A O    1 
ATOM   575  C  CB   . ASP A 1 73  ? -2.057  -2.904  -9.825  1.00 39.43  ?  73   ASP A CB   1 
ATOM   576  C  CG   . ASP A 1 73  ? -2.591  -3.532  -11.098 1.00 35.36  ?  73   ASP A CG   1 
ATOM   577  O  OD1  . ASP A 1 73  ? -3.511  -2.955  -11.711 1.00 37.70  ?  73   ASP A OD1  1 
ATOM   578  O  OD2  . ASP A 1 73  ? -2.088  -4.610  -11.487 1.00 40.44  -1 73   ASP A OD2  1 
ATOM   579  N  N    . GLU A 1 74  ? -5.457  -2.198  -8.561  1.00 43.53  ?  74   GLU A N    1 
ATOM   580  C  CA   . GLU A 1 74  ? -6.627  -2.864  -7.979  1.00 38.61  ?  74   GLU A CA   1 
ATOM   581  C  C    . GLU A 1 74  ? -7.331  -3.840  -8.933  1.00 48.92  ?  74   GLU A C    1 
ATOM   582  O  O    . GLU A 1 74  ? -7.989  -4.780  -8.488  1.00 47.83  ?  74   GLU A O    1 
ATOM   583  C  CB   . GLU A 1 74  ? -7.631  -1.819  -7.467  1.00 53.16  ?  74   GLU A CB   1 
ATOM   584  C  CG   . GLU A 1 74  ? -8.810  -2.421  -6.699  1.00 62.50  ?  74   GLU A CG   1 
ATOM   585  C  CD   . GLU A 1 74  ? -9.233  -1.589  -5.498  1.00 60.71  ?  74   GLU A CD   1 
ATOM   586  O  OE1  . GLU A 1 74  ? -8.921  -0.381  -5.462  1.00 56.08  ?  74   GLU A OE1  1 
ATOM   587  O  OE2  . GLU A 1 74  ? -9.873  -2.147  -4.581  1.00 74.18  -1 74   GLU A OE2  1 
ATOM   588  N  N    . ASN A 1 75  ? -7.190  -3.644  -10.240 1.00 43.85  ?  75   ASN A N    1 
ATOM   589  C  CA   . ASN A 1 75  ? -7.811  -4.573  -11.187 1.00 41.85  ?  75   ASN A CA   1 
ATOM   590  C  C    . ASN A 1 75  ? -6.815  -5.631  -11.660 1.00 39.18  ?  75   ASN A C    1 
ATOM   591  O  O    . ASN A 1 75  ? -7.122  -6.440  -12.539 1.00 43.47  ?  75   ASN A O    1 
ATOM   592  C  CB   . ASN A 1 75  ? -8.406  -3.829  -12.384 1.00 36.24  ?  75   ASN A CB   1 
ATOM   593  C  CG   . ASN A 1 75  ? -7.357  -3.251  -13.294 1.00 40.73  ?  75   ASN A CG   1 
ATOM   594  O  OD1  . ASN A 1 75  ? -6.229  -2.997  -12.880 1.00 38.29  ?  75   ASN A OD1  1 
ATOM   595  N  ND2  . ASN A 1 75  ? -7.726  -3.032  -14.549 1.00 46.69  ?  75   ASN A ND2  1 
ATOM   596  N  N    . ASN A 1 76  ? -5.626  -5.593  -11.065 1.00 39.28  ?  76   ASN A N    1 
ATOM   597  C  CA   A ASN A 1 76  ? -4.612  -6.613  -11.287 0.50 42.28  ?  76   ASN A CA   1 
ATOM   598  C  CA   B ASN A 1 76  ? -4.582  -6.594  -11.279 0.50 42.33  ?  76   ASN A CA   1 
ATOM   599  C  C    . ASN A 1 76  ? -4.310  -6.847  -12.761 1.00 43.24  ?  76   ASN A C    1 
ATOM   600  O  O    . ASN A 1 76  ? -4.234  -7.990  -13.206 1.00 42.44  ?  76   ASN A O    1 
ATOM   601  C  CB   A ASN A 1 76  ? -5.052  -7.934  -10.657 0.50 42.25  ?  76   ASN A CB   1 
ATOM   602  C  CB   B ASN A 1 76  ? -4.957  -7.905  -10.577 0.50 42.29  ?  76   ASN A CB   1 
ATOM   603  C  CG   A ASN A 1 76  ? -5.612  -7.757  -9.266  0.50 45.13  ?  76   ASN A CG   1 
ATOM   604  C  CG   B ASN A 1 76  ? -3.797  -8.887  -10.506 0.50 47.86  ?  76   ASN A CG   1 
ATOM   605  O  OD1  A ASN A 1 76  ? -4.882  -7.460  -8.323  0.50 46.23  ?  76   ASN A OD1  1 
ATOM   606  O  OD1  B ASN A 1 76  ? -2.633  -8.489  -10.451 0.50 51.46  ?  76   ASN A OD1  1 
ATOM   607  N  ND2  A ASN A 1 76  ? -6.923  -7.930  -9.132  0.50 39.12  ?  76   ASN A ND2  1 
ATOM   608  N  ND2  B ASN A 1 76  ? -4.112  -10.176 -10.509 0.50 52.05  ?  76   ASN A ND2  1 
ATOM   609  N  N    . ASP A 1 77  ? -4.139  -5.778  -13.527 1.00 43.19  ?  77   ASP A N    1 
ATOM   610  C  CA   . ASP A 1 77  ? -3.809  -5.958  -14.933 1.00 36.44  ?  77   ASP A CA   1 
ATOM   611  C  C    . ASP A 1 77  ? -2.342  -5.656  -15.226 1.00 37.36  ?  77   ASP A C    1 
ATOM   612  O  O    . ASP A 1 77  ? -1.911  -5.701  -16.375 1.00 39.93  ?  77   ASP A O    1 
ATOM   613  C  CB   . ASP A 1 77  ? -4.721  -5.102  -15.813 1.00 38.97  ?  77   ASP A CB   1 
ATOM   614  C  CG   . ASP A 1 77  ? -4.629  -3.608  -15.508 1.00 35.50  ?  77   ASP A CG   1 
ATOM   615  O  OD1  . ASP A 1 77  ? -3.764  -3.175  -14.723 1.00 30.58  ?  77   ASP A OD1  1 
ATOM   616  O  OD2  . ASP A 1 77  ? -5.442  -2.877  -16.098 1.00 37.44  -1 77   ASP A OD2  1 
ATOM   617  N  N    . GLY A 1 78  ? -1.581  -5.369  -14.174 1.00 30.58  ?  78   GLY A N    1 
ATOM   618  C  CA   . GLY A 1 78  ? -0.153  -5.110  -14.283 1.00 32.69  ?  78   GLY A CA   1 
ATOM   619  C  C    . GLY A 1 78  ? 0.186   -3.669  -14.611 1.00 33.19  ?  78   GLY A C    1 
ATOM   620  O  O    . GLY A 1 78  ? 1.335   -3.322  -14.877 1.00 32.96  ?  78   GLY A O    1 
ATOM   621  N  N    . ALA A 1 79  ? -0.830  -2.818  -14.591 1.00 34.51  ?  79   ALA A N    1 
ATOM   622  C  CA   . ALA A 1 79  ? -0.628  -1.397  -14.827 1.00 30.58  ?  79   ALA A CA   1 
ATOM   623  C  C    . ALA A 1 79  ? -1.367  -0.557  -13.799 1.00 30.58  ?  79   ALA A C    1 
ATOM   624  O  O    . ALA A 1 79  ? -2.469  -0.902  -13.388 1.00 30.92  ?  79   ALA A O    1 
ATOM   625  C  CB   . ALA A 1 79  ? -1.072  -1.025  -16.232 1.00 30.58  ?  79   ALA A CB   1 
ATOM   626  N  N    . ILE A 1 80  ? -0.748  0.539   -13.372 1.00 30.58  ?  80   ILE A N    1 
ATOM   627  C  CA   . ILE A 1 80  ? -1.453  1.518   -12.551 1.00 30.58  ?  80   ILE A CA   1 
ATOM   628  C  C    . ILE A 1 80  ? -1.861  2.663   -13.455 1.00 32.31  ?  80   ILE A C    1 
ATOM   629  O  O    . ILE A 1 80  ? -1.025  3.475   -13.835 1.00 30.79  ?  80   ILE A O    1 
ATOM   630  C  CB   . ILE A 1 80  ? -0.602  2.040   -11.377 1.00 30.58  ?  80   ILE A CB   1 
ATOM   631  C  CG1  . ILE A 1 80  ? -0.079  0.897   -10.514 1.00 30.58  ?  80   ILE A CG1  1 
ATOM   632  C  CG2  . ILE A 1 80  ? -1.403  3.022   -10.519 1.00 30.58  ?  80   ILE A CG2  1 
ATOM   633  C  CD1  . ILE A 1 80  ? 0.972   1.347   -9.535  1.00 35.88  ?  80   ILE A CD1  1 
ATOM   634  N  N    . GLU A 1 81  ? -3.137  2.730   -13.818 1.00 30.58  ?  81   GLU A N    1 
ATOM   635  C  CA   . GLU A 1 81  ? -3.604  3.897   -14.550 1.00 34.48  ?  81   GLU A CA   1 
ATOM   636  C  C    . GLU A 1 81  ? -3.797  5.047   -13.568 1.00 34.05  ?  81   GLU A C    1 
ATOM   637  O  O    . GLU A 1 81  ? -3.769  4.854   -12.351 1.00 30.58  ?  81   GLU A O    1 
ATOM   638  C  CB   . GLU A 1 81  ? -4.898  3.625   -15.312 1.00 44.08  ?  81   GLU A CB   1 
ATOM   639  C  CG   . GLU A 1 81  ? -5.871  2.680   -14.635 1.00 58.53  ?  81   GLU A CG   1 
ATOM   640  C  CD   . GLU A 1 81  ? -6.914  2.155   -15.603 1.00 72.31  ?  81   GLU A CD   1 
ATOM   641  O  OE1  . GLU A 1 81  ? -7.233  2.876   -16.574 1.00 68.88  ?  81   GLU A OE1  1 
ATOM   642  O  OE2  . GLU A 1 81  ? -7.415  1.029   -15.395 1.00 63.39  -1 81   GLU A OE2  1 
ATOM   643  N  N    . PHE A 1 82  ? -3.992  6.244   -14.108 1.00 34.22  ?  82   PHE A N    1 
ATOM   644  C  CA   . PHE A 1 82  ? -4.026  7.453   -13.297 1.00 36.66  ?  82   PHE A CA   1 
ATOM   645  C  C    . PHE A 1 82  ? -5.076  7.424   -12.189 1.00 33.08  ?  82   PHE A C    1 
ATOM   646  O  O    . PHE A 1 82  ? -4.832  7.920   -11.089 1.00 31.70  ?  82   PHE A O    1 
ATOM   647  C  CB   . PHE A 1 82  ? -4.262  8.671   -14.185 1.00 38.72  ?  82   PHE A CB   1 
ATOM   648  C  CG   . PHE A 1 82  ? -4.261  9.970   -13.434 1.00 38.07  ?  82   PHE A CG   1 
ATOM   649  C  CD1  . PHE A 1 82  ? -3.103  10.439  -12.836 1.00 34.25  ?  82   PHE A CD1  1 
ATOM   650  C  CD2  . PHE A 1 82  ? -5.414  10.726  -13.333 1.00 38.19  ?  82   PHE A CD2  1 
ATOM   651  C  CE1  . PHE A 1 82  ? -3.096  11.634  -12.146 1.00 40.35  ?  82   PHE A CE1  1 
ATOM   652  C  CE2  . PHE A 1 82  ? -5.418  11.928  -12.647 1.00 35.48  ?  82   PHE A CE2  1 
ATOM   653  C  CZ   . PHE A 1 82  ? -4.255  12.383  -12.056 1.00 33.15  ?  82   PHE A CZ   1 
ATOM   654  N  N    . GLU A 1 83  ? -6.239  6.848   -12.478 1.00 31.04  ?  83   GLU A N    1 
ATOM   655  C  CA   . GLU A 1 83  ? -7.319  6.801   -11.499 1.00 38.91  ?  83   GLU A CA   1 
ATOM   656  C  C    . GLU A 1 83  ? -6.952  5.897   -10.326 1.00 41.11  ?  83   GLU A C    1 
ATOM   657  O  O    . GLU A 1 83  ? -7.221  6.226   -9.174  1.00 30.58  ?  83   GLU A O    1 
ATOM   658  C  CB   . GLU A 1 83  ? -8.621  6.321   -12.140 1.00 40.08  ?  83   GLU A CB   1 
ATOM   659  C  CG   . GLU A 1 83  ? -9.834  6.515   -11.247 1.00 52.89  ?  83   GLU A CG   1 
ATOM   660  C  CD   . GLU A 1 83  ? -11.147 6.398   -11.997 1.00 57.24  ?  83   GLU A CD   1 
ATOM   661  O  OE1  . GLU A 1 83  ? -11.123 6.157   -13.223 1.00 53.86  -1 83   GLU A OE1  1 
ATOM   662  O  OE2  . GLU A 1 83  ? -12.205 6.542   -11.351 1.00 56.24  ?  83   GLU A OE2  1 
ATOM   663  N  N    . GLU A 1 84  ? -6.329  4.761   -10.625 1.00 30.58  ?  84   GLU A N    1 
ATOM   664  C  CA   . GLU A 1 84  ? -5.865  3.852   -9.583  1.00 30.58  ?  84   GLU A CA   1 
ATOM   665  C  C    . GLU A 1 84  ? -4.804  4.528   -8.723  1.00 30.58  ?  84   GLU A C    1 
ATOM   666  O  O    . GLU A 1 84  ? -4.767  4.362   -7.502  1.00 30.58  ?  84   GLU A O    1 
ATOM   667  C  CB   . GLU A 1 84  ? -5.302  2.570   -10.194 1.00 30.58  ?  84   GLU A CB   1 
ATOM   668  C  CG   . GLU A 1 84  ? -6.346  1.597   -10.700 1.00 34.32  ?  84   GLU A CG   1 
ATOM   669  C  CD   . GLU A 1 84  ? -5.709  0.410   -11.414 1.00 44.39  ?  84   GLU A CD   1 
ATOM   670  O  OE1  . GLU A 1 84  ? -4.682  0.615   -12.083 1.00 33.91  ?  84   GLU A OE1  1 
ATOM   671  O  OE2  . GLU A 1 84  ? -6.231  -0.708  -11.286 1.00 30.58  -1 84   GLU A OE2  1 
ATOM   672  N  N    . PHE A 1 85  ? -3.944  5.298   -9.380  1.00 30.58  ?  85   PHE A N    1 
ATOM   673  C  CA   . PHE A 1 85  ? -2.858  6.014   -8.717  1.00 30.58  ?  85   PHE A CA   1 
ATOM   674  C  C    . PHE A 1 85  ? -3.364  7.036   -7.708  1.00 31.25  ?  85   PHE A C    1 
ATOM   675  O  O    . PHE A 1 85  ? -2.885  7.090   -6.573  1.00 30.58  ?  85   PHE A O    1 
ATOM   676  C  CB   . PHE A 1 85  ? -1.984  6.708   -9.766  1.00 30.58  ?  85   PHE A CB   1 
ATOM   677  C  CG   . PHE A 1 85  ? -0.891  7.556   -9.189  1.00 32.57  ?  85   PHE A CG   1 
ATOM   678  C  CD1  . PHE A 1 85  ? 0.278   6.983   -8.726  1.00 41.32  ?  85   PHE A CD1  1 
ATOM   679  C  CD2  . PHE A 1 85  ? -1.026  8.933   -9.129  1.00 39.79  ?  85   PHE A CD2  1 
ATOM   680  C  CE1  . PHE A 1 85  ? 1.287   7.764   -8.204  1.00 49.05  ?  85   PHE A CE1  1 
ATOM   681  C  CE2  . PHE A 1 85  ? -0.018  9.719   -8.605  1.00 41.25  ?  85   PHE A CE2  1 
ATOM   682  C  CZ   . PHE A 1 85  ? 1.142   9.130   -8.138  1.00 46.29  ?  85   PHE A CZ   1 
ATOM   683  N  N    . ILE A 1 86  ? -4.332  7.842   -8.132  1.00 30.58  ?  86   ILE A N    1 
ATOM   684  C  CA   . ILE A 1 86  ? -4.846  8.926   -7.300  1.00 31.26  ?  86   ILE A CA   1 
ATOM   685  C  C    . ILE A 1 86  ? -5.617  8.364   -6.118  1.00 31.88  ?  86   ILE A C    1 
ATOM   686  O  O    . ILE A 1 86  ? -5.489  8.857   -5.000  1.00 31.49  ?  86   ILE A O    1 
ATOM   687  C  CB   . ILE A 1 86  ? -5.725  9.886   -8.112  1.00 30.58  ?  86   ILE A CB   1 
ATOM   688  C  CG1  . ILE A 1 86  ? -4.882  10.589  -9.170  1.00 35.08  ?  86   ILE A CG1  1 
ATOM   689  C  CG2  . ILE A 1 86  ? -6.402  10.907  -7.190  1.00 30.58  ?  86   ILE A CG2  1 
ATOM   690  C  CD1  . ILE A 1 86  ? -3.832  11.510  -8.591  1.00 37.37  ?  86   ILE A CD1  1 
ATOM   691  N  N    . ARG A 1 87  ? -6.407  7.325   -6.367  1.00 30.58  ?  87   ARG A N    1 
ATOM   692  C  CA   . ARG A 1 87  ? -7.221  6.720   -5.320  1.00 37.39  ?  87   ARG A CA   1 
ATOM   693  C  C    . ARG A 1 87  ? -6.373  6.115   -4.201  1.00 38.30  ?  87   ARG A C    1 
ATOM   694  O  O    . ARG A 1 87  ? -6.662  6.302   -3.018  1.00 32.48  ?  87   ARG A O    1 
ATOM   695  C  CB   . ARG A 1 87  ? -8.134  5.653   -5.913  1.00 30.58  ?  87   ARG A CB   1 
ATOM   696  C  CG   . ARG A 1 87  ? -9.226  6.222   -6.802  1.00 35.75  ?  87   ARG A CG   1 
ATOM   697  C  CD   . ARG A 1 87  ? -10.189 5.150   -7.271  1.00 39.87  ?  87   ARG A CD   1 
ATOM   698  N  NE   . ARG A 1 87  ? -11.281 5.736   -8.037  1.00 53.66  ?  87   ARG A NE   1 
ATOM   699  C  CZ   . ARG A 1 87  ? -12.430 6.135   -7.503  1.00 56.64  ?  87   ARG A CZ   1 
ATOM   700  N  NH1  . ARG A 1 87  ? -12.636 6.004   -6.201  1.00 45.96  ?  87   ARG A NH1  1 
ATOM   701  N  NH2  . ARG A 1 87  ? -13.372 6.664   -8.272  1.00 46.45  1  87   ARG A NH2  1 
ATOM   702  N  N    . ALA A 1 88  ? -5.329  5.388   -4.579  1.00 33.63  ?  88   ALA A N    1 
ATOM   703  C  CA   . ALA A 1 88  ? -4.416  4.799   -3.610  1.00 33.52  ?  88   ALA A CA   1 
ATOM   704  C  C    . ALA A 1 88  ? -3.659  5.897   -2.869  1.00 31.49  ?  88   ALA A C    1 
ATOM   705  O  O    . ALA A 1 88  ? -3.472  5.826   -1.656  1.00 35.83  ?  88   ALA A O    1 
ATOM   706  C  CB   . ALA A 1 88  ? -3.447  3.849   -4.301  1.00 34.42  ?  88   ALA A CB   1 
ATOM   707  N  N    . LEU A 1 89  ? -3.250  6.930   -3.599  1.00 33.21  ?  89   LEU A N    1 
ATOM   708  C  CA   . LEU A 1 89  ? -2.515  8.050   -3.011  1.00 30.71  ?  89   LEU A CA   1 
ATOM   709  C  C    . LEU A 1 89  ? -3.384  8.814   -2.015  1.00 31.32  ?  89   LEU A C    1 
ATOM   710  O  O    . LEU A 1 89  ? -2.904  9.272   -0.974  1.00 35.65  ?  89   LEU A O    1 
ATOM   711  C  CB   . LEU A 1 89  ? -2.013  8.988   -4.111  1.00 37.94  ?  89   LEU A CB   1 
ATOM   712  C  CG   . LEU A 1 89  ? -0.866  9.936   -3.767  1.00 45.60  ?  89   LEU A CG   1 
ATOM   713  C  CD1  . LEU A 1 89  ? 0.294   9.166   -3.165  1.00 47.96  ?  89   LEU A CD1  1 
ATOM   714  C  CD2  . LEU A 1 89  ? -0.419  10.712  -5.005  1.00 47.05  ?  89   LEU A CD2  1 
ATOM   715  N  N    . SER A 1 90  ? -4.663  8.947   -2.352  1.00 32.33  ?  90   SER A N    1 
ATOM   716  C  CA   . SER A 1 90  ? -5.627  9.625   -1.494  1.00 35.35  ?  90   SER A CA   1 
ATOM   717  C  C    . SER A 1 90  ? -5.735  8.935   -0.142  1.00 36.30  ?  90   SER A C    1 
ATOM   718  O  O    . SER A 1 90  ? -5.708  9.581   0.903   1.00 37.24  ?  90   SER A O    1 
ATOM   719  C  CB   . SER A 1 90  ? -6.996  9.673   -2.168  1.00 34.04  ?  90   SER A CB   1 
ATOM   720  O  OG   . SER A 1 90  ? -7.986  10.176  -1.287  1.00 35.52  ?  90   SER A OG   1 
ATOM   721  N  N    . ILE A 1 91  ? -5.845  7.614   -0.179  1.00 32.15  ?  91   ILE A N    1 
ATOM   722  C  CA   . ILE A 1 91  ? -6.005  6.813   1.023   1.00 35.07  ?  91   ILE A CA   1 
ATOM   723  C  C    . ILE A 1 91  ? -4.745  6.836   1.884   1.00 41.13  ?  91   ILE A C    1 
ATOM   724  O  O    . ILE A 1 91  ? -4.818  7.077   3.089   1.00 39.98  ?  91   ILE A O    1 
ATOM   725  C  CB   . ILE A 1 91  ? -6.393  5.360   0.664   1.00 38.20  ?  91   ILE A CB   1 
ATOM   726  C  CG1  . ILE A 1 91  ? -7.771  5.318   0.001   1.00 40.22  ?  91   ILE A CG1  1 
ATOM   727  C  CG2  . ILE A 1 91  ? -6.395  4.487   1.901   1.00 39.97  ?  91   ILE A CG2  1 
ATOM   728  C  CD1  . ILE A 1 91  ? -8.932  5.644   0.934   1.00 41.57  ?  91   ILE A CD1  1 
ATOM   729  N  N    . THR A 1 92  ? -3.593  6.593   1.268   1.00 38.95  ?  92   THR A N    1 
ATOM   730  C  CA   . THR A 1 92  ? -2.351  6.435   2.023   1.00 42.71  ?  92   THR A CA   1 
ATOM   731  C  C    . THR A 1 92  ? -1.780  7.749   2.557   1.00 43.53  ?  92   THR A C    1 
ATOM   732  O  O    . THR A 1 92  ? -1.044  7.750   3.541   1.00 47.82  ?  92   THR A O    1 
ATOM   733  C  CB   . THR A 1 92  ? -1.266  5.735   1.172   1.00 47.16  ?  92   THR A CB   1 
ATOM   734  O  OG1  . THR A 1 92  ? -0.889  6.577   0.075   1.00 43.14  ?  92   THR A OG1  1 
ATOM   735  C  CG2  . THR A 1 92  ? -1.773  4.398   0.652   1.00 43.59  ?  92   THR A CG2  1 
ATOM   736  N  N    . SER A 1 93  ? -2.125  8.865   1.925   1.00 40.44  ?  93   SER A N    1 
ATOM   737  C  CA   . SER A 1 93  ? -1.586  10.154  2.351   1.00 47.45  ?  93   SER A CA   1 
ATOM   738  C  C    . SER A 1 93  ? -2.604  11.003  3.112   1.00 44.60  ?  93   SER A C    1 
ATOM   739  O  O    . SER A 1 93  ? -2.226  11.873  3.900   1.00 52.99  ?  93   SER A O    1 
ATOM   740  C  CB   . SER A 1 93  ? -1.063  10.941  1.147   1.00 46.83  ?  93   SER A CB   1 
ATOM   741  O  OG   . SER A 1 93  ? -2.106  11.272  0.247   1.00 49.55  ?  93   SER A OG   1 
ATOM   742  N  N    . ARG A 1 94  ? -3.891  10.761  2.882   1.00 42.80  ?  94   ARG A N    1 
ATOM   743  C  CA   . ARG A 1 94  ? -4.919  11.614  3.475   1.00 37.94  ?  94   ARG A CA   1 
ATOM   744  C  C    . ARG A 1 94  ? -6.101  10.854  4.075   1.00 39.54  ?  94   ARG A C    1 
ATOM   745  O  O    . ARG A 1 94  ? -7.051  11.468  4.555   1.00 40.39  ?  94   ARG A O    1 
ATOM   746  C  CB   . ARG A 1 94  ? -5.436  12.612  2.434   1.00 33.85  ?  94   ARG A CB   1 
ATOM   747  C  CG   . ARG A 1 94  ? -4.385  13.593  1.930   1.00 43.90  ?  94   ARG A CG   1 
ATOM   748  C  CD   . ARG A 1 94  ? -4.971  14.591  0.952   1.00 44.00  ?  94   ARG A CD   1 
ATOM   749  N  NE   . ARG A 1 94  ? -3.961  15.512  0.436   1.00 46.12  ?  94   ARG A NE   1 
ATOM   750  C  CZ   . ARG A 1 94  ? -4.231  16.533  -0.371  1.00 45.66  ?  94   ARG A CZ   1 
ATOM   751  N  NH1  . ARG A 1 94  ? -5.482  16.773  -0.738  1.00 43.90  1  94   ARG A NH1  1 
ATOM   752  N  NH2  . ARG A 1 94  ? -3.257  17.322  -0.801  1.00 48.57  ?  94   ARG A NH2  1 
ATOM   753  N  N    . GLY A 1 95  ? -6.051  9.527   4.060   1.00 38.00  ?  95   GLY A N    1 
ATOM   754  C  CA   . GLY A 1 95  ? -7.131  8.745   4.637   1.00 38.65  ?  95   GLY A CA   1 
ATOM   755  C  C    . GLY A 1 95  ? -7.253  8.898   6.147   1.00 42.10  ?  95   GLY A C    1 
ATOM   756  O  O    . GLY A 1 95  ? -6.303  9.308   6.817   1.00 36.70  ?  95   GLY A O    1 
ATOM   757  N  N    . ASN A 1 96  ? -8.422  8.570   6.691   1.00 40.92  ?  96   ASN A N    1 
ATOM   758  C  CA   . ASN A 1 96  ? -8.574  8.533   8.138   1.00 45.23  ?  96   ASN A CA   1 
ATOM   759  C  C    . ASN A 1 96  ? -7.934  7.247   8.652   1.00 50.25  ?  96   ASN A C    1 
ATOM   760  O  O    . ASN A 1 96  ? -7.450  6.432   7.861   1.00 41.56  ?  96   ASN A O    1 
ATOM   761  C  CB   . ASN A 1 96  ? -10.044 8.637   8.557   1.00 42.11  ?  96   ASN A CB   1 
ATOM   762  C  CG   . ASN A 1 96  ? -10.923 7.574   7.925   1.00 44.04  ?  96   ASN A CG   1 
ATOM   763  O  OD1  . ASN A 1 96  ? -10.616 6.386   7.966   1.00 45.34  ?  96   ASN A OD1  1 
ATOM   764  N  ND2  . ASN A 1 96  ? -12.034 8.007   7.333   1.00 43.04  ?  96   ASN A ND2  1 
ATOM   765  N  N    . LEU A 1 97  ? -7.924  7.060   9.966   1.00 40.28  ?  97   LEU A N    1 
ATOM   766  C  CA   . LEU A 1 97  ? -7.181  5.948   10.551  1.00 43.96  ?  97   LEU A CA   1 
ATOM   767  C  C    . LEU A 1 97  ? -7.720  4.592   10.090  1.00 43.46  ?  97   LEU A C    1 
ATOM   768  O  O    . LEU A 1 97  ? -6.953  3.660   9.856   1.00 43.54  ?  97   LEU A O    1 
ATOM   769  C  CB   . LEU A 1 97  ? -7.203  6.032   12.076  1.00 45.88  ?  97   LEU A CB   1 
ATOM   770  C  CG   . LEU A 1 97  ? -6.563  4.843   12.793  1.00 45.97  ?  97   LEU A CG   1 
ATOM   771  C  CD1  . LEU A 1 97  ? -5.062  4.875   12.575  1.00 52.46  ?  97   LEU A CD1  1 
ATOM   772  C  CD2  . LEU A 1 97  ? -6.899  4.845   14.278  1.00 55.57  ?  97   LEU A CD2  1 
ATOM   773  N  N    . ASP A 1 98  ? -9.038  4.493   9.942   1.00 39.14  ?  98   ASP A N    1 
ATOM   774  C  CA   . ASP A 1 98  ? -9.661  3.244   9.519   1.00 45.00  ?  98   ASP A CA   1 
ATOM   775  C  C    . ASP A 1 98  ? -9.250  2.879   8.090   1.00 45.70  ?  98   ASP A C    1 
ATOM   776  O  O    . ASP A 1 98  ? -8.921  1.724   7.801   1.00 42.37  ?  98   ASP A O    1 
ATOM   777  C  CB   . ASP A 1 98  ? -11.182 3.340   9.630   1.00 46.36  ?  98   ASP A CB   1 
ATOM   778  C  CG   . ASP A 1 98  ? -11.707 2.748   10.931  1.00 63.75  ?  98   ASP A CG   1 
ATOM   779  O  OD1  . ASP A 1 98  ? -10.895 2.528   11.858  1.00 64.70  ?  98   ASP A OD1  1 
ATOM   780  O  OD2  . ASP A 1 98  ? -12.921 2.482   11.021  1.00 72.78  -1 98   ASP A OD2  1 
ATOM   781  N  N    . GLU A 1 99  ? -9.252  3.874   7.207   1.00 42.87  ?  99   GLU A N    1 
ATOM   782  C  CA   . GLU A 1 99  ? -8.906  3.673   5.800   1.00 35.08  ?  99   GLU A CA   1 
ATOM   783  C  C    . GLU A 1 99  ? -7.447  3.282   5.610   1.00 41.99  ?  99   GLU A C    1 
ATOM   784  O  O    . GLU A 1 99  ? -7.130  2.447   4.763   1.00 40.72  ?  99   GLU A O    1 
ATOM   785  C  CB   . GLU A 1 99  ? -9.209  4.934   4.994   1.00 37.29  ?  99   GLU A CB   1 
ATOM   786  C  CG   . GLU A 1 99  ? -10.683 5.275   4.958   1.00 43.29  ?  99   GLU A CG   1 
ATOM   787  C  CD   . GLU A 1 99  ? -10.970 6.574   4.233   1.00 41.97  ?  99   GLU A CD   1 
ATOM   788  O  OE1  . GLU A 1 99  ? -10.266 7.575   4.487   1.00 40.47  -1 99   GLU A OE1  1 
ATOM   789  O  OE2  . GLU A 1 99  ? -11.907 6.588   3.413   1.00 45.16  ?  99   GLU A OE2  1 
ATOM   790  N  N    . LYS A 1 100 ? -6.564  3.894   6.394   1.00 40.51  ?  100  LYS A N    1 
ATOM   791  C  CA   . LYS A 1 100 ? -5.139  3.596   6.310   1.00 42.10  ?  100  LYS A CA   1 
ATOM   792  C  C    . LYS A 1 100 ? -4.842  2.214   6.884   1.00 45.84  ?  100  LYS A C    1 
ATOM   793  O  O    . LYS A 1 100 ? -3.930  1.526   6.428   1.00 46.33  ?  100  LYS A O    1 
ATOM   794  C  CB   . LYS A 1 100 ? -4.321  4.658   7.044   1.00 47.28  ?  100  LYS A CB   1 
ATOM   795  C  CG   . LYS A 1 100 ? -4.262  5.999   6.324   1.00 46.39  ?  100  LYS A CG   1 
ATOM   796  C  CD   . LYS A 1 100 ? -3.194  6.921   6.903   1.00 50.44  ?  100  LYS A CD   1 
ATOM   797  C  CE   . LYS A 1 100 ? -3.335  8.331   6.338   1.00 48.76  ?  100  LYS A CE   1 
ATOM   798  N  NZ   . LYS A 1 100 ? -2.292  9.284   6.818   1.00 56.32  1  100  LYS A NZ   1 
ATOM   799  N  N    . LEU A 1 101 ? -5.615  1.820   7.890   1.00 46.97  ?  101  LEU A N    1 
ATOM   800  C  CA   . LEU A 1 101 ? -5.495  0.490   8.474   1.00 44.50  ?  101  LEU A CA   1 
ATOM   801  C  C    . LEU A 1 101 ? -5.939  -0.570  7.475   1.00 44.79  ?  101  LEU A C    1 
ATOM   802  O  O    . LEU A 1 101 ? -5.278  -1.594  7.305   1.00 41.96  ?  101  LEU A O    1 
ATOM   803  C  CB   . LEU A 1 101 ? -6.324  0.380   9.755   1.00 50.59  ?  101  LEU A CB   1 
ATOM   804  C  CG   . LEU A 1 101 ? -5.681  0.844   11.056  1.00 51.90  ?  101  LEU A CG   1 
ATOM   805  C  CD1  . LEU A 1 101 ? -6.714  0.849   12.168  1.00 56.13  ?  101  LEU A CD1  1 
ATOM   806  C  CD2  . LEU A 1 101 ? -4.519  -0.061  11.412  1.00 53.15  ?  101  LEU A CD2  1 
ATOM   807  N  N    . HIS A 1 102 ? -7.068  -0.314  6.824   1.00 43.40  ?  102  HIS A N    1 
ATOM   808  C  CA   . HIS A 1 102 ? -7.623  -1.239  5.847   1.00 45.13  ?  102  HIS A CA   1 
ATOM   809  C  C    . HIS A 1 102 ? -6.651  -1.412  4.682   1.00 46.97  ?  102  HIS A C    1 
ATOM   810  O  O    . HIS A 1 102 ? -6.470  -2.515  4.160   1.00 41.25  ?  102  HIS A O    1 
ATOM   811  C  CB   . HIS A 1 102 ? -8.982  -0.735  5.355   1.00 48.42  ?  102  HIS A CB   1 
ATOM   812  C  CG   . HIS A 1 102 ? -9.732  -1.716  4.516   1.00 60.46  ?  102  HIS A CG   1 
ATOM   813  N  ND1  . HIS A 1 102 ? -9.160  -2.880  4.028   1.00 71.07  ?  102  HIS A ND1  1 
ATOM   814  C  CD2  . HIS A 1 102 ? -11.009 -1.723  4.070   1.00 73.46  ?  102  HIS A CD2  1 
ATOM   815  C  CE1  . HIS A 1 102 ? -10.049 -3.547  3.328   1.00 69.88  ?  102  HIS A CE1  1 
ATOM   816  N  NE2  . HIS A 1 102 ? -11.187 -2.867  3.334   1.00 77.61  ?  102  HIS A NE2  1 
ATOM   817  N  N    . TRP A 1 103 ? -6.026  -0.312  4.280   1.00 46.44  ?  103  TRP A N    1 
ATOM   818  C  CA   . TRP A 1 103 ? -5.039  -0.341  3.210   1.00 46.48  ?  103  TRP A CA   1 
ATOM   819  C  C    . TRP A 1 103 ? -3.810  -1.116  3.665   1.00 42.09  ?  103  TRP A C    1 
ATOM   820  O  O    . TRP A 1 103 ? -3.243  -1.903  2.908   1.00 44.24  ?  103  TRP A O    1 
ATOM   821  C  CB   . TRP A 1 103 ? -4.644  1.077   2.794   1.00 43.99  ?  103  TRP A CB   1 
ATOM   822  C  CG   . TRP A 1 103 ? -4.188  1.184   1.371   1.00 41.42  ?  103  TRP A CG   1 
ATOM   823  C  CD1  . TRP A 1 103 ? -4.967  1.442   0.278   1.00 43.04  ?  103  TRP A CD1  1 
ATOM   824  C  CD2  . TRP A 1 103 ? -2.855  1.006   0.881   1.00 44.95  ?  103  TRP A CD2  1 
ATOM   825  N  NE1  . TRP A 1 103 ? -4.195  1.457   -0.858  1.00 42.87  ?  103  TRP A NE1  1 
ATOM   826  C  CE2  . TRP A 1 103 ? -2.894  1.191   -0.516  1.00 42.46  ?  103  TRP A CE2  1 
ATOM   827  C  CE3  . TRP A 1 103 ? -1.627  0.722   1.485   1.00 44.75  ?  103  TRP A CE3  1 
ATOM   828  C  CZ2  . TRP A 1 103 ? -1.760  1.093   -1.318  1.00 47.70  ?  103  TRP A CZ2  1 
ATOM   829  C  CZ3  . TRP A 1 103 ? -0.503  0.624   0.688   1.00 50.19  ?  103  TRP A CZ3  1 
ATOM   830  C  CH2  . TRP A 1 103 ? -0.576  0.810   -0.698  1.00 43.65  ?  103  TRP A CH2  1 
ATOM   831  N  N    . ALA A 1 104 ? -3.414  -0.879  4.912   1.00 43.39  ?  104  ALA A N    1 
ATOM   832  C  CA   . ALA A 1 104 ? -2.288  -1.578  5.526   1.00 45.89  ?  104  ALA A CA   1 
ATOM   833  C  C    . ALA A 1 104 ? -2.531  -3.077  5.545   1.00 47.83  ?  104  ALA A C    1 
ATOM   834  O  O    . ALA A 1 104 ? -1.631  -3.869  5.271   1.00 45.57  ?  104  ALA A O    1 
ATOM   835  C  CB   . ALA A 1 104 ? -2.052  -1.068  6.941   1.00 45.19  ?  104  ALA A CB   1 
ATOM   836  N  N    . PHE A 1 105 ? -3.761  -3.455  5.875   1.00 46.39  ?  105  PHE A N    1 
ATOM   837  C  CA   . PHE A 1 105 ? -4.148  -4.856  5.911   1.00 47.14  ?  105  PHE A CA   1 
ATOM   838  C  C    . PHE A 1 105 ? -3.979  -5.511  4.546   1.00 48.88  ?  105  PHE A C    1 
ATOM   839  O  O    . PHE A 1 105 ? -3.424  -6.605  4.444   1.00 43.76  ?  105  PHE A O    1 
ATOM   840  C  CB   . PHE A 1 105 ? -5.592  -5.005  6.389   1.00 48.92  ?  105  PHE A CB   1 
ATOM   841  C  CG   . PHE A 1 105 ? -6.066  -6.427  6.431   1.00 44.09  ?  105  PHE A CG   1 
ATOM   842  C  CD1  . PHE A 1 105 ? -5.830  -7.219  7.539   1.00 44.98  ?  105  PHE A CD1  1 
ATOM   843  C  CD2  . PHE A 1 105 ? -6.755  -6.968  5.359   1.00 46.71  ?  105  PHE A CD2  1 
ATOM   844  C  CE1  . PHE A 1 105 ? -6.266  -8.533  7.577   1.00 46.30  ?  105  PHE A CE1  1 
ATOM   845  C  CE2  . PHE A 1 105 ? -7.194  -8.276  5.385   1.00 45.15  ?  105  PHE A CE2  1 
ATOM   846  C  CZ   . PHE A 1 105 ? -6.951  -9.063  6.496   1.00 42.75  ?  105  PHE A CZ   1 
ATOM   847  N  N    . ARG A 1 106 ? -4.455  -4.839  3.500   1.00 44.67  ?  106  ARG A N    1 
ATOM   848  C  CA   . ARG A 1 106 ? -4.351  -5.371  2.143   1.00 46.97  ?  106  ARG A CA   1 
ATOM   849  C  C    . ARG A 1 106 ? -2.903  -5.507  1.696   1.00 46.12  ?  106  ARG A C    1 
ATOM   850  O  O    . ARG A 1 106 ? -2.587  -6.347  0.857   1.00 45.02  ?  106  ARG A O    1 
ATOM   851  C  CB   . ARG A 1 106 ? -5.107  -4.494  1.146   1.00 49.13  ?  106  ARG A CB   1 
ATOM   852  C  CG   . ARG A 1 106 ? -6.619  -4.562  1.265   1.00 52.03  ?  106  ARG A CG   1 
ATOM   853  C  CD   . ARG A 1 106 ? -7.247  -3.441  0.465   1.00 62.43  ?  106  ARG A CD   1 
ATOM   854  N  NE   . ARG A 1 106 ? -7.085  -3.673  -0.967  1.00 76.03  ?  106  ARG A NE   1 
ATOM   855  C  CZ   . ARG A 1 106 ? -6.862  -2.716  -1.861  1.00 79.19  ?  106  ARG A CZ   1 
ATOM   856  N  NH1  . ARG A 1 106 ? -6.770  -1.451  -1.473  1.00 72.33  1  106  ARG A NH1  1 
ATOM   857  N  NH2  . ARG A 1 106 ? -6.727  -3.026  -3.143  1.00 72.74  ?  106  ARG A NH2  1 
ATOM   858  N  N    . LEU A 1 107 ? -2.026  -4.678  2.252   1.00 39.29  ?  107  LEU A N    1 
ATOM   859  C  CA   . LEU A 1 107 ? -0.603  -4.767  1.942   1.00 43.90  ?  107  LEU A CA   1 
ATOM   860  C  C    . LEU A 1 107 ? 0.005   -6.027  2.547   1.00 49.76  ?  107  LEU A C    1 
ATOM   861  O  O    . LEU A 1 107 ? 0.776   -6.729  1.892   1.00 45.75  ?  107  LEU A O    1 
ATOM   862  C  CB   . LEU A 1 107 ? 0.154   -3.537  2.445   1.00 40.81  ?  107  LEU A CB   1 
ATOM   863  C  CG   . LEU A 1 107 ? 1.648   -3.588  2.104   1.00 44.79  ?  107  LEU A CG   1 
ATOM   864  C  CD1  . LEU A 1 107 ? 1.852   -3.540  0.595   1.00 41.49  ?  107  LEU A CD1  1 
ATOM   865  C  CD2  . LEU A 1 107 ? 2.404   -2.469  2.791   1.00 49.05  ?  107  LEU A CD2  1 
ATOM   866  N  N    . TYR A 1 108 ? -0.345  -6.308  3.798   1.00 43.47  ?  108  TYR A N    1 
ATOM   867  C  CA   . TYR A 1 108 ? 0.141   -7.504  4.475   1.00 44.80  ?  108  TYR A CA   1 
ATOM   868  C  C    . TYR A 1 108 ? -0.496  -8.768  3.899   1.00 47.56  ?  108  TYR A C    1 
ATOM   869  O  O    . TYR A 1 108 ? 0.172   -9.789  3.741   1.00 51.52  ?  108  TYR A O    1 
ATOM   870  C  CB   . TYR A 1 108 ? -0.133  -7.420  5.976   1.00 46.56  ?  108  TYR A CB   1 
ATOM   871  C  CG   . TYR A 1 108 ? 0.859   -6.578  6.749   1.00 45.00  ?  108  TYR A CG   1 
ATOM   872  C  CD1  . TYR A 1 108 ? 2.138   -7.050  7.014   1.00 49.73  ?  108  TYR A CD1  1 
ATOM   873  C  CD2  . TYR A 1 108 ? 0.518   -5.316  7.216   1.00 47.93  ?  108  TYR A CD2  1 
ATOM   874  C  CE1  . TYR A 1 108 ? 3.049   -6.290  7.725   1.00 47.84  ?  108  TYR A CE1  1 
ATOM   875  C  CE2  . TYR A 1 108 ? 1.422   -4.550  7.927   1.00 53.10  ?  108  TYR A CE2  1 
ATOM   876  C  CZ   . TYR A 1 108 ? 2.688   -5.040  8.177   1.00 47.92  ?  108  TYR A CZ   1 
ATOM   877  O  OH   . TYR A 1 108 ? 3.593   -4.280  8.882   1.00 51.96  ?  108  TYR A OH   1 
ATOM   878  N  N    . ASP A 1 109 ? -1.785  -8.699  3.586   1.00 43.21  ?  109  ASP A N    1 
ATOM   879  C  CA   . ASP A 1 109 ? -2.485  -9.838  3.006   1.00 46.83  ?  109  ASP A CA   1 
ATOM   880  C  C    . ASP A 1 109 ? -2.027  -10.024 1.558   1.00 48.06  ?  109  ASP A C    1 
ATOM   881  O  O    . ASP A 1 109 ? -2.703  -9.603  0.625   1.00 45.57  ?  109  ASP A O    1 
ATOM   882  C  CB   . ASP A 1 109 ? -4.003  -9.636  3.090   1.00 42.37  ?  109  ASP A CB   1 
ATOM   883  C  CG   . ASP A 1 109 ? -4.789  -10.837 2.585   1.00 47.62  ?  109  ASP A CG   1 
ATOM   884  O  OD1  . ASP A 1 109 ? -4.171  -11.880 2.282   1.00 44.43  ?  109  ASP A OD1  1 
ATOM   885  O  OD2  . ASP A 1 109 ? -6.030  -10.734 2.481   1.00 44.66  -1 109  ASP A OD2  1 
ATOM   886  N  N    . VAL A 1 110 ? -0.874  -10.663 1.384   1.00 49.93  ?  110  VAL A N    1 
ATOM   887  C  CA   . VAL A 1 110 ? -0.242  -10.774 0.072   1.00 55.06  ?  110  VAL A CA   1 
ATOM   888  C  C    . VAL A 1 110 ? -1.107  -11.537 -0.936  1.00 47.81  ?  110  VAL A C    1 
ATOM   889  O  O    . VAL A 1 110 ? -1.277  -11.085 -2.069  1.00 56.79  ?  110  VAL A O    1 
ATOM   890  C  CB   . VAL A 1 110 ? 1.157   -11.424 0.190   1.00 51.86  ?  110  VAL A CB   1 
ATOM   891  C  CG1  . VAL A 1 110 ? 1.829   -11.481 -1.172  1.00 52.46  ?  110  VAL A CG1  1 
ATOM   892  C  CG2  . VAL A 1 110 ? 2.023   -10.647 1.170   1.00 51.85  ?  110  VAL A CG2  1 
ATOM   893  N  N    . ASP A 1 111 ? -1.655  -12.681 -0.535  1.00 48.65  ?  111  ASP A N    1 
ATOM   894  C  CA   . ASP A 1 111 ? -2.459  -13.486 -1.457  1.00 50.81  ?  111  ASP A CA   1 
ATOM   895  C  C    . ASP A 1 111 ? -3.939  -13.100 -1.454  1.00 49.07  ?  111  ASP A C    1 
ATOM   896  O  O    . ASP A 1 111 ? -4.766  -13.802 -2.034  1.00 48.51  ?  111  ASP A O    1 
ATOM   897  C  CB   . ASP A 1 111 ? -2.297  -14.986 -1.149  1.00 42.94  ?  111  ASP A CB   1 
ATOM   898  C  CG   . ASP A 1 111 ? -2.762  -15.364 0.252   1.00 55.16  ?  111  ASP A CG   1 
ATOM   899  O  OD1  . ASP A 1 111 ? -3.528  -14.597 0.872   1.00 40.86  ?  111  ASP A OD1  1 
ATOM   900  O  OD2  . ASP A 1 111 ? -2.353  -16.436 0.745   1.00 56.38  -1 111  ASP A OD2  1 
ATOM   901  N  N    . ASN A 1 112 ? -4.261  -11.995 -0.787  1.00 53.77  ?  112  ASN A N    1 
ATOM   902  C  CA   . ASN A 1 112 ? -5.617  -11.442 -0.790  1.00 48.81  ?  112  ASN A CA   1 
ATOM   903  C  C    . ASN A 1 112 ? -6.707  -12.461 -0.452  1.00 47.24  ?  112  ASN A C    1 
ATOM   904  O  O    . ASN A 1 112 ? -7.728  -12.536 -1.132  1.00 52.84  ?  112  ASN A O    1 
ATOM   905  C  CB   . ASN A 1 112 ? -5.919  -10.810 -2.153  1.00 55.55  ?  112  ASN A CB   1 
ATOM   906  C  CG   . ASN A 1 112 ? -7.018  -9.768  -2.082  1.00 66.39  ?  112  ASN A CG   1 
ATOM   907  O  OD1  . ASN A 1 112 ? -6.888  -8.753  -1.396  1.00 64.66  ?  112  ASN A OD1  1 
ATOM   908  N  ND2  . ASN A 1 112 ? -8.111  -10.018 -2.795  1.00 77.05  ?  112  ASN A ND2  1 
ATOM   909  N  N    . ASP A 1 113 ? -6.486  -13.249 0.592   1.00 48.32  ?  113  ASP A N    1 
ATOM   910  C  CA   . ASP A 1 113 ? -7.488  -14.217 1.014   1.00 47.60  ?  113  ASP A CA   1 
ATOM   911  C  C    . ASP A 1 113 ? -8.269  -13.704 2.221   1.00 48.72  ?  113  ASP A C    1 
ATOM   912  O  O    . ASP A 1 113 ? -9.135  -14.397 2.759   1.00 49.86  ?  113  ASP A O    1 
ATOM   913  C  CB   . ASP A 1 113 ? -6.833  -15.553 1.336   1.00 48.20  ?  113  ASP A CB   1 
ATOM   914  C  CG   . ASP A 1 113 ? -5.968  -15.494 2.573   1.00 53.23  ?  113  ASP A CG   1 
ATOM   915  O  OD1  . ASP A 1 113 ? -5.527  -14.390 2.966   1.00 48.75  ?  113  ASP A OD1  1 
ATOM   916  O  OD2  . ASP A 1 113 ? -5.731  -16.569 3.159   1.00 49.23  -1 113  ASP A OD2  1 
ATOM   917  N  N    . GLY A 1 114 ? -7.944  -12.487 2.640   1.00 45.48  ?  114  GLY A N    1 
ATOM   918  C  CA   . GLY A 1 114 ? -8.629  -11.846 3.745   1.00 47.99  ?  114  GLY A CA   1 
ATOM   919  C  C    . GLY A 1 114 ? -8.064  -12.192 5.108   1.00 44.38  ?  114  GLY A C    1 
ATOM   920  O  O    . GLY A 1 114 ? -8.660  -11.866 6.131   1.00 43.50  ?  114  GLY A O    1 
ATOM   921  N  N    . TYR A 1 115 ? -6.916  -12.861 5.122   1.00 44.71  ?  115  TYR A N    1 
ATOM   922  C  CA   . TYR A 1 115 ? -6.214  -13.159 6.366   1.00 44.81  ?  115  TYR A CA   1 
ATOM   923  C  C    . TYR A 1 115 ? -4.740  -12.789 6.271   1.00 44.62  ?  115  TYR A C    1 
ATOM   924  O  O    . TYR A 1 115 ? -4.129  -12.906 5.212   1.00 36.32  ?  115  TYR A O    1 
ATOM   925  C  CB   . TYR A 1 115 ? -6.333  -14.642 6.735   1.00 42.03  ?  115  TYR A CB   1 
ATOM   926  C  CG   . TYR A 1 115 ? -7.740  -15.161 6.927   1.00 44.23  ?  115  TYR A CG   1 
ATOM   927  C  CD1  . TYR A 1 115 ? -8.457  -14.867 8.080   1.00 41.22  ?  115  TYR A CD1  1 
ATOM   928  C  CD2  . TYR A 1 115 ? -8.342  -15.966 5.968   1.00 43.03  ?  115  TYR A CD2  1 
ATOM   929  C  CE1  . TYR A 1 115 ? -9.743  -15.350 8.267   1.00 41.18  ?  115  TYR A CE1  1 
ATOM   930  C  CE2  . TYR A 1 115 ? -9.627  -16.452 6.146   1.00 43.52  ?  115  TYR A CE2  1 
ATOM   931  C  CZ   . TYR A 1 115 ? -10.323 -16.140 7.296   1.00 42.62  ?  115  TYR A CZ   1 
ATOM   932  O  OH   . TYR A 1 115 ? -11.601 -16.622 7.477   1.00 44.07  ?  115  TYR A OH   1 
ATOM   933  N  N    . ILE A 1 116 ? -4.168  -12.347 7.384   1.00 44.34  ?  116  ILE A N    1 
ATOM   934  C  CA   . ILE A 1 116 ? -2.724  -12.183 7.458   1.00 37.41  ?  116  ILE A CA   1 
ATOM   935  C  C    . ILE A 1 116 ? -2.108  -13.372 8.185   1.00 42.50  ?  116  ILE A C    1 
ATOM   936  O  O    . ILE A 1 116 ? -2.474  -13.672 9.320   1.00 43.21  ?  116  ILE A O    1 
ATOM   937  C  CB   . ILE A 1 116 ? -2.325  -10.879 8.154   1.00 41.42  ?  116  ILE A CB   1 
ATOM   938  C  CG1  . ILE A 1 116 ? -2.897  -9.661  7.429   1.00 43.02  ?  116  ILE A CG1  1 
ATOM   939  C  CG2  . ILE A 1 116 ? -0.811  -10.771 8.252   1.00 43.50  ?  116  ILE A CG2  1 
ATOM   940  C  CD1  . ILE A 1 116 ? -2.696  -8.384  8.215   1.00 46.56  ?  116  ILE A CD1  1 
ATOM   941  N  N    . THR A 1 117 ? -1.167  -14.043 7.535   1.00 43.59  ?  117  THR A N    1 
ATOM   942  C  CA   . THR A 1 117 ? -0.430  -15.116 8.182   1.00 42.96  ?  117  THR A CA   1 
ATOM   943  C  C    . THR A 1 117 ? 0.913   -14.584 8.667   1.00 49.49  ?  117  THR A C    1 
ATOM   944  O  O    . THR A 1 117 ? 1.315   -13.477 8.301   1.00 47.24  ?  117  THR A O    1 
ATOM   945  C  CB   . THR A 1 117 ? -0.209  -16.310 7.238   1.00 44.57  ?  117  THR A CB   1 
ATOM   946  O  OG1  . THR A 1 117 ? 0.551   -15.885 6.104   1.00 45.81  ?  117  THR A OG1  1 
ATOM   947  C  CG2  . THR A 1 117 ? -1.543  -16.879 6.769   1.00 40.64  ?  117  THR A CG2  1 
ATOM   948  N  N    . ARG A 1 118 ? 1.591   -15.371 9.498   1.00 50.59  ?  118  ARG A N    1 
ATOM   949  C  CA   . ARG A 1 118 ? 2.905   -15.001 10.005  1.00 53.53  ?  118  ARG A CA   1 
ATOM   950  C  C    . ARG A 1 118 ? 3.879   -14.818 8.851   1.00 52.74  ?  118  ARG A C    1 
ATOM   951  O  O    . ARG A 1 118 ? 4.624   -13.841 8.800   1.00 53.75  ?  118  ARG A O    1 
ATOM   952  C  CB   . ARG A 1 118 ? 3.430   -16.062 10.971  1.00 62.61  ?  118  ARG A CB   1 
ATOM   953  C  CG   . ARG A 1 118 ? 2.346   -16.845 11.689  1.00 63.99  ?  118  ARG A CG   1 
ATOM   954  C  CD   . ARG A 1 118 ? 2.936   -17.604 12.862  1.00 68.72  ?  118  ARG A CD   1 
ATOM   955  N  NE   . ARG A 1 118 ? 1.920   -18.020 13.824  1.00 67.97  ?  118  ARG A NE   1 
ATOM   956  C  CZ   . ARG A 1 118 ? 1.812   -17.528 15.053  1.00 68.54  ?  118  ARG A CZ   1 
ATOM   957  N  NH1  . ARG A 1 118 ? 2.657   -16.594 15.470  1.00 71.38  1  118  ARG A NH1  1 
ATOM   958  N  NH2  . ARG A 1 118 ? 0.860   -17.966 15.864  1.00 74.60  ?  118  ARG A NH2  1 
ATOM   959  N  N    . GLU A 1 119 ? 3.854   -15.772 7.925   1.00 48.85  ?  119  GLU A N    1 
ATOM   960  C  CA   . GLU A 1 119 ? 4.697   -15.735 6.737   1.00 60.03  ?  119  GLU A CA   1 
ATOM   961  C  C    . GLU A 1 119 ? 4.565   -14.427 5.970   1.00 52.34  ?  119  GLU A C    1 
ATOM   962  O  O    . GLU A 1 119 ? 5.563   -13.833 5.557   1.00 51.39  ?  119  GLU A O    1 
ATOM   963  C  CB   . GLU A 1 119 ? 4.353   -16.900 5.815   1.00 57.31  ?  119  GLU A CB   1 
ATOM   964  C  CG   . GLU A 1 119 ? 5.021   -18.202 6.193   1.00 81.34  ?  119  GLU A CG   1 
ATOM   965  C  CD   . GLU A 1 119 ? 5.650   -18.875 4.995   1.00 93.41  ?  119  GLU A CD   1 
ATOM   966  O  OE1  . GLU A 1 119 ? 4.897   -19.260 4.077   1.00 104.31 -1 119  GLU A OE1  1 
ATOM   967  O  OE2  . GLU A 1 119 ? 6.892   -19.009 4.963   1.00 115.56 ?  119  GLU A OE2  1 
ATOM   968  N  N    . GLU A 1 120 ? 3.327   -13.986 5.783   1.00 48.78  ?  120  GLU A N    1 
ATOM   969  C  CA   . GLU A 1 120 ? 3.055   -12.763 5.044   1.00 47.74  ?  120  GLU A CA   1 
ATOM   970  C  C    . GLU A 1 120 ? 3.593   -11.560 5.807   1.00 48.06  ?  120  GLU A C    1 
ATOM   971  O  O    . GLU A 1 120 ? 4.040   -10.587 5.209   1.00 50.34  ?  120  GLU A O    1 
ATOM   972  C  CB   . GLU A 1 120 ? 1.557   -12.612 4.791   1.00 44.51  ?  120  GLU A CB   1 
ATOM   973  C  CG   . GLU A 1 120 ? 1.031   -13.512 3.688   1.00 47.27  ?  120  GLU A CG   1 
ATOM   974  C  CD   . GLU A 1 120 ? -0.470  -13.408 3.529   1.00 50.56  ?  120  GLU A CD   1 
ATOM   975  O  OE1  . GLU A 1 120 ? -1.170  -13.376 4.564   1.00 49.57  ?  120  GLU A OE1  1 
ATOM   976  O  OE2  . GLU A 1 120 ? -0.951  -13.363 2.376   1.00 48.45  -1 120  GLU A OE2  1 
ATOM   977  N  N    . MET A 1 121 ? 3.561   -11.640 7.134   1.00 49.55  ?  121  MET A N    1 
ATOM   978  C  CA   . MET A 1 121 ? 4.080   -10.568 7.972   1.00 51.05  ?  121  MET A CA   1 
ATOM   979  C  C    . MET A 1 121 ? 5.607   -10.563 7.950   1.00 50.40  ?  121  MET A C    1 
ATOM   980  O  O    . MET A 1 121 ? 6.233   -9.502  7.989   1.00 54.99  ?  121  MET A O    1 
ATOM   981  C  CB   . MET A 1 121 ? 3.560   -10.707 9.404   1.00 52.25  ?  121  MET A CB   1 
ATOM   982  C  CG   . MET A 1 121 ? 3.623   -9.424  10.206  1.00 59.87  ?  121  MET A CG   1 
ATOM   983  S  SD   . MET A 1 121 ? 2.770   -9.559  11.787  1.00 75.53  ?  121  MET A SD   1 
ATOM   984  C  CE   . MET A 1 121 ? 1.152   -8.947  11.328  1.00 57.87  ?  121  MET A CE   1 
ATOM   985  N  N    . TYR A 1 122 ? 6.199   -11.754 7.896   1.00 51.03  ?  122  TYR A N    1 
ATOM   986  C  CA   . TYR A 1 122 ? 7.635   -11.896 7.683   1.00 52.88  ?  122  TYR A CA   1 
ATOM   987  C  C    . TYR A 1 122 ? 8.025   -11.263 6.356   1.00 54.45  ?  122  TYR A C    1 
ATOM   988  O  O    . TYR A 1 122 ? 8.984   -10.496 6.269   1.00 55.52  ?  122  TYR A O    1 
ATOM   989  C  CB   . TYR A 1 122 ? 8.050   -13.367 7.675   1.00 54.95  ?  122  TYR A CB   1 
ATOM   990  C  CG   . TYR A 1 122 ? 7.830   -14.105 8.972   1.00 58.71  ?  122  TYR A CG   1 
ATOM   991  C  CD1  . TYR A 1 122 ? 7.949   -13.460 10.196  1.00 58.77  ?  122  TYR A CD1  1 
ATOM   992  C  CD2  . TYR A 1 122 ? 7.534   -15.461 8.971   1.00 63.58  ?  122  TYR A CD2  1 
ATOM   993  C  CE1  . TYR A 1 122 ? 7.758   -14.145 11.381  1.00 62.02  ?  122  TYR A CE1  1 
ATOM   994  C  CE2  . TYR A 1 122 ? 7.345   -16.152 10.147  1.00 63.25  ?  122  TYR A CE2  1 
ATOM   995  C  CZ   . TYR A 1 122 ? 7.457   -15.493 11.348  1.00 67.42  ?  122  TYR A CZ   1 
ATOM   996  O  OH   . TYR A 1 122 ? 7.265   -16.197 12.512  1.00 73.27  ?  122  TYR A OH   1 
ATOM   997  N  N    . ASN A 1 123 ? 7.260   -11.623 5.329   1.00 48.60  ?  123  ASN A N    1 
ATOM   998  C  CA   . ASN A 1 123 ? 7.441   -11.147 3.962   1.00 51.59  ?  123  ASN A CA   1 
ATOM   999  C  C    . ASN A 1 123 ? 7.628   -9.634  3.888   1.00 52.60  ?  123  ASN A C    1 
ATOM   1000 O  O    . ASN A 1 123 ? 8.574   -9.149  3.265   1.00 50.65  ?  123  ASN A O    1 
ATOM   1001 C  CB   . ASN A 1 123 ? 6.241   -11.575 3.109   1.00 54.48  ?  123  ASN A CB   1 
ATOM   1002 C  CG   . ASN A 1 123 ? 6.480   -11.386 1.628   1.00 65.63  ?  123  ASN A CG   1 
ATOM   1003 O  OD1  . ASN A 1 123 ? 7.544   -10.936 1.218   1.00 71.46  ?  123  ASN A OD1  1 
ATOM   1004 N  ND2  . ASN A 1 123 ? 5.487   -11.729 0.816   1.00 61.30  ?  123  ASN A ND2  1 
ATOM   1005 N  N    . ILE A 1 124 ? 6.731   -8.897  4.533   1.00 44.17  ?  124  ILE A N    1 
ATOM   1006 C  CA   . ILE A 1 124 ? 6.749   -7.443  4.478   1.00 50.10  ?  124  ILE A CA   1 
ATOM   1007 C  C    . ILE A 1 124 ? 7.931   -6.865  5.257   1.00 51.74  ?  124  ILE A C    1 
ATOM   1008 O  O    . ILE A 1 124 ? 8.621   -5.969  4.767   1.00 53.51  ?  124  ILE A O    1 
ATOM   1009 C  CB   . ILE A 1 124 ? 5.405   -6.860  4.986   1.00 46.29  ?  124  ILE A CB   1 
ATOM   1010 C  CG1  . ILE A 1 124 ? 4.393   -6.778  3.843   1.00 48.54  ?  124  ILE A CG1  1 
ATOM   1011 C  CG2  . ILE A 1 124 ? 5.608   -5.475  5.573   1.00 52.66  ?  124  ILE A CG2  1 
ATOM   1012 C  CD1  . ILE A 1 124 ? 3.828   -8.104  3.389   1.00 44.18  ?  124  ILE A CD1  1 
ATOM   1013 N  N    . VAL A 1 125 ? 8.170   -7.389  6.457   1.00 53.74  ?  125  VAL A N    1 
ATOM   1014 C  CA   . VAL A 1 125 ? 9.245   -6.886  7.306   1.00 51.43  ?  125  VAL A CA   1 
ATOM   1015 C  C    . VAL A 1 125 ? 10.587  -7.109  6.615   1.00 54.57  ?  125  VAL A C    1 
ATOM   1016 O  O    . VAL A 1 125 ? 11.475  -6.255  6.675   1.00 61.11  ?  125  VAL A O    1 
ATOM   1017 C  CB   . VAL A 1 125 ? 9.210   -7.546  8.706   1.00 56.39  ?  125  VAL A CB   1 
ATOM   1018 C  CG1  . VAL A 1 125 ? 10.589  -7.516  9.358   1.00 57.94  ?  125  VAL A CG1  1 
ATOM   1019 C  CG2  . VAL A 1 125 ? 8.161   -6.878  9.595   1.00 51.70  ?  125  VAL A CG2  1 
ATOM   1020 N  N    . ASP A 1 126 ? 10.722  -8.250  5.944   1.00 51.59  ?  126  ASP A N    1 
ATOM   1021 C  CA   . ASP A 1 126 ? 11.912  -8.533  5.152   1.00 56.26  ?  126  ASP A CA   1 
ATOM   1022 C  C    . ASP A 1 126 ? 12.071  -7.469  4.074   1.00 59.55  ?  126  ASP A C    1 
ATOM   1023 O  O    . ASP A 1 126 ? 13.138  -6.871  3.935   1.00 58.69  ?  126  ASP A O    1 
ATOM   1024 C  CB   . ASP A 1 126 ? 11.834  -9.923  4.517   1.00 62.54  ?  126  ASP A CB   1 
ATOM   1025 C  CG   . ASP A 1 126 ? 12.894  -10.140 3.449   1.00 76.99  ?  126  ASP A CG   1 
ATOM   1026 O  OD1  . ASP A 1 126 ? 14.082  -10.284 3.806   1.00 78.66  ?  126  ASP A OD1  1 
ATOM   1027 O  OD2  . ASP A 1 126 ? 12.538  -10.168 2.252   1.00 80.82  -1 126  ASP A OD2  1 
ATOM   1028 N  N    . ALA A 1 127 ? 10.993  -7.232  3.330   1.00 59.75  ?  127  ALA A N    1 
ATOM   1029 C  CA   . ALA A 1 127 ? 10.971  -6.230  2.268   1.00 56.13  ?  127  ALA A CA   1 
ATOM   1030 C  C    . ALA A 1 127 ? 11.397  -4.863  2.788   1.00 60.29  ?  127  ALA A C    1 
ATOM   1031 O  O    . ALA A 1 127 ? 12.187  -4.168  2.149   1.00 60.09  ?  127  ALA A O    1 
ATOM   1032 C  CB   . ALA A 1 127 ? 9.583   -6.146  1.648   1.00 51.41  ?  127  ALA A CB   1 
ATOM   1033 N  N    . ILE A 1 128 ? 10.868  -4.485  3.948   1.00 54.68  ?  128  ILE A N    1 
ATOM   1034 C  CA   . ILE A 1 128 ? 11.217  -3.217  4.578   1.00 59.29  ?  128  ILE A CA   1 
ATOM   1035 C  C    . ILE A 1 128 ? 12.701  -3.202  4.915   1.00 65.83  ?  128  ILE A C    1 
ATOM   1036 O  O    . ILE A 1 128 ? 13.373  -2.181  4.755   1.00 66.30  ?  128  ILE A O    1 
ATOM   1037 C  CB   . ILE A 1 128 ? 10.359  -2.960  5.833   1.00 58.95  ?  128  ILE A CB   1 
ATOM   1038 C  CG1  . ILE A 1 128 ? 8.894   -2.777  5.440   1.00 60.09  ?  128  ILE A CG1  1 
ATOM   1039 C  CG2  . ILE A 1 128 ? 10.854  -1.727  6.586   1.00 63.34  ?  128  ILE A CG2  1 
ATOM   1040 C  CD1  . ILE A 1 128 ? 7.939   -2.757  6.609   1.00 57.89  ?  128  ILE A CD1  1 
ATOM   1041 N  N    . TYR A 1 129 ? 13.211  -4.339  5.377   1.00 65.10  ?  129  TYR A N    1 
ATOM   1042 C  CA   . TYR A 1 129 ? 14.629  -4.462  5.696   1.00 69.24  ?  129  TYR A CA   1 
ATOM   1043 C  C    . TYR A 1 129 ? 15.524  -4.339  4.474   1.00 67.41  ?  129  TYR A C    1 
ATOM   1044 O  O    . TYR A 1 129 ? 16.593  -3.732  4.553   1.00 72.67  ?  129  TYR A O    1 
ATOM   1045 C  CB   . TYR A 1 129 ? 14.924  -5.794  6.389   1.00 68.53  ?  129  TYR A CB   1 
ATOM   1046 C  CG   . TYR A 1 129 ? 14.782  -5.767  7.890   1.00 72.59  ?  129  TYR A CG   1 
ATOM   1047 C  CD1  . TYR A 1 129 ? 13.893  -4.903  8.514   1.00 70.66  ?  129  TYR A CD1  1 
ATOM   1048 C  CD2  . TYR A 1 129 ? 15.554  -6.602  8.688   1.00 77.15  ?  129  TYR A CD2  1 
ATOM   1049 C  CE1  . TYR A 1 129 ? 13.770  -4.881  9.891   1.00 84.16  ?  129  TYR A CE1  1 
ATOM   1050 C  CE2  . TYR A 1 129 ? 15.439  -6.586  10.062  1.00 88.51  ?  129  TYR A CE2  1 
ATOM   1051 C  CZ   . TYR A 1 129 ? 14.546  -5.725  10.660  1.00 97.85  ?  129  TYR A CZ   1 
ATOM   1052 O  OH   . TYR A 1 129 ? 14.432  -5.710  12.031  1.00 99.36  ?  129  TYR A OH   1 
ATOM   1053 N  N    . GLN A 1 130 ? 15.113  -4.924  3.352   1.00 66.68  ?  130  GLN A N    1 
ATOM   1054 C  CA   . GLN A 1 130 ? 15.993  -4.933  2.190   1.00 64.97  ?  130  GLN A CA   1 
ATOM   1055 C  C    . GLN A 1 130 ? 16.025  -3.512  1.637   1.00 72.37  ?  130  GLN A C    1 
ATOM   1056 O  O    . GLN A 1 130 ? 17.057  -3.044  1.162   1.00 79.68  ?  130  GLN A O    1 
ATOM   1057 C  CB   . GLN A 1 130 ? 15.530  -5.905  1.100   1.00 62.61  ?  130  GLN A CB   1 
ATOM   1058 C  CG   . GLN A 1 130 ? 15.140  -7.298  1.568   1.00 64.85  ?  130  GLN A CG   1 
ATOM   1059 C  CD   . GLN A 1 130 ? 14.878  -8.238  0.399   1.00 67.00  ?  130  GLN A CD   1 
ATOM   1060 O  OE1  . GLN A 1 130 ? 14.017  -9.121  0.476   1.00 75.41  ?  130  GLN A OE1  1 
ATOM   1061 N  NE2  . GLN A 1 130 ? 15.720  -8.137  -0.642  1.00 72.26  ?  130  GLN A NE2  1 
ATOM   1062 N  N    . MET A 1 131 ? 14.883  -2.831  1.712   1.00 67.01  ?  131  MET A N    1 
ATOM   1063 C  CA   . MET A 1 131 ? 14.758  -1.462  1.220   1.00 69.90  ?  131  MET A CA   1 
ATOM   1064 C  C    . MET A 1 131 ? 15.612  -0.505  2.052   1.00 75.83  ?  131  MET A C    1 
ATOM   1065 O  O    . MET A 1 131 ? 16.261  0.390   1.509   1.00 78.47  ?  131  MET A O    1 
ATOM   1066 C  CB   . MET A 1 131 ? 13.287  -1.022  1.232   1.00 67.00  ?  131  MET A CB   1 
ATOM   1067 C  CG   . MET A 1 131 ? 13.062  0.457   0.958   1.00 71.19  ?  131  MET A CG   1 
ATOM   1068 S  SD   . MET A 1 131 ? 11.320  0.892   0.757   1.00 94.81  ?  131  MET A SD   1 
ATOM   1069 C  CE   . MET A 1 131 ? 10.708  0.640   2.423   1.00 67.68  ?  131  MET A CE   1 
ATOM   1070 N  N    . VAL A 1 132 ? 15.608  -0.700  3.369   1.00 73.58  ?  132  VAL A N    1 
ATOM   1071 C  CA   . VAL A 1 132 ? 16.435  0.096   4.271   1.00 78.91  ?  132  VAL A CA   1 
ATOM   1072 C  C    . VAL A 1 132 ? 17.685  -0.688  4.656   1.00 77.02  ?  132  VAL A C    1 
ATOM   1073 O  O    . VAL A 1 132 ? 18.805  -0.288  4.340   1.00 83.55  ?  132  VAL A O    1 
ATOM   1074 C  CB   . VAL A 1 132 ? 15.657  0.519   5.533   1.00 66.61  ?  132  VAL A CB   1 
ATOM   1075 C  CG1  . VAL A 1 132 ? 16.557  1.316   6.471   1.00 67.58  ?  132  VAL A CG1  1 
ATOM   1076 C  CG2  . VAL A 1 132 ? 14.423  1.327   5.158   1.00 69.80  ?  132  VAL A CG2  1 
ATOM   1077 N  N    . THR A 1 143 ? 15.708  -11.637 17.862  1.00 76.21  ?  143  THR A N    1 
ATOM   1078 C  CA   . THR A 1 143 ? 15.813  -11.830 16.420  1.00 87.41  ?  143  THR A CA   1 
ATOM   1079 C  C    . THR A 1 143 ? 14.553  -11.241 15.774  1.00 86.85  ?  143  THR A C    1 
ATOM   1080 O  O    . THR A 1 143 ? 13.501  -11.189 16.415  1.00 84.21  ?  143  THR A O    1 
ATOM   1081 C  CB   . THR A 1 143 ? 15.996  -13.338 16.066  1.00 83.52  ?  143  THR A CB   1 
ATOM   1082 O  OG1  . THR A 1 143 ? 16.378  -13.486 14.694  1.00 89.06  ?  143  THR A OG1  1 
ATOM   1083 C  CG2  . THR A 1 143 ? 14.717  -14.118 16.303  1.00 77.23  ?  143  THR A CG2  1 
ATOM   1084 N  N    . PRO A 1 144 ? 14.658  -10.763 14.517  1.00 91.54  ?  144  PRO A N    1 
ATOM   1085 C  CA   . PRO A 1 144 ? 13.506  -10.106 13.879  1.00 85.61  ?  144  PRO A CA   1 
ATOM   1086 C  C    . PRO A 1 144 ? 12.231  -10.946 13.839  1.00 79.08  ?  144  PRO A C    1 
ATOM   1087 O  O    . PRO A 1 144 ? 11.154  -10.393 14.058  1.00 77.73  ?  144  PRO A O    1 
ATOM   1088 C  CB   . PRO A 1 144 ? 14.004  -9.810  12.458  1.00 82.32  ?  144  PRO A CB   1 
ATOM   1089 C  CG   . PRO A 1 144 ? 15.480  -9.857  12.535  1.00 92.15  ?  144  PRO A CG   1 
ATOM   1090 C  CD   . PRO A 1 144 ? 15.845  -10.779 13.644  1.00 86.59  ?  144  PRO A CD   1 
ATOM   1091 N  N    . GLN A 1 145 ? 12.345  -12.245 13.578  1.00 74.68  ?  145  GLN A N    1 
ATOM   1092 C  CA   . GLN A 1 145 ? 11.175  -13.118 13.580  1.00 72.19  ?  145  GLN A CA   1 
ATOM   1093 C  C    . GLN A 1 145 ? 10.509  -13.144 14.953  1.00 74.67  ?  145  GLN A C    1 
ATOM   1094 O  O    . GLN A 1 145 ? 9.281   -13.141 15.058  1.00 69.98  ?  145  GLN A O    1 
ATOM   1095 C  CB   . GLN A 1 145 ? 11.552  -14.543 13.158  1.00 64.77  ?  145  GLN A CB   1 
ATOM   1096 C  CG   . GLN A 1 145 ? 10.428  -15.550 13.369  1.00 70.97  ?  145  GLN A CG   1 
ATOM   1097 C  CD   . GLN A 1 145 ? 10.756  -16.944 12.868  1.00 71.08  ?  145  GLN A CD   1 
ATOM   1098 O  OE1  . GLN A 1 145 ? 11.602  -17.123 11.991  1.00 81.39  ?  145  GLN A OE1  1 
ATOM   1099 N  NE2  . GLN A 1 145 ? 10.072  -17.940 13.419  1.00 67.40  ?  145  GLN A NE2  1 
ATOM   1100 N  N    . LYS A 1 146 ? 11.327  -13.156 16.002  1.00 80.14  ?  146  LYS A N    1 
ATOM   1101 C  CA   . LYS A 1 146 ? 10.820  -13.278 17.365  1.00 75.38  ?  146  LYS A CA   1 
ATOM   1102 C  C    . LYS A 1 146 ? 9.925   -12.105 17.735  1.00 72.78  ?  146  LYS A C    1 
ATOM   1103 O  O    . LYS A 1 146 ? 8.864   -12.292 18.328  1.00 72.71  ?  146  LYS A O    1 
ATOM   1104 C  CB   . LYS A 1 146 ? 11.967  -13.385 18.369  1.00 72.20  ?  146  LYS A CB   1 
ATOM   1105 C  CG   . LYS A 1 146 ? 11.502  -13.626 19.793  1.00 73.20  ?  146  LYS A CG   1 
ATOM   1106 C  CD   . LYS A 1 146 ? 10.874  -15.007 19.924  1.00 82.48  ?  146  LYS A CD   1 
ATOM   1107 C  CE   . LYS A 1 146 ? 10.392  -15.271 21.340  1.00 78.22  ?  146  LYS A CE   1 
ATOM   1108 N  NZ   . LYS A 1 146 ? 11.518  -15.307 22.312  1.00 76.93  1  146  LYS A NZ   1 
ATOM   1109 N  N    . ARG A 1 147 ? 10.357  -10.895 17.388  1.00 76.69  ?  147  ARG A N    1 
ATOM   1110 C  CA   . ARG A 1 147 ? 9.560   -9.710  17.673  1.00 78.44  ?  147  ARG A CA   1 
ATOM   1111 C  C    . ARG A 1 147 ? 8.260   -9.751  16.878  1.00 73.60  ?  147  ARG A C    1 
ATOM   1112 O  O    . ARG A 1 147 ? 7.205   -9.378  17.387  1.00 67.94  ?  147  ARG A O    1 
ATOM   1113 C  CB   . ARG A 1 147 ? 10.334  -8.422  17.364  1.00 79.82  ?  147  ARG A CB   1 
ATOM   1114 C  CG   . ARG A 1 147 ? 11.520  -8.185  18.289  1.00 86.41  ?  147  ARG A CG   1 
ATOM   1115 C  CD   . ARG A 1 147 ? 12.253  -6.879  17.986  1.00 81.65  ?  147  ARG A CD   1 
ATOM   1116 N  NE   . ARG A 1 147 ? 12.821  -6.791  16.643  1.00 90.80  ?  147  ARG A NE   1 
ATOM   1117 C  CZ   . ARG A 1 147 ? 13.906  -7.444  16.240  1.00 91.33  ?  147  ARG A CZ   1 
ATOM   1118 N  NH1  . ARG A 1 147 ? 14.545  -8.257  17.070  1.00 88.85  1  147  ARG A NH1  1 
ATOM   1119 N  NH2  . ARG A 1 147 ? 14.352  -7.281  15.002  1.00 85.51  ?  147  ARG A NH2  1 
ATOM   1120 N  N    . VAL A 1 148 ? 8.341   -10.221 15.636  1.00 67.61  ?  148  VAL A N    1 
ATOM   1121 C  CA   . VAL A 1 148 ? 7.163   -10.335 14.783  1.00 66.32  ?  148  VAL A CA   1 
ATOM   1122 C  C    . VAL A 1 148 ? 6.178   -11.335 15.366  1.00 65.77  ?  148  VAL A C    1 
ATOM   1123 O  O    . VAL A 1 148 ? 5.007   -11.012 15.567  1.00 59.22  ?  148  VAL A O    1 
ATOM   1124 C  CB   . VAL A 1 148 ? 7.543   -10.729 13.347  1.00 64.58  ?  148  VAL A CB   1 
ATOM   1125 C  CG1  . VAL A 1 148 ? 6.295   -11.071 12.540  1.00 58.83  ?  148  VAL A CG1  1 
ATOM   1126 C  CG2  . VAL A 1 148 ? 8.321   -9.609  12.684  1.00 63.76  ?  148  VAL A CG2  1 
ATOM   1127 N  N    . ASP A 1 149 ? 6.660   -12.550 15.628  1.00 69.18  ?  149  ASP A N    1 
ATOM   1128 C  CA   . ASP A 1 149 ? 5.852   -13.598 16.244  1.00 69.32  ?  149  ASP A CA   1 
ATOM   1129 C  C    . ASP A 1 149 ? 5.158   -13.089 17.496  1.00 64.05  ?  149  ASP A C    1 
ATOM   1130 O  O    . ASP A 1 149 ? 3.962   -13.303 17.678  1.00 65.24  ?  149  ASP A O    1 
ATOM   1131 C  CB   . ASP A 1 149 ? 6.709   -14.817 16.592  1.00 72.44  ?  149  ASP A CB   1 
ATOM   1132 C  CG   . ASP A 1 149 ? 7.044   -15.657 15.381  1.00 76.85  ?  149  ASP A CG   1 
ATOM   1133 O  OD1  . ASP A 1 149 ? 6.115   -15.999 14.620  1.00 83.55  ?  149  ASP A OD1  1 
ATOM   1134 O  OD2  . ASP A 1 149 ? 8.233   -15.984 15.191  1.00 76.72  -1 149  ASP A OD2  1 
ATOM   1135 N  N    . LYS A 1 150 ? 5.919   -12.409 18.346  1.00 68.33  ?  150  LYS A N    1 
ATOM   1136 C  CA   . LYS A 1 150 ? 5.386   -11.820 19.567  1.00 68.96  ?  150  LYS A CA   1 
ATOM   1137 C  C    . LYS A 1 150 ? 4.205   -10.892 19.277  1.00 62.12  ?  150  LYS A C    1 
ATOM   1138 O  O    . LYS A 1 150 ? 3.163   -10.981 19.926  1.00 63.01  ?  150  LYS A O    1 
ATOM   1139 C  CB   . LYS A 1 150 ? 6.490   -11.059 20.303  1.00 72.86  ?  150  LYS A CB   1 
ATOM   1140 C  CG   . LYS A 1 150 ? 6.032   -10.317 21.543  1.00 76.93  ?  150  LYS A CG   1 
ATOM   1141 C  CD   . LYS A 1 150 ? 7.216   -9.735  22.300  1.00 96.47  ?  150  LYS A CD   1 
ATOM   1142 C  CE   . LYS A 1 150 ? 6.763   -8.995  23.547  1.00 83.92  ?  150  LYS A CE   1 
ATOM   1143 N  NZ   . LYS A 1 150 ? 6.604   -9.920  24.704  1.00 81.60  1  150  LYS A NZ   1 
ATOM   1144 N  N    . ILE A 1 151 ? 4.366   -10.013 18.292  1.00 60.54  ?  151  ILE A N    1 
ATOM   1145 C  CA   . ILE A 1 151 ? 3.304   -9.084  17.925  1.00 59.98  ?  151  ILE A CA   1 
ATOM   1146 C  C    . ILE A 1 151 ? 2.164   -9.825  17.235  1.00 58.59  ?  151  ILE A C    1 
ATOM   1147 O  O    . ILE A 1 151 ? 0.992   -9.537  17.480  1.00 56.03  ?  151  ILE A O    1 
ATOM   1148 C  CB   . ILE A 1 151 ? 3.834   -7.944  17.038  1.00 65.05  ?  151  ILE A CB   1 
ATOM   1149 C  CG1  . ILE A 1 151 ? 4.962   -7.193  17.750  1.00 64.47  ?  151  ILE A CG1  1 
ATOM   1150 C  CG2  . ILE A 1 151 ? 2.715   -6.985  16.681  1.00 64.29  ?  151  ILE A CG2  1 
ATOM   1151 C  CD1  . ILE A 1 151 ? 5.851   -6.401  16.815  1.00 65.20  ?  151  ILE A CD1  1 
ATOM   1152 N  N    . PHE A 1 152 ? 2.506   -10.783 16.377  1.00 53.81  ?  152  PHE A N    1 
ATOM   1153 C  CA   . PHE A 1 152 ? 1.488   -11.586 15.705  1.00 54.37  ?  152  PHE A CA   1 
ATOM   1154 C  C    . PHE A 1 152 ? 0.714   -12.420 16.723  1.00 56.41  ?  152  PHE A C    1 
ATOM   1155 O  O    . PHE A 1 152 ? -0.512  -12.503 16.652  1.00 53.89  ?  152  PHE A O    1 
ATOM   1156 C  CB   . PHE A 1 152 ? 2.111   -12.489 14.628  1.00 58.15  ?  152  PHE A CB   1 
ATOM   1157 C  CG   . PHE A 1 152 ? 1.096   -13.181 13.743  1.00 54.03  ?  152  PHE A CG   1 
ATOM   1158 C  CD1  . PHE A 1 152 ? 0.371   -14.263 14.217  1.00 57.02  ?  152  PHE A CD1  1 
ATOM   1159 C  CD2  . PHE A 1 152 ? 0.864   -12.749 12.446  1.00 47.89  ?  152  PHE A CD2  1 
ATOM   1160 C  CE1  . PHE A 1 152 ? -0.562  -14.900 13.426  1.00 56.58  ?  152  PHE A CE1  1 
ATOM   1161 C  CE2  . PHE A 1 152 ? -0.073  -13.390 11.643  1.00 51.47  ?  152  PHE A CE2  1 
ATOM   1162 C  CZ   . PHE A 1 152 ? -0.785  -14.466 12.139  1.00 50.06  ?  152  PHE A CZ   1 
ATOM   1163 N  N    . ASP A 1 153 ? 1.424   -13.033 17.667  1.00 59.07  ?  153  ASP A N    1 
ATOM   1164 C  CA   . ASP A 1 153 ? 0.782   -13.868 18.680  1.00 64.75  ?  153  ASP A CA   1 
ATOM   1165 C  C    . ASP A 1 153 ? -0.173  -13.042 19.536  1.00 61.95  ?  153  ASP A C    1 
ATOM   1166 O  O    . ASP A 1 153 ? -1.213  -13.534 19.975  1.00 66.22  ?  153  ASP A O    1 
ATOM   1167 C  CB   . ASP A 1 153 ? 1.830   -14.550 19.562  1.00 65.11  ?  153  ASP A CB   1 
ATOM   1168 C  CG   . ASP A 1 153 ? 2.510   -15.710 18.860  1.00 78.57  ?  153  ASP A CG   1 
ATOM   1169 O  OD1  . ASP A 1 153 ? 1.909   -16.260 17.913  1.00 77.94  ?  153  ASP A OD1  1 
ATOM   1170 O  OD2  . ASP A 1 153 ? 3.647   -16.064 19.242  1.00 88.78  -1 153  ASP A OD2  1 
ATOM   1171 N  N    . GLN A 1 154 ? 0.182   -11.781 19.758  1.00 59.74  ?  154  GLN A N    1 
ATOM   1172 C  CA   . GLN A 1 154 ? -0.648  -10.874 20.546  1.00 61.45  ?  154  GLN A CA   1 
ATOM   1173 C  C    . GLN A 1 154 ? -1.939  -10.505 19.811  1.00 62.92  ?  154  GLN A C    1 
ATOM   1174 O  O    . GLN A 1 154 ? -3.007  -10.422 20.417  1.00 63.61  ?  154  GLN A O    1 
ATOM   1175 C  CB   . GLN A 1 154 ? 0.141   -9.612  20.902  1.00 64.27  ?  154  GLN A CB   1 
ATOM   1176 C  CG   . GLN A 1 154 ? -0.711  -8.399  21.247  1.00 69.28  ?  154  GLN A CG   1 
ATOM   1177 C  CD   . GLN A 1 154 ? -1.454  -8.552  22.563  1.00 92.73  ?  154  GLN A CD   1 
ATOM   1178 O  OE1  . GLN A 1 154 ? -2.672  -8.733  22.583  1.00 102.22 ?  154  GLN A OE1  1 
ATOM   1179 N  NE2  . GLN A 1 154 ? -0.725  -8.469  23.669  1.00 84.96  ?  154  GLN A NE2  1 
ATOM   1180 N  N    . MET A 1 155 ? -1.837  -10.302 18.502  1.00 57.27  ?  155  MET A N    1 
ATOM   1181 C  CA   . MET A 1 155 ? -2.987  -9.919  17.682  1.00 57.60  ?  155  MET A CA   1 
ATOM   1182 C  C    . MET A 1 155 ? -3.931  -11.091 17.392  1.00 53.48  ?  155  MET A C    1 
ATOM   1183 O  O    . MET A 1 155 ? -5.137  -10.900 17.245  1.00 51.93  ?  155  MET A O    1 
ATOM   1184 C  CB   . MET A 1 155 ? -2.509  -9.303  16.363  1.00 58.22  ?  155  MET A CB   1 
ATOM   1185 C  CG   . MET A 1 155 ? -1.876  -7.928  16.509  1.00 58.66  ?  155  MET A CG   1 
ATOM   1186 S  SD   . MET A 1 155 ? -1.626  -7.108  14.919  1.00 65.21  ?  155  MET A SD   1 
ATOM   1187 C  CE   . MET A 1 155 ? -0.523  -5.774  15.377  1.00 63.50  ?  155  MET A CE   1 
ATOM   1188 N  N    . ASP A 1 156 ? -3.377  -12.297 17.304  1.00 54.49  ?  156  ASP A N    1 
ATOM   1189 C  CA   . ASP A 1 156 ? -4.166  -13.485 16.975  1.00 54.06  ?  156  ASP A CA   1 
ATOM   1190 C  C    . ASP A 1 156 ? -4.933  -14.008 18.186  1.00 60.77  ?  156  ASP A C    1 
ATOM   1191 O  O    . ASP A 1 156 ? -4.449  -14.878 18.907  1.00 61.65  ?  156  ASP A O    1 
ATOM   1192 C  CB   . ASP A 1 156 ? -3.254  -14.576 16.404  1.00 51.36  ?  156  ASP A CB   1 
ATOM   1193 C  CG   . ASP A 1 156 ? -4.016  -15.811 15.968  1.00 48.59  ?  156  ASP A CG   1 
ATOM   1194 O  OD1  . ASP A 1 156 ? -5.222  -15.697 15.668  1.00 50.26  ?  156  ASP A OD1  1 
ATOM   1195 O  OD2  . ASP A 1 156 ? -3.406  -16.901 15.912  1.00 49.02  -1 156  ASP A OD2  1 
ATOM   1196 N  N    . LYS A 1 157 ? -6.139  -13.486 18.390  1.00 54.42  ?  157  LYS A N    1 
ATOM   1197 C  CA   . LYS A 1 157 ? -6.913  -13.781 19.596  1.00 63.94  ?  157  LYS A CA   1 
ATOM   1198 C  C    . LYS A 1 157 ? -7.389  -15.232 19.693  1.00 68.23  ?  157  LYS A C    1 
ATOM   1199 O  O    . LYS A 1 157 ? -7.073  -15.918 20.661  1.00 68.25  ?  157  LYS A O    1 
ATOM   1200 C  CB   . LYS A 1 157 ? -8.113  -12.832 19.702  1.00 63.32  ?  157  LYS A CB   1 
ATOM   1201 C  CG   . LYS A 1 157 ? -7.749  -11.433 20.202  1.00 62.35  ?  157  LYS A CG   1 
ATOM   1202 C  CD   . LYS A 1 157 ? -6.460  -11.449 21.023  1.00 65.46  ?  157  LYS A CD   1 
ATOM   1203 C  CE   . LYS A 1 157 ? -6.073  -10.059 21.503  1.00 75.68  ?  157  LYS A CE   1 
ATOM   1204 N  NZ   . LYS A 1 157 ? -6.885  -8.993  20.855  1.00 88.69  1  157  LYS A NZ   1 
ATOM   1205 N  N    . ASN A 1 158 ? -8.140  -15.705 18.704  1.00 65.07  ?  158  ASN A N    1 
ATOM   1206 C  CA   . ASN A 1 158 ? -8.642  -17.079 18.744  1.00 61.01  ?  158  ASN A CA   1 
ATOM   1207 C  C    . ASN A 1 158 ? -7.557  -18.116 18.423  1.00 68.12  ?  158  ASN A C    1 
ATOM   1208 O  O    . ASN A 1 158 ? -7.853  -19.303 18.281  1.00 68.90  ?  158  ASN A O    1 
ATOM   1209 C  CB   . ASN A 1 158 ? -9.839  -17.239 17.797  1.00 72.97  ?  158  ASN A CB   1 
ATOM   1210 C  CG   . ASN A 1 158 ? -9.494  -16.934 16.349  1.00 68.65  ?  158  ASN A CG   1 
ATOM   1211 O  OD1  . ASN A 1 158 ? -8.370  -17.150 15.906  1.00 74.67  ?  158  ASN A OD1  1 
ATOM   1212 N  ND2  . ASN A 1 158 ? -10.476 -16.441 15.600  1.00 64.20  ?  158  ASN A ND2  1 
ATOM   1213 N  N    . HIS A 1 159 ? -6.313  -17.658 18.299  1.00 64.14  ?  159  HIS A N    1 
ATOM   1214 C  CA   . HIS A 1 159 ? -5.155  -18.540 18.148  1.00 64.94  ?  159  HIS A CA   1 
ATOM   1215 C  C    . HIS A 1 159 ? -5.263  -19.513 16.965  1.00 60.86  ?  159  HIS A C    1 
ATOM   1216 O  O    . HIS A 1 159 ? -5.047  -20.715 17.130  1.00 64.75  ?  159  HIS A O    1 
ATOM   1217 C  CB   . HIS A 1 159 ? -4.938  -19.347 19.436  1.00 66.94  ?  159  HIS A CB   1 
ATOM   1218 C  CG   . HIS A 1 159 ? -4.567  -18.518 20.628  1.00 68.68  ?  159  HIS A CG   1 
ATOM   1219 N  ND1  . HIS A 1 159 ? -5.484  -17.762 21.328  1.00 67.57  ?  159  HIS A ND1  1 
ATOM   1220 C  CD2  . HIS A 1 159 ? -3.382  -18.353 21.265  1.00 66.55  ?  159  HIS A CD2  1 
ATOM   1221 C  CE1  . HIS A 1 159 ? -4.878  -17.155 22.332  1.00 64.80  ?  159  HIS A CE1  1 
ATOM   1222 N  NE2  . HIS A 1 159 ? -3.602  -17.497 22.317  1.00 67.53  ?  159  HIS A NE2  1 
ATOM   1223 N  N    . ASP A 1 160 ? -5.591  -19.006 15.778  1.00 59.66  ?  160  ASP A N    1 
ATOM   1224 C  CA   . ASP A 1 160 ? -5.715  -19.867 14.602  1.00 55.27  ?  160  ASP A CA   1 
ATOM   1225 C  C    . ASP A 1 160 ? -4.631  -19.595 13.565  1.00 54.74  ?  160  ASP A C    1 
ATOM   1226 O  O    . ASP A 1 160 ? -4.716  -20.072 12.434  1.00 55.68  ?  160  ASP A O    1 
ATOM   1227 C  CB   . ASP A 1 160 ? -7.093  -19.702 13.955  1.00 54.06  ?  160  ASP A CB   1 
ATOM   1228 C  CG   . ASP A 1 160 ? -7.353  -18.283 13.469  1.00 52.98  ?  160  ASP A CG   1 
ATOM   1229 O  OD1  . ASP A 1 160 ? -6.458  -17.415 13.581  1.00 53.79  ?  160  ASP A OD1  1 
ATOM   1230 O  OD2  . ASP A 1 160 ? -8.471  -18.031 12.975  1.00 55.87  -1 160  ASP A OD2  1 
ATOM   1231 N  N    . ASP A 1 161 ? -3.633  -18.811 13.956  1.00 51.17  ?  161  ASP A N    1 
ATOM   1232 C  CA   . ASP A 1 161 ? -2.523  -18.433 13.083  1.00 53.19  ?  161  ASP A CA   1 
ATOM   1233 C  C    . ASP A 1 161 ? -2.982  -17.648 11.858  1.00 46.58  ?  161  ASP A C    1 
ATOM   1234 O  O    . ASP A 1 161 ? -2.301  -17.627 10.836  1.00 50.68  ?  161  ASP A O    1 
ATOM   1235 C  CB   . ASP A 1 161 ? -1.736  -19.671 12.648  1.00 58.82  ?  161  ASP A CB   1 
ATOM   1236 C  CG   . ASP A 1 161 ? -1.054  -20.356 13.808  1.00 71.14  ?  161  ASP A CG   1 
ATOM   1237 O  OD1  . ASP A 1 161 ? -0.688  -19.658 14.779  1.00 77.21  ?  161  ASP A OD1  1 
ATOM   1238 O  OD2  . ASP A 1 161 ? -0.898  -21.593 13.757  1.00 83.89  -1 161  ASP A OD2  1 
ATOM   1239 N  N    . ARG A 1 162 ? -4.140  -17.009 11.963  1.00 48.46  ?  162  ARG A N    1 
ATOM   1240 C  CA   . ARG A 1 162 ? -4.554  -16.018 10.978  1.00 44.02  ?  162  ARG A CA   1 
ATOM   1241 C  C    . ARG A 1 162 ? -4.855  -14.708 11.685  1.00 45.85  ?  162  ARG A C    1 
ATOM   1242 O  O    . ARG A 1 162 ? -5.191  -14.698 12.868  1.00 47.74  ?  162  ARG A O    1 
ATOM   1243 C  CB   . ARG A 1 162 ? -5.788  -16.466 10.195  1.00 45.50  ?  162  ARG A CB   1 
ATOM   1244 C  CG   . ARG A 1 162 ? -5.728  -17.855 9.605   1.00 48.61  ?  162  ARG A CG   1 
ATOM   1245 C  CD   . ARG A 1 162 ? -7.118  -18.223 9.134   1.00 44.66  ?  162  ARG A CD   1 
ATOM   1246 N  NE   . ARG A 1 162 ? -7.129  -19.380 8.248   1.00 49.17  ?  162  ARG A NE   1 
ATOM   1247 C  CZ   . ARG A 1 162 ? -7.290  -20.631 8.662   1.00 51.84  ?  162  ARG A CZ   1 
ATOM   1248 N  NH1  . ARG A 1 162 ? -7.455  -20.888 9.953   1.00 51.00  1  162  ARG A NH1  1 
ATOM   1249 N  NH2  . ARG A 1 162 ? -7.290  -21.625 7.785   1.00 52.06  ?  162  ARG A NH2  1 
ATOM   1250 N  N    . LEU A 1 163 ? -4.712  -13.601 10.967  1.00 43.68  ?  163  LEU A N    1 
ATOM   1251 C  CA   . LEU A 1 163 ? -5.259  -12.336 11.434  1.00 45.05  ?  163  LEU A CA   1 
ATOM   1252 C  C    . LEU A 1 163 ? -6.329  -11.856 10.470  1.00 46.08  ?  163  LEU A C    1 
ATOM   1253 O  O    . LEU A 1 163 ? -6.049  -11.596 9.298   1.00 44.02  ?  163  LEU A O    1 
ATOM   1254 C  CB   . LEU A 1 163 ? -4.176  -11.264 11.588  1.00 43.71  ?  163  LEU A CB   1 
ATOM   1255 C  CG   . LEU A 1 163 ? -2.928  -11.529 12.429  1.00 42.62  ?  163  LEU A CG   1 
ATOM   1256 C  CD1  . LEU A 1 163 ? -2.074  -10.271 12.523  1.00 42.84  ?  163  LEU A CD1  1 
ATOM   1257 C  CD2  . LEU A 1 163 ? -3.311  -12.026 13.809  1.00 45.50  ?  163  LEU A CD2  1 
ATOM   1258 N  N    . THR A 1 164 ? -7.559  -11.745 10.958  1.00 42.01  ?  164  THR A N    1 
ATOM   1259 C  CA   . THR A 1 164 ? -8.617  -11.141 10.162  1.00 41.83  ?  164  THR A CA   1 
ATOM   1260 C  C    . THR A 1 164 ? -8.423  -9.626  10.169  1.00 47.71  ?  164  THR A C    1 
ATOM   1261 O  O    . THR A 1 164 ? -7.594  -9.100  10.917  1.00 46.62  ?  164  THR A O    1 
ATOM   1262 C  CB   . THR A 1 164 ? -10.031 -11.493 10.693  1.00 50.68  ?  164  THR A CB   1 
ATOM   1263 O  OG1  . THR A 1 164 ? -10.313 -10.731 11.876  1.00 54.49  ?  164  THR A OG1  1 
ATOM   1264 C  CG2  . THR A 1 164 ? -10.138 -12.985 11.004  1.00 45.94  ?  164  THR A CG2  1 
ATOM   1265 N  N    . LEU A 1 165 ? -9.174  -8.931  9.321   1.00 46.37  ?  165  LEU A N    1 
ATOM   1266 C  CA   . LEU A 1 165 ? -9.114  -7.477  9.270   1.00 46.38  ?  165  LEU A CA   1 
ATOM   1267 C  C    . LEU A 1 165 ? -9.441  -6.881  10.635  1.00 52.70  ?  165  LEU A C    1 
ATOM   1268 O  O    . LEU A 1 165 ? -8.836  -5.892  11.054  1.00 51.50  ?  165  LEU A O    1 
ATOM   1269 C  CB   . LEU A 1 165 ? -10.074 -6.943  8.208   1.00 44.52  ?  165  LEU A CB   1 
ATOM   1270 C  CG   . LEU A 1 165 ? -10.321 -5.431  8.225   1.00 45.79  ?  165  LEU A CG   1 
ATOM   1271 C  CD1  . LEU A 1 165 ? -9.076  -4.668  7.815   1.00 45.93  ?  165  LEU A CD1  1 
ATOM   1272 C  CD2  . LEU A 1 165 ? -11.490 -5.056  7.332   1.00 46.35  ?  165  LEU A CD2  1 
ATOM   1273 N  N    . GLU A 1 166 ? -10.386 -7.504  11.331  1.00 50.61  ?  166  GLU A N    1 
ATOM   1274 C  CA   . GLU A 1 166 ? -10.838 -7.012  12.624  1.00 58.90  ?  166  GLU A CA   1 
ATOM   1275 C  C    . GLU A 1 166 ? -9.774  -7.255  13.692  1.00 57.94  ?  166  GLU A C    1 
ATOM   1276 O  O    . GLU A 1 166 ? -9.550  -6.408  14.555  1.00 60.11  ?  166  GLU A O    1 
ATOM   1277 C  CB   . GLU A 1 166 ? -12.168 -7.674  12.992  1.00 63.34  ?  166  GLU A CB   1 
ATOM   1278 C  CG   . GLU A 1 166 ? -12.493 -7.726  14.473  1.00 74.54  ?  166  GLU A CG   1 
ATOM   1279 C  CD   . GLU A 1 166 ? -13.795 -8.456  14.748  1.00 99.50  ?  166  GLU A CD   1 
ATOM   1280 O  OE1  . GLU A 1 166 ? -14.869 -7.888  14.457  1.00 118.77 ?  166  GLU A OE1  1 
ATOM   1281 O  OE2  . GLU A 1 166 ? -13.748 -9.598  15.254  1.00 98.79  -1 166  GLU A OE2  1 
ATOM   1282 N  N    . GLU A 1 167 ? -9.106  -8.403  13.617  1.00 49.86  ?  167  GLU A N    1 
ATOM   1283 C  CA   . GLU A 1 167 ? -8.008  -8.711  14.530  1.00 47.00  ?  167  GLU A CA   1 
ATOM   1284 C  C    . GLU A 1 167 ? -6.827  -7.775  14.317  1.00 55.79  ?  167  GLU A C    1 
ATOM   1285 O  O    . GLU A 1 167 ? -6.130  -7.406  15.262  1.00 53.50  ?  167  GLU A O    1 
ATOM   1286 C  CB   . GLU A 1 167 ? -7.553  -10.161 14.356  1.00 56.25  ?  167  GLU A CB   1 
ATOM   1287 C  CG   . GLU A 1 167 ? -8.429  -11.171 15.071  1.00 50.23  ?  167  GLU A CG   1 
ATOM   1288 C  CD   . GLU A 1 167 ? -7.936  -12.597 14.907  1.00 56.35  ?  167  GLU A CD   1 
ATOM   1289 O  OE1  . GLU A 1 167 ? -7.898  -13.088 13.760  1.00 56.48  ?  167  GLU A OE1  1 
ATOM   1290 O  OE2  . GLU A 1 167 ? -7.586  -13.222 15.929  1.00 50.56  -1 167  GLU A OE2  1 
ATOM   1291 N  N    . PHE A 1 168 ? -6.603  -7.403  13.062  1.00 55.01  ?  168  PHE A N    1 
ATOM   1292 C  CA   . PHE A 1 168 ? -5.497  -6.529  12.703  1.00 48.42  ?  168  PHE A CA   1 
ATOM   1293 C  C    . PHE A 1 168 ? -5.804  -5.091  13.091  1.00 55.03  ?  168  PHE A C    1 
ATOM   1294 O  O    . PHE A 1 168 ? -4.924  -4.355  13.540  1.00 52.28  ?  168  PHE A O    1 
ATOM   1295 C  CB   . PHE A 1 168 ? -5.213  -6.628  11.204  1.00 47.26  ?  168  PHE A CB   1 
ATOM   1296 C  CG   . PHE A 1 168 ? -4.093  -5.749  10.738  1.00 48.93  ?  168  PHE A CG   1 
ATOM   1297 C  CD1  . PHE A 1 168 ? -2.787  -6.032  11.084  1.00 49.36  ?  168  PHE A CD1  1 
ATOM   1298 C  CD2  . PHE A 1 168 ? -4.345  -4.643  9.948   1.00 53.54  ?  168  PHE A CD2  1 
ATOM   1299 C  CE1  . PHE A 1 168 ? -1.752  -5.232  10.654  1.00 51.17  ?  168  PHE A CE1  1 
ATOM   1300 C  CE2  . PHE A 1 168 ? -3.313  -3.835  9.514   1.00 48.98  ?  168  PHE A CE2  1 
ATOM   1301 C  CZ   . PHE A 1 168 ? -2.015  -4.130  9.869   1.00 51.18  ?  168  PHE A CZ   1 
ATOM   1302 N  N    . ARG A 1 169 ? -7.062  -4.701  12.917  1.00 54.80  ?  169  ARG A N    1 
ATOM   1303 C  CA   A ARG A 1 169 ? -7.502  -3.349  13.242  0.50 62.99  ?  169  ARG A CA   1 
ATOM   1304 C  CA   B ARG A 1 169 ? -7.497  -3.349  13.248  0.50 63.55  ?  169  ARG A CA   1 
ATOM   1305 C  C    . ARG A 1 169 ? -7.384  -3.067  14.741  1.00 60.90  ?  169  ARG A C    1 
ATOM   1306 O  O    . ARG A 1 169 ? -6.794  -2.067  15.149  1.00 64.99  ?  169  ARG A O    1 
ATOM   1307 C  CB   A ARG A 1 169 ? -8.943  -3.143  12.766  0.50 61.96  ?  169  ARG A CB   1 
ATOM   1308 C  CB   B ARG A 1 169 ? -8.937  -3.113  12.802  0.50 62.48  ?  169  ARG A CB   1 
ATOM   1309 C  CG   A ARG A 1 169 ? -9.517  -1.761  13.012  0.50 63.74  ?  169  ARG A CG   1 
ATOM   1310 C  CG   B ARG A 1 169 ? -9.490  -1.804  13.328  0.50 63.46  ?  169  ARG A CG   1 
ATOM   1311 C  CD   A ARG A 1 169 ? -10.817 -1.596  12.246  0.50 62.89  ?  169  ARG A CD   1 
ATOM   1312 C  CD   B ARG A 1 169 ? -11.000 -1.720  13.198  0.50 62.84  ?  169  ARG A CD   1 
ATOM   1313 N  NE   A ARG A 1 169 ? -11.569 -2.848  12.204  0.50 62.70  ?  169  ARG A NE   1 
ATOM   1314 N  NE   B ARG A 1 169 ? -11.472 -1.902  11.827  0.50 63.80  ?  169  ARG A NE   1 
ATOM   1315 C  CZ   A ARG A 1 169 ? -12.448 -3.162  11.259  0.50 60.75  ?  169  ARG A CZ   1 
ATOM   1316 C  CZ   B ARG A 1 169 ? -11.196 -1.084  10.814  0.50 61.72  ?  169  ARG A CZ   1 
ATOM   1317 N  NH1  A ARG A 1 169 ? -12.697 -2.313  10.271  0.50 62.92  ?  169  ARG A NH1  1 
ATOM   1318 N  NH1  B ARG A 1 169 ? -10.444 -0.007  11.001  0.50 59.38  ?  169  ARG A NH1  1 
ATOM   1319 N  NH2  A ARG A 1 169 ? -13.080 -4.327  11.303  0.50 57.92  1  169  ARG A NH2  1 
ATOM   1320 N  NH2  B ARG A 1 169 ? -11.681 -1.343  9.609   0.50 58.97  1  169  ARG A NH2  1 
ATOM   1321 N  N    . GLU A 1 170 ? -7.950  -3.953  15.557  1.00 59.25  ?  170  GLU A N    1 
ATOM   1322 C  CA   . GLU A 1 170 ? -7.943  -3.775  17.007  1.00 61.37  ?  170  GLU A CA   1 
ATOM   1323 C  C    . GLU A 1 170 ? -6.546  -3.957  17.601  1.00 62.77  ?  170  GLU A C    1 
ATOM   1324 O  O    . GLU A 1 170 ? -6.190  -3.303  18.583  1.00 67.69  ?  170  GLU A O    1 
ATOM   1325 C  CB   . GLU A 1 170 ? -8.924  -4.748  17.668  1.00 64.37  ?  170  GLU A CB   1 
ATOM   1326 C  CG   . GLU A 1 170 ? -10.322 -4.755  17.053  1.00 87.41  ?  170  GLU A CG   1 
ATOM   1327 C  CD   . GLU A 1 170 ? -10.890 -3.364  16.806  1.00 88.99  ?  170  GLU A CD   1 
ATOM   1328 O  OE1  . GLU A 1 170 ? -10.717 -2.469  17.660  1.00 80.46  ?  170  GLU A OE1  1 
ATOM   1329 O  OE2  . GLU A 1 170 ? -11.518 -3.165  15.744  1.00 84.90  -1 170  GLU A OE2  1 
ATOM   1330 N  N    . GLY A 1 171 ? -5.763  -4.850  17.007  1.00 55.06  ?  171  GLY A N    1 
ATOM   1331 C  CA   . GLY A 1 171 ? -4.398  -5.067  17.448  1.00 53.31  ?  171  GLY A CA   1 
ATOM   1332 C  C    . GLY A 1 171 ? -3.517  -3.858  17.197  1.00 61.50  ?  171  GLY A C    1 
ATOM   1333 O  O    . GLY A 1 171 ? -2.628  -3.552  17.990  1.00 61.46  ?  171  GLY A O    1 
ATOM   1334 N  N    . SER A 1 172 ? -3.769  -3.167  16.089  1.00 59.35  ?  172  SER A N    1 
ATOM   1335 C  CA   . SER A 1 172 ? -2.969  -2.008  15.703  1.00 58.48  ?  172  SER A CA   1 
ATOM   1336 C  C    . SER A 1 172 ? -3.365  -0.760  16.489  1.00 64.63  ?  172  SER A C    1 
ATOM   1337 O  O    . SER A 1 172 ? -2.545  0.130   16.709  1.00 63.85  ?  172  SER A O    1 
ATOM   1338 C  CB   . SER A 1 172 ? -3.101  -1.736  14.205  1.00 60.40  ?  172  SER A CB   1 
ATOM   1339 O  OG   . SER A 1 172 ? -2.672  -2.848  13.435  1.00 61.10  ?  172  SER A OG   1 
ATOM   1340 N  N    . LYS A 1 173 ? -4.624  -0.695  16.908  1.00 62.35  ?  173  LYS A N    1 
ATOM   1341 C  CA   . LYS A 1 173 ? -5.098  0.428   17.714  1.00 68.83  ?  173  LYS A CA   1 
ATOM   1342 C  C    . LYS A 1 173 ? -4.699  0.251   19.177  1.00 70.79  ?  173  LYS A C    1 
ATOM   1343 O  O    . LYS A 1 173 ? -5.130  1.006   20.049  1.00 83.21  ?  173  LYS A O    1 
ATOM   1344 C  CB   . LYS A 1 173 ? -6.613  0.579   17.587  1.00 62.19  ?  173  LYS A CB   1 
ATOM   1345 C  CG   . LYS A 1 173 ? -7.078  1.034   16.209  1.00 57.64  ?  173  LYS A CG   1 
ATOM   1346 C  CD   . LYS A 1 173 ? -8.587  1.232   16.173  1.00 62.91  ?  173  LYS A CD   1 
ATOM   1347 C  CE   . LYS A 1 173 ? -9.063  1.667   14.794  1.00 56.59  ?  173  LYS A CE   1 
ATOM   1348 N  NZ   . LYS A 1 173 ? -10.541 1.878   14.740  1.00 61.24  1  173  LYS A NZ   1 
ATOM   1349 N  N    . ALA A 1 174 ? -3.872  -0.759  19.431  1.00 68.95  ?  174  ALA A N    1 
ATOM   1350 C  CA   . ALA A 1 174 ? -3.331  -1.016  20.758  1.00 70.05  ?  174  ALA A CA   1 
ATOM   1351 C  C    . ALA A 1 174 ? -1.813  -1.147  20.673  1.00 73.70  ?  174  ALA A C    1 
ATOM   1352 O  O    . ALA A 1 174 ? -1.090  -0.762  21.592  1.00 73.32  ?  174  ALA A O    1 
ATOM   1353 C  CB   . ALA A 1 174 ? -3.950  -2.270  21.353  1.00 79.32  ?  174  ALA A CB   1 
ATOM   1354 N  N    . ASP A 1 175 ? -1.341  -1.699  19.559  1.00 74.11  ?  175  ASP A N    1 
ATOM   1355 C  CA   . ASP A 1 175 ? 0.085   -1.767  19.258  1.00 72.14  ?  175  ASP A CA   1 
ATOM   1356 C  C    . ASP A 1 175 ? 0.283   -1.382  17.796  1.00 76.01  ?  175  ASP A C    1 
ATOM   1357 O  O    . ASP A 1 175 ? 0.226   -2.235  16.912  1.00 74.30  ?  175  ASP A O    1 
ATOM   1358 C  CB   . ASP A 1 175 ? 0.649   -3.164  19.527  1.00 71.35  ?  175  ASP A CB   1 
ATOM   1359 C  CG   . ASP A 1 175 ? 2.160   -3.234  19.342  1.00 78.86  ?  175  ASP A CG   1 
ATOM   1360 O  OD1  . ASP A 1 175 ? 2.775   -2.200  19.009  1.00 80.79  ?  175  ASP A OD1  1 
ATOM   1361 O  OD2  . ASP A 1 175 ? 2.735   -4.330  19.520  1.00 85.36  -1 175  ASP A OD2  1 
ATOM   1362 N  N    . PRO A 1 176 ? 0.513   -0.089  17.540  1.00 80.52  ?  176  PRO A N    1 
ATOM   1363 C  CA   . PRO A 1 176 ? 0.578   0.429   16.167  1.00 82.76  ?  176  PRO A CA   1 
ATOM   1364 C  C    . PRO A 1 176 ? 1.892   0.164   15.421  1.00 82.44  ?  176  PRO A C    1 
ATOM   1365 O  O    . PRO A 1 176 ? 2.029   0.618   14.286  1.00 78.69  ?  176  PRO A O    1 
ATOM   1366 C  CB   . PRO A 1 176 ? 0.354   1.932   16.362  1.00 73.70  ?  176  PRO A CB   1 
ATOM   1367 C  CG   . PRO A 1 176 ? 0.815   2.212   17.753  1.00 81.22  ?  176  PRO A CG   1 
ATOM   1368 C  CD   . PRO A 1 176 ? 0.593   0.975   18.556  1.00 74.14  ?  176  PRO A CD   1 
ATOM   1369 N  N    . ARG A 1 177 ? 2.815   -0.584  16.026  1.00 74.17  ?  177  ARG A N    1 
ATOM   1370 C  CA   . ARG A 1 177 ? 4.141   -0.808  15.440  1.00 73.77  ?  177  ARG A CA   1 
ATOM   1371 C  C    . ARG A 1 177 ? 4.136   -1.394  14.026  1.00 71.26  ?  177  ARG A C    1 
ATOM   1372 O  O    . ARG A 1 177 ? 4.918   -0.963  13.177  1.00 69.85  ?  177  ARG A O    1 
ATOM   1373 C  CB   . ARG A 1 177 ? 4.978   -1.719  16.344  1.00 71.97  ?  177  ARG A CB   1 
ATOM   1374 C  CG   . ARG A 1 177 ? 5.413   -1.065  17.640  1.00 74.79  ?  177  ARG A CG   1 
ATOM   1375 C  CD   . ARG A 1 177 ? 6.523   -1.864  18.305  1.00 68.44  ?  177  ARG A CD   1 
ATOM   1376 N  NE   . ARG A 1 177 ? 6.097   -3.201  18.705  1.00 81.02  ?  177  ARG A NE   1 
ATOM   1377 C  CZ   . ARG A 1 177 ? 5.529   -3.483  19.873  1.00 90.37  ?  177  ARG A CZ   1 
ATOM   1378 N  NH1  . ARG A 1 177 ? 5.323   -2.518  20.759  1.00 90.58  1  177  ARG A NH1  1 
ATOM   1379 N  NH2  . ARG A 1 177 ? 5.174   -4.729  20.157  1.00 83.83  ?  177  ARG A NH2  1 
ATOM   1380 N  N    . MET A 1 178 ? 3.278   -2.377  13.773  1.00 69.40  ?  178  MET A N    1 
ATOM   1381 C  CA   . MET A 1 178 ? 3.228   -3.013  12.456  1.00 70.08  ?  178  MET A CA   1 
ATOM   1382 C  C    . MET A 1 178 ? 2.695   -2.070  11.383  1.00 70.30  ?  178  MET A C    1 
ATOM   1383 O  O    . MET A 1 178 ? 2.962   -2.254  10.195  1.00 69.88  ?  178  MET A O    1 
ATOM   1384 C  CB   . MET A 1 178 ? 2.371   -4.283  12.498  1.00 62.09  ?  178  MET A CB   1 
ATOM   1385 C  CG   . MET A 1 178 ? 2.955   -5.411  13.324  1.00 61.65  ?  178  MET A CG   1 
ATOM   1386 S  SD   . MET A 1 178 ? 4.748   -5.505  13.150  1.00 76.30  ?  178  MET A SD   1 
ATOM   1387 C  CE   . MET A 1 178 ? 4.887   -6.303  11.554  1.00 55.48  ?  178  MET A CE   1 
ATOM   1388 N  N    . VAL A 1 179 ? 1.944   -1.063  11.811  1.00 71.82  ?  179  VAL A N    1 
ATOM   1389 C  CA   . VAL A 1 179 ? 1.304   -0.141  10.893  1.00 70.46  ?  179  VAL A CA   1 
ATOM   1390 C  C    . VAL A 1 179 ? 2.177   1.085   10.652  1.00 79.32  ?  179  VAL A C    1 
ATOM   1391 O  O    . VAL A 1 179 ? 2.217   1.611   9.533   1.00 77.86  ?  179  VAL A O    1 
ATOM   1392 C  CB   . VAL A 1 179 ? -0.089  0.256   11.422  1.00 68.33  ?  179  VAL A CB   1 
ATOM   1393 C  CG1  . VAL A 1 179 ? -0.608  1.508   10.730  1.00 67.04  ?  179  VAL A CG1  1 
ATOM   1394 C  CG2  . VAL A 1 179 ? -1.051  -0.900  11.261  1.00 61.69  ?  179  VAL A CG2  1 
ATOM   1395 N  N    . GLN A 1 180 ? 2.886   1.533   11.688  1.00 77.64  ?  180  GLN A N    1 
ATOM   1396 C  CA   . GLN A 1 180 ? 3.670   2.754   11.571  1.00 78.35  ?  180  GLN A CA   1 
ATOM   1397 C  C    . GLN A 1 180 ? 4.864   2.442   10.678  1.00 80.60  ?  180  GLN A C    1 
ATOM   1398 O  O    . GLN A 1 180 ? 5.416   3.327   10.023  1.00 82.35  ?  180  GLN A O    1 
ATOM   1399 C  CB   . GLN A 1 180 ? 4.196   3.247   12.906  1.00 73.82  ?  180  GLN A CB   1 
ATOM   1400 C  CG   . GLN A 1 180 ? 3.173   3.728   13.906  1.00 75.94  ?  180  GLN A CG   1 
ATOM   1401 C  CD   . GLN A 1 180 ? 3.829   3.944   15.245  1.00 77.03  ?  180  GLN A CD   1 
ATOM   1402 O  OE1  . GLN A 1 180 ? 5.005   4.315   15.299  1.00 82.29  ?  180  GLN A OE1  1 
ATOM   1403 N  NE2  . GLN A 1 180 ? 3.146   3.563   16.320  1.00 76.98  ?  180  GLN A NE2  1 
ATOM   1404 N  N    . ALA A 1 181 ? 5.274   1.173   10.680  1.00 73.00  ?  181  ALA A N    1 
ATOM   1405 C  CA   . ALA A 1 181 ? 6.385   0.704   9.855   1.00 75.29  ?  181  ALA A CA   1 
ATOM   1406 C  C    . ALA A 1 181 ? 6.083   0.951   8.383   1.00 73.40  ?  181  ALA A C    1 
ATOM   1407 O  O    . ALA A 1 181 ? 6.981   0.959   7.542   1.00 75.00  ?  181  ALA A O    1 
ATOM   1408 C  CB   . ALA A 1 181 ? 6.654   -0.774  10.109  1.00 69.94  ?  181  ALA A CB   1 
ATOM   1409 N  N    . LEU A 1 182 ? 4.805   1.156   8.088   1.00 78.59  ?  182  LEU A N    1 
ATOM   1410 C  CA   . LEU A 1 182 ? 4.357   1.467   6.742   1.00 77.66  ?  182  LEU A CA   1 
ATOM   1411 C  C    . LEU A 1 182 ? 4.038   2.956   6.610   1.00 78.44  ?  182  LEU A C    1 
ATOM   1412 O  O    . LEU A 1 182 ? 3.440   3.378   5.622   1.00 77.01  ?  182  LEU A O    1 
ATOM   1413 C  CB   . LEU A 1 182 ? 3.130   0.630   6.387   1.00 73.38  ?  182  LEU A CB   1 
ATOM   1414 C  CG   . LEU A 1 182 ? 3.215   -0.874  6.651   1.00 63.18  ?  182  LEU A CG   1 
ATOM   1415 C  CD1  . LEU A 1 182 ? 1.894   -1.527  6.292   1.00 56.53  ?  182  LEU A CD1  1 
ATOM   1416 C  CD2  . LEU A 1 182 ? 4.365   -1.508  5.880   1.00 59.81  ?  182  LEU A CD2  1 
ATOM   1417 N  N    . SER A 1 183 ? 4.435   3.740   7.611   1.00 83.26  ?  183  SER A N    1 
ATOM   1418 C  CA   . SER A 1 183 ? 4.157   5.176   7.641   1.00 85.58  ?  183  SER A CA   1 
ATOM   1419 C  C    . SER A 1 183 ? 2.669   5.454   7.421   1.00 96.95  ?  183  SER A C    1 
ATOM   1420 O  O    . SER A 1 183 ? 2.293   6.221   6.532   1.00 80.75  ?  183  SER A O    1 
ATOM   1421 C  CB   . SER A 1 183 ? 4.998   5.912   6.594   1.00 80.38  ?  183  SER A CB   1 
ATOM   1422 O  OG   . SER A 1 183 ? 6.365   5.548   6.691   1.00 82.60  ?  183  SER A OG   1 
ATOM   1423 N  N    . LEU A 1 184 ? 1.830   4.806   8.223   1.00 88.61  ?  184  LEU A N    1 
ATOM   1424 C  CA   . LEU A 1 184 ? 0.383   4.977   8.145   1.00 82.89  ?  184  LEU A CA   1 
ATOM   1425 C  C    . LEU A 1 184 ? -0.244  4.974   9.528   1.00 76.90  ?  184  LEU A C    1 
ATOM   1426 O  O    . LEU A 1 184 ? -1.369  4.507   9.706   1.00 75.02  ?  184  LEU A O    1 
ATOM   1427 C  CB   . LEU A 1 184 ? -0.254  3.873   7.302   1.00 77.37  ?  184  LEU A CB   1 
ATOM   1428 C  CG   . LEU A 1 184 ? 0.157   3.759   5.838   1.00 72.43  ?  184  LEU A CG   1 
ATOM   1429 C  CD1  . LEU A 1 184 ? -0.345  2.449   5.273   1.00 60.34  ?  184  LEU A CD1  1 
ATOM   1430 C  CD2  . LEU A 1 184 ? -0.408  4.930   5.060   1.00 62.12  ?  184  LEU A CD2  1 
ATOM   1431 N  N    . GLY A 1 185 ? 0.490   5.487   10.509  1.00 76.56  ?  185  GLY A N    1 
ATOM   1432 C  CA   . GLY A 1 185 ? 0.028   5.460   11.883  1.00 83.02  ?  185  GLY A CA   1 
ATOM   1433 C  C    . GLY A 1 185 ? -0.092  6.833   12.511  1.00 71.80  ?  185  GLY A C    1 
ATOM   1434 O  O    . GLY A 1 185 ? -0.447  7.802   11.842  1.00 74.77  ?  185  GLY A O    1 
HETATM 1435 CA CA   . CA  B 2 .   ? -4.594  -1.522  -13.114 1.00 30.58  ?  1186 CA  A CA   1 
HETATM 1436 CA CA   . CA  C 2 .   ? -7.057  -15.161 14.339  1.00 52.68  ?  1187 CA  A CA   1 
HETATM 1437 CA CA   . CA  D 2 .   ? -3.123  -13.921 3.200   1.00 67.98  ?  1188 CA  A CA   1 
HETATM 1438 C  C1   . MPD E 3 .   ? 4.545   11.298  -11.340 1.00 61.78  ?  1189 MPD A C1   1 
HETATM 1439 C  C2   . MPD E 3 .   ? 4.936   9.920   -10.816 1.00 67.40  ?  1189 MPD A C2   1 
HETATM 1440 O  O2   . MPD E 3 .   ? 6.360   9.719   -11.018 1.00 62.89  ?  1189 MPD A O2   1 
HETATM 1441 C  CM   . MPD E 3 .   ? 4.191   8.821   -11.566 1.00 60.94  ?  1189 MPD A CM   1 
HETATM 1442 C  C3   . MPD E 3 .   ? 4.621   9.831   -9.329  1.00 65.61  ?  1189 MPD A C3   1 
HETATM 1443 C  C4   . MPD E 3 .   ? 5.881   9.953   -8.485  1.00 63.85  ?  1189 MPD A C4   1 
HETATM 1444 O  O4   . MPD E 3 .   ? 6.640   11.049  -8.944  1.00 66.25  ?  1189 MPD A O4   1 
HETATM 1445 C  C5   . MPD E 3 .   ? 5.513   10.175  -7.023  1.00 70.44  ?  1189 MPD A C5   1 
HETATM 1446 C  C1   . MPD F 3 .   ? -4.824  20.791  1.102   1.00 67.78  ?  1190 MPD A C1   1 
HETATM 1447 C  C2   . MPD F 3 .   ? -5.911  21.413  0.227   1.00 66.67  ?  1190 MPD A C2   1 
HETATM 1448 O  O2   . MPD F 3 .   ? -5.431  21.308  -1.139  1.00 58.03  ?  1190 MPD A O2   1 
HETATM 1449 C  CM   . MPD F 3 .   ? -6.058  22.901  0.530   1.00 67.94  ?  1190 MPD A CM   1 
HETATM 1450 C  C3   . MPD F 3 .   ? -7.283  20.721  0.273   1.00 61.11  ?  1190 MPD A C3   1 
HETATM 1451 C  C4   . MPD F 3 .   ? -7.761  19.968  1.528   1.00 64.34  ?  1190 MPD A C4   1 
HETATM 1452 O  O4   . MPD F 3 .   ? -7.020  18.784  1.762   1.00 64.91  ?  1190 MPD A O4   1 
HETATM 1453 C  C5   . MPD F 3 .   ? -7.834  20.826  2.794   1.00 58.95  ?  1190 MPD A C5   1 
HETATM 1454 C  C1   . MPD G 3 .   ? 9.925   5.370   -15.128 1.00 69.06  ?  1191 MPD A C1   1 
HETATM 1455 C  C2   . MPD G 3 .   ? 9.298   6.158   -13.981 1.00 71.92  ?  1191 MPD A C2   1 
HETATM 1456 O  O2   . MPD G 3 .   ? 9.795   5.617   -12.732 1.00 70.34  ?  1191 MPD A O2   1 
HETATM 1457 C  CM   . MPD G 3 .   ? 7.780   6.019   -13.991 1.00 60.75  ?  1191 MPD A CM   1 
HETATM 1458 C  C3   . MPD G 3 .   ? 9.707   7.624   -14.075 1.00 74.24  ?  1191 MPD A C3   1 
HETATM 1459 C  C4   . MPD G 3 .   ? 10.523  8.051   -12.859 1.00 81.53  ?  1191 MPD A C4   1 
HETATM 1460 O  O4   . MPD G 3 .   ? 11.864  7.661   -13.049 1.00 87.69  ?  1191 MPD A O4   1 
HETATM 1461 C  C5   . MPD G 3 .   ? 10.465  9.562   -12.661 1.00 67.16  ?  1191 MPD A C5   1 
HETATM 1462 C  C1   . MPD H 3 .   ? -16.110 7.314   0.638   1.00 61.18  ?  1192 MPD A C1   1 
HETATM 1463 C  C2   . MPD H 3 .   ? -14.902 8.150   0.234   1.00 61.44  ?  1192 MPD A C2   1 
HETATM 1464 O  O2   . MPD H 3 .   ? -15.396 9.444   -0.187  1.00 55.07  ?  1192 MPD A O2   1 
HETATM 1465 C  CM   . MPD H 3 .   ? -14.216 7.453   -0.939  1.00 44.94  ?  1192 MPD A CM   1 
HETATM 1466 C  C3   . MPD H 3 .   ? -14.002 8.290   1.466   1.00 53.38  ?  1192 MPD A C3   1 
HETATM 1467 C  C4   . MPD H 3 .   ? -12.588 8.875   1.304   1.00 51.86  ?  1192 MPD A C4   1 
HETATM 1468 O  O4   . MPD H 3 .   ? -11.676 7.865   0.917   1.00 48.90  ?  1192 MPD A O4   1 
HETATM 1469 C  C5   . MPD H 3 .   ? -12.456 10.082  0.373   1.00 48.28  ?  1192 MPD A C5   1 
HETATM 1470 C  C1   . MPD I 3 .   ? 0.192   17.754  -7.159  1.00 60.76  ?  1193 MPD A C1   1 
HETATM 1471 C  C2   . MPD I 3 .   ? 1.091   18.396  -6.106  1.00 75.39  ?  1193 MPD A C2   1 
HETATM 1472 O  O2   . MPD I 3 .   ? 0.940   17.677  -4.855  1.00 72.83  ?  1193 MPD A O2   1 
HETATM 1473 C  CM   . MPD I 3 .   ? 0.690   19.843  -5.862  1.00 70.00  ?  1193 MPD A CM   1 
HETATM 1474 C  C3   . MPD I 3 .   ? 2.555   18.349  -6.531  1.00 68.42  ?  1193 MPD A C3   1 
HETATM 1475 C  C4   . MPD I 3 .   ? 2.923   17.009  -7.153  1.00 61.47  ?  1193 MPD A C4   1 
HETATM 1476 O  O4   . MPD I 3 .   ? 3.215   17.226  -8.515  1.00 71.83  ?  1193 MPD A O4   1 
HETATM 1477 C  C5   . MPD I 3 .   ? 4.127   16.373  -6.468  1.00 65.36  ?  1193 MPD A C5   1 
HETATM 1478 C  C1   . MPD J 3 .   ? -8.880  24.092  -10.458 1.00 54.40  ?  1194 MPD A C1   1 
HETATM 1479 C  C2   . MPD J 3 .   ? -9.710  24.596  -11.630 1.00 63.01  ?  1194 MPD A C2   1 
HETATM 1480 O  O2   . MPD J 3 .   ? -10.908 23.778  -11.662 1.00 68.87  ?  1194 MPD A O2   1 
HETATM 1481 C  CM   . MPD J 3 .   ? -8.915  24.376  -12.912 1.00 60.94  ?  1194 MPD A CM   1 
HETATM 1482 C  C3   . MPD J 3 .   ? -10.031 26.073  -11.363 1.00 63.02  ?  1194 MPD A C3   1 
HETATM 1483 C  C4   . MPD J 3 .   ? -10.804 26.884  -12.416 1.00 69.05  ?  1194 MPD A C4   1 
HETATM 1484 O  O4   . MPD J 3 .   ? -9.983  27.180  -13.527 1.00 74.34  ?  1194 MPD A O4   1 
HETATM 1485 C  C5   . MPD J 3 .   ? -12.109 26.245  -12.886 1.00 68.26  ?  1194 MPD A C5   1 
HETATM 1486 S  SAQ  . FD6 K 4 .   ? 6.907   6.996   -3.744  0.80 85.18  ?  1195 FD6 A SAQ  1 
HETATM 1487 C  CAR  . FD6 K 4 .   ? 6.810   7.448   0.731   0.80 84.50  ?  1195 FD6 A CAR  1 
HETATM 1488 N  NAY  . FD6 K 4 .   ? 4.532   6.274   -1.937  0.80 83.32  ?  1195 FD6 A NAY  1 
HETATM 1489 C  CAE  . FD6 K 4 .   ? 7.932   7.807   0.025   0.80 77.93  ?  1195 FD6 A CAE  1 
HETATM 1490 N  NAX  . FD6 K 4 .   ? 2.838   4.856   1.774   0.80 70.61  ?  1195 FD6 A NAX  1 
HETATM 1491 C  CAH  . FD6 K 4 .   ? 7.938   7.659   -1.345  0.80 77.67  ?  1195 FD6 A CAH  1 
HETATM 1492 N  NAP  . FD6 K 4 .   ? 2.793   6.084   0.992   0.80 66.55  ?  1195 FD6 A NAP  1 
HETATM 1493 N  NAW  . FD6 K 4 .   ? 3.466   2.094   2.093   0.80 59.46  ?  1195 FD6 A NAW  1 
HETATM 1494 C  CAT  . FD6 K 4 .   ? 6.811   7.173   -2.006  0.80 82.11  ?  1195 FD6 A CAT  1 
HETATM 1495 C  CAV  . FD6 K 4 .   ? 5.677   6.785   -1.282  0.80 84.53  ?  1195 FD6 A CAV  1 
HETATM 1496 C  CAI  . FD6 K 4 .   ? 5.693   6.936   0.106   0.80 80.21  ?  1195 FD6 A CAI  1 
HETATM 1497 C  CAS  . FD6 K 4 .   ? 5.224   6.863   -4.209  0.80 82.09  ?  1195 FD6 A CAS  1 
HETATM 1498 C  CAF  . FD6 K 4 .   ? 4.905   7.064   -5.549  0.80 84.43  ?  1195 FD6 A CAF  1 
HETATM 1499 C  CAC  . FD6 K 4 .   ? 3.597   6.956   -5.970  0.80 80.05  ?  1195 FD6 A CAC  1 
HETATM 1500 C  CAD  . FD6 K 4 .   ? 2.610   6.625   -5.078  0.80 68.37  ?  1195 FD6 A CAD  1 
HETATM 1501 CL CLAB . FD6 K 4 .   ? 6.802   7.631   2.463   0.80 103.81 ?  1195 FD6 A CLAB 1 
HETATM 1502 C  CAG  . FD6 K 4 .   ? 2.916   6.392   -3.749  0.80 74.30  ?  1195 FD6 A CAG  1 
HETATM 1503 C  CAU  . FD6 K 4 .   ? 4.229   6.505   -3.293  0.80 77.25  ?  1195 FD6 A CAU  1 
HETATM 1504 C  CAO  . FD6 K 4 .   ? 3.698   5.281   -1.218  0.80 73.80  ?  1195 FD6 A CAO  1 
HETATM 1505 C  CAJ  . FD6 K 4 .   ? 2.528   5.890   -0.422  0.80 66.56  ?  1195 FD6 A CAJ  1 
HETATM 1506 C  CAN  . FD6 K 4 .   ? 4.222   4.394   1.910   0.80 67.44  ?  1195 FD6 A CAN  1 
HETATM 1507 C  CAL  . FD6 K 4 .   ? 4.269   3.136   2.715   0.80 66.63  ?  1195 FD6 A CAL  1 
HETATM 1508 C  CAK  . FD6 K 4 .   ? 2.084   2.548   1.994   0.80 63.42  ?  1195 FD6 A CAK  1 
HETATM 1509 C  CAM  . FD6 K 4 .   ? 1.994   3.820   1.178   0.80 65.02  ?  1195 FD6 A CAM  1 
HETATM 1510 C  CAA  . FD6 K 4 .   ? 3.547   0.862   2.868   0.80 72.80  ?  1195 FD6 A CAA  1 
HETATM 1511 O  O    . HOH L 5 .   ? -9.221  10.424  -18.094 1.00 53.33  ?  2001 HOH A O    1 
HETATM 1512 O  O    . HOH L 5 .   ? -5.616  7.336   -24.516 1.00 59.19  ?  2002 HOH A O    1 
HETATM 1513 O  O    . HOH L 5 .   ? -7.190  9.568   -16.491 1.00 46.63  ?  2003 HOH A O    1 
HETATM 1514 O  O    . HOH L 5 .   ? -13.330 7.931   -18.268 1.00 69.23  ?  2004 HOH A O    1 
HETATM 1515 O  O    . HOH L 5 .   ? -20.257 8.469   -17.744 1.00 61.31  ?  2005 HOH A O    1 
HETATM 1516 O  O    . HOH L 5 .   ? -20.619 7.845   -4.005  1.00 63.21  ?  2006 HOH A O    1 
HETATM 1517 O  O    . HOH L 5 .   ? -9.795  15.896  4.460   1.00 62.66  ?  2007 HOH A O    1 
HETATM 1518 O  O    . HOH L 5 .   ? -19.062 12.275  -8.958  1.00 56.02  ?  2008 HOH A O    1 
HETATM 1519 O  O    . HOH L 5 .   ? -0.293  16.848  -19.669 1.00 57.88  ?  2009 HOH A O    1 
HETATM 1520 O  O    . HOH L 5 .   ? 3.256   15.747  -21.066 1.00 57.12  ?  2010 HOH A O    1 
HETATM 1521 O  O    . HOH L 5 .   ? -12.590 17.448  -4.755  1.00 34.09  ?  2011 HOH A O    1 
HETATM 1522 O  O    . HOH L 5 .   ? 6.273   11.188  -24.954 1.00 68.11  ?  2012 HOH A O    1 
HETATM 1523 O  O    . HOH L 5 .   ? -17.747 12.775  -1.556  1.00 48.63  ?  2013 HOH A O    1 
HETATM 1524 O  O    . HOH L 5 .   ? -14.895 11.161  -1.471  1.00 60.19  ?  2014 HOH A O    1 
HETATM 1525 O  O    . HOH L 5 .   ? -9.673  8.539   -0.730  1.00 35.88  ?  2015 HOH A O    1 
HETATM 1526 O  O    . HOH L 5 .   ? -15.690 5.507   -4.769  1.00 55.51  ?  2016 HOH A O    1 
HETATM 1527 O  O    . HOH L 5 .   ? -16.916 7.522   -2.752  1.00 61.36  ?  2017 HOH A O    1 
HETATM 1528 O  O    . HOH L 5 .   ? -18.420 8.918   -3.666  1.00 52.67  ?  2018 HOH A O    1 
HETATM 1529 O  O    . HOH L 5 .   ? -4.269  9.159   -18.041 1.00 45.74  ?  2019 HOH A O    1 
HETATM 1530 O  O    . HOH L 5 .   ? -8.829  16.876  1.472   1.00 43.88  ?  2020 HOH A O    1 
HETATM 1531 O  O    . HOH L 5 .   ? -6.202  22.447  -3.491  1.00 48.24  ?  2021 HOH A O    1 
HETATM 1532 O  O    . HOH L 5 .   ? -12.654 19.495  -6.460  1.00 34.46  ?  2022 HOH A O    1 
HETATM 1533 O  O    . HOH L 5 .   ? -1.059  20.315  -3.173  1.00 67.52  ?  2023 HOH A O    1 
HETATM 1534 O  O    . HOH L 5 .   ? -3.767  18.080  -16.094 1.00 47.89  ?  2024 HOH A O    1 
HETATM 1535 O  O    . HOH L 5 .   ? -2.659  22.594  -5.410  1.00 63.79  ?  2025 HOH A O    1 
HETATM 1536 O  O    . HOH L 5 .   ? -2.405  16.867  -17.930 1.00 55.65  ?  2026 HOH A O    1 
HETATM 1537 O  O    . HOH L 5 .   ? 2.193   16.469  -19.010 1.00 54.21  ?  2027 HOH A O    1 
HETATM 1538 O  O    . HOH L 5 .   ? 7.133   13.783  -12.532 1.00 67.74  ?  2028 HOH A O    1 
HETATM 1539 O  O    . HOH L 5 .   ? 3.898   13.139  -21.816 1.00 52.83  ?  2029 HOH A O    1 
HETATM 1540 O  O    . HOH L 5 .   ? 9.406   13.836  -12.388 1.00 67.54  ?  2030 HOH A O    1 
HETATM 1541 O  O    . HOH L 5 .   ? -3.681  4.520   -21.306 1.00 48.68  ?  2031 HOH A O    1 
HETATM 1542 O  O    . HOH L 5 .   ? 4.970   3.578   -18.802 1.00 44.86  ?  2032 HOH A O    1 
HETATM 1543 O  O    . HOH L 5 .   ? -4.153  6.546   -16.934 1.00 39.88  ?  2033 HOH A O    1 
HETATM 1544 O  O    . HOH L 5 .   ? -9.858  -6.763  2.295   1.00 60.18  ?  2034 HOH A O    1 
HETATM 1545 O  O    . HOH L 5 .   ? 6.280   2.843   -16.080 1.00 39.40  ?  2035 HOH A O    1 
HETATM 1546 O  O    . HOH L 5 .   ? 7.547   -1.627  -17.809 1.00 48.23  ?  2036 HOH A O    1 
HETATM 1547 O  O    . HOH L 5 .   ? 6.661   -3.469  -15.560 1.00 49.70  ?  2037 HOH A O    1 
HETATM 1548 O  O    . HOH L 5 .   ? -13.137 -11.271 7.700   1.00 56.48  ?  2038 HOH A O    1 
HETATM 1549 O  O    . HOH L 5 .   ? 3.962   -3.902  -14.559 1.00 38.18  ?  2039 HOH A O    1 
HETATM 1550 O  O    . HOH L 5 .   ? 14.386  -5.532  -2.540  1.00 58.07  ?  2040 HOH A O    1 
HETATM 1551 O  O    . HOH L 5 .   ? 12.461  -4.114  -0.566  1.00 58.07  ?  2041 HOH A O    1 
HETATM 1552 O  O    . HOH L 5 .   ? -2.831  -6.723  -7.407  1.00 57.98  ?  2042 HOH A O    1 
HETATM 1553 O  O    . HOH L 5 .   ? -5.393  -5.486  -4.866  1.00 60.50  ?  2043 HOH A O    1 
HETATM 1554 O  O    . HOH L 5 .   ? -5.496  1.039   -3.434  1.00 51.04  ?  2044 HOH A O    1 
HETATM 1555 O  O    . HOH L 5 .   ? -5.558  2.084   -6.530  1.00 35.57  ?  2045 HOH A O    1 
HETATM 1556 O  O    . HOH L 5 .   ? -0.909  -6.144  -9.920  1.00 47.29  ?  2046 HOH A O    1 
HETATM 1557 O  O    . HOH L 5 .   ? -6.451  -6.496  -6.607  1.00 59.77  ?  2047 HOH A O    1 
HETATM 1558 O  O    . HOH L 5 .   ? -10.483 -4.882  -3.808  1.00 65.08  ?  2048 HOH A O    1 
HETATM 1559 O  O    . HOH L 5 .   ? -8.306  1.897   -6.874  1.00 50.89  ?  2049 HOH A O    1 
HETATM 1560 O  O    . HOH L 5 .   ? -5.489  -0.527  -15.058 1.00 44.88  ?  2050 HOH A O    1 
HETATM 1561 O  O    . HOH L 5 .   ? -6.911  5.615   -17.965 1.00 55.06  ?  2051 HOH A O    1 
HETATM 1562 O  O    . HOH L 5 .   ? -7.204  6.521   -15.310 1.00 40.68  ?  2052 HOH A O    1 
HETATM 1563 O  O    . HOH L 5 .   ? -8.851  -0.165  -11.946 1.00 57.34  ?  2053 HOH A O    1 
HETATM 1564 O  O    . HOH L 5 .   ? -9.680  6.677   -2.737  1.00 41.41  ?  2054 HOH A O    1 
HETATM 1565 O  O    . HOH L 5 .   ? 1.486   8.369   0.698   1.00 55.08  ?  2055 HOH A O    1 
HETATM 1566 O  O    . HOH L 5 .   ? 1.897   12.713  0.171   1.00 66.41  ?  2056 HOH A O    1 
HETATM 1567 O  O    . HOH L 5 .   ? -7.719  9.963   11.283  1.00 49.83  ?  2057 HOH A O    1 
HETATM 1568 O  O    . HOH L 5 .   ? -11.226 -0.868  7.699   1.00 58.78  ?  2058 HOH A O    1 
HETATM 1569 O  O    . HOH L 5 .   ? -9.038  1.722   2.500   1.00 43.97  ?  2059 HOH A O    1 
HETATM 1570 O  O    . HOH L 5 .   ? -9.068  -5.486  -2.039  1.00 67.03  ?  2060 HOH A O    1 
HETATM 1571 O  O    . HOH L 5 .   ? -7.008  -8.200  1.789   1.00 50.70  ?  2061 HOH A O    1 
HETATM 1572 O  O    . HOH L 5 .   ? 0.490   -15.331 0.690   1.00 48.55  ?  2062 HOH A O    1 
HETATM 1573 O  O    . HOH L 5 .   ? -3.327  -16.241 4.075   1.00 49.65  ?  2063 HOH A O    1 
HETATM 1574 O  O    . HOH L 5 .   ? -10.693 -10.175 7.077   1.00 50.82  ?  2064 HOH A O    1 
HETATM 1575 O  O    . HOH L 5 .   ? -12.397 -18.403 5.656   1.00 53.32  ?  2065 HOH A O    1 
HETATM 1576 O  O    . HOH L 5 .   ? -1.505  -17.212 17.187  1.00 60.01  ?  2066 HOH A O    1 
HETATM 1577 O  O    . HOH L 5 .   ? 12.697  -12.007 9.207   1.00 66.99  ?  2067 HOH A O    1 
HETATM 1578 O  O    . HOH L 5 .   ? 9.162   -5.022  14.099  1.00 67.39  ?  2068 HOH A O    1 
HETATM 1579 O  O    . HOH L 5 .   ? -1.766  -16.136 19.751  1.00 60.49  ?  2069 HOH A O    1 
HETATM 1580 O  O    . HOH L 5 .   ? -6.233  -8.196  17.848  1.00 47.52  ?  2070 HOH A O    1 
HETATM 1581 O  O    . HOH L 5 .   ? -9.464  -20.926 18.781  1.00 57.21  ?  2071 HOH A O    1 
HETATM 1582 O  O    . HOH L 5 .   ? -11.178 -20.100 17.356  1.00 58.62  ?  2072 HOH A O    1 
HETATM 1583 O  O    . HOH L 5 .   ? -9.014  -15.534 13.025  1.00 51.63  ?  2073 HOH A O    1 
HETATM 1584 O  O    . HOH L 5 .   ? -6.525  -23.629 17.818  1.00 58.48  ?  2074 HOH A O    1 
HETATM 1585 O  O    . HOH L 5 .   ? -3.447  -20.543 6.197   1.00 62.78  ?  2075 HOH A O    1 
HETATM 1586 O  O    . HOH L 5 .   ? -12.543 -9.378  10.164  1.00 45.92  ?  2076 HOH A O    1 
HETATM 1587 O  O    . HOH L 5 .   ? -12.368 -11.171 13.425  1.00 57.08  ?  2077 HOH A O    1 
HETATM 1588 O  O    . HOH L 5 .   ? 0.269   -2.429  14.135  1.00 59.94  ?  2078 HOH A O    1 
HETATM 1589 O  O    . HOH L 5 .   ? 8.762   2.091   5.317   1.00 71.98  ?  2079 HOH A O    1 
HETATM 1590 O  O    . HOH L 5 .   ? 7.166   3.524   4.264   1.00 71.39  ?  2080 HOH A O    1 
HETATM 1591 O  O    . HOH L 5 .   ? 8.567   4.296   6.337   1.00 72.00  ?  2081 HOH A O    1 
HETATM 1592 O  O    . HOH L 5 .   ? -19.262 7.968   0.783   1.00 51.87  ?  2082 HOH A O    1 
# 
